data_3FPU
# 
_entry.id   3FPU 
# 
_audit_conform.dict_name       mmcif_pdbx.dic 
_audit_conform.dict_version    5.399 
_audit_conform.dict_location   http://mmcif.pdb.org/dictionaries/ascii/mmcif_pdbx.dic 
# 
loop_
_database_2.database_id 
_database_2.database_code 
_database_2.pdbx_database_accession 
_database_2.pdbx_DOI 
PDB   3FPU         pdb_00003fpu 10.2210/pdb3fpu/pdb 
RCSB  RCSB050892   ?            ?                   
WWPDB D_1000050892 ?            ?                   
# 
loop_
_pdbx_audit_revision_history.ordinal 
_pdbx_audit_revision_history.data_content_type 
_pdbx_audit_revision_history.major_revision 
_pdbx_audit_revision_history.minor_revision 
_pdbx_audit_revision_history.revision_date 
1 'Structure model' 1 0 2010-01-12 
2 'Structure model' 1 1 2011-07-13 
3 'Structure model' 1 2 2013-10-16 
4 'Structure model' 1 3 2021-11-10 
5 'Structure model' 1 4 2023-11-01 
6 'Structure model' 1 5 2024-11-20 
# 
_pdbx_audit_revision_details.ordinal             1 
_pdbx_audit_revision_details.revision_ordinal    1 
_pdbx_audit_revision_details.data_content_type   'Structure model' 
_pdbx_audit_revision_details.provider            repository 
_pdbx_audit_revision_details.type                'Initial release' 
_pdbx_audit_revision_details.description         ? 
_pdbx_audit_revision_details.details             ? 
# 
loop_
_pdbx_audit_revision_group.ordinal 
_pdbx_audit_revision_group.revision_ordinal 
_pdbx_audit_revision_group.data_content_type 
_pdbx_audit_revision_group.group 
1 2 'Structure model' 'Version format compliance' 
2 3 'Structure model' 'Derived calculations'      
3 4 'Structure model' 'Database references'       
4 4 'Structure model' 'Derived calculations'      
5 5 'Structure model' 'Data collection'           
6 5 'Structure model' 'Refinement description'    
7 6 'Structure model' 'Structure summary'         
# 
loop_
_pdbx_audit_revision_category.ordinal 
_pdbx_audit_revision_category.revision_ordinal 
_pdbx_audit_revision_category.data_content_type 
_pdbx_audit_revision_category.category 
1 4 'Structure model' database_2                    
2 4 'Structure model' struct_ref_seq_dif            
3 4 'Structure model' struct_site                   
4 5 'Structure model' chem_comp_atom                
5 5 'Structure model' chem_comp_bond                
6 5 'Structure model' pdbx_initial_refinement_model 
7 6 'Structure model' pdbx_entry_details            
8 6 'Structure model' pdbx_modification_feature     
# 
loop_
_pdbx_audit_revision_item.ordinal 
_pdbx_audit_revision_item.revision_ordinal 
_pdbx_audit_revision_item.data_content_type 
_pdbx_audit_revision_item.item 
1 4 'Structure model' '_database_2.pdbx_DOI'                
2 4 'Structure model' '_database_2.pdbx_database_accession' 
3 4 'Structure model' '_struct_ref_seq_dif.details'         
4 4 'Structure model' '_struct_site.pdbx_auth_asym_id'      
5 4 'Structure model' '_struct_site.pdbx_auth_comp_id'      
6 4 'Structure model' '_struct_site.pdbx_auth_seq_id'       
# 
_pdbx_database_status.status_code                     REL 
_pdbx_database_status.entry_id                        3FPU 
_pdbx_database_status.recvd_initial_deposition_date   2009-01-06 
_pdbx_database_status.deposit_site                    RCSB 
_pdbx_database_status.process_site                    PDBJ 
_pdbx_database_status.status_code_sf                  REL 
_pdbx_database_status.status_code_mr                  ? 
_pdbx_database_status.SG_entry                        ? 
_pdbx_database_status.status_code_cs                  ? 
_pdbx_database_status.methods_development_category    ? 
_pdbx_database_status.pdb_format_compatible           Y 
_pdbx_database_status.status_code_nmr_data            ? 
# 
loop_
_pdbx_database_related.db_name 
_pdbx_database_related.db_id 
_pdbx_database_related.details 
_pdbx_database_related.content_type 
PDB 3fpr 'Uncomplexed non-glycosylated Evasin-1' unspecified 
PDB 3fpt 'Uncomplexed Glycosylated Evasin-1'     unspecified 
# 
loop_
_audit_author.name 
_audit_author.pdbx_ordinal 
'Shaw, J.P.' 1 
'Dias, J.M.' 2 
# 
loop_
_citation.id 
_citation.title 
_citation.journal_abbrev 
_citation.journal_volume 
_citation.page_first 
_citation.page_last 
_citation.year 
_citation.journal_id_ASTM 
_citation.country 
_citation.journal_id_ISSN 
_citation.journal_id_CSD 
_citation.book_publisher 
_citation.pdbx_database_id_PubMed 
_citation.pdbx_database_id_DOI 
primary 
;Structural basis of chemokine sequestration by a tick chemokine binding protein: the crystal structure of the complex between Evasin-1 and CCL3
;
'Plos One'   4   ?     ?     2009 ?      US 1932-6203 ?    ? 20041127 10.1371/journal.pone.0008514 
1       
'Molecular cloning and characterization of a highly selective chemokine-binding protein from the tick Rhipicephalus sanguineus.' 
J.Biol.Chem. 282 27250 27258 2007 JBCHA3 US 0021-9258 0071 ? 17640866 10.1074/jbc.M704706200       
2       'Ticks produce highly selective chemokine binding proteins with antiinflammatory activity' J.Exp.Med.   205 2019  2031  
2008 JEMEAV US 0022-1007 0774 ? 18678732 10.1084/jem.20072689         
# 
loop_
_citation_author.citation_id 
_citation_author.name 
_citation_author.ordinal 
_citation_author.identifier_ORCID 
primary 'Dias, J.M.'        1  ? 
primary 'Losberger, C.'     2  ? 
primary 'Deruaz, M.'        3  ? 
primary 'Power, C.A.'       4  ? 
primary 'Proudfoot, A.E.I.' 5  ? 
primary 'Shaw, J.P.'        6  ? 
1       'Frauenschuh, A.'   7  ? 
1       'Power, C.A.'       8  ? 
1       'Deruaz, M.'        9  ? 
1       'Ferreira, B.R.'    10 ? 
1       'Silva, J.S.'       11 ? 
1       'Teixeira, M.M.'    12 ? 
1       'Dias, J.M.'        13 ? 
1       'Martin, T.'        14 ? 
1       'Wells, T.N.C.'     15 ? 
1       'Proudfoot, A.E.I.' 16 ? 
2       'Deruaz, M.'        17 ? 
2       'Frauenschuh, A.'   18 ? 
2       'Alessandri, A.L.'  19 ? 
2       'Dias, J.M.'        20 ? 
2       'Coelho, F.M.'      21 ? 
2       'Russo, R.C.'       22 ? 
2       'Ferreira, B.R.'    23 ? 
2       'Graham, G.J.'      24 ? 
2       'Shaw, J.P.'        25 ? 
2       'Wells, T.N.C.'     26 ? 
2       'Teixeira, M.M.'    27 ? 
2       'Power, C.A.'       28 ? 
2       'Proudfoot, A.E.I.' 29 ? 
# 
loop_
_entity.id 
_entity.type 
_entity.src_method 
_entity.pdbx_description 
_entity.formula_weight 
_entity.pdbx_number_of_molecules 
_entity.pdbx_ec 
_entity.pdbx_mutation 
_entity.pdbx_fragment 
_entity.details 
1 polymer     man Evasin-1                11306.446 1   ? ?    ? ? 
2 polymer     man 'C-C motif chemokine 3' 7883.808  1   ? A10T ? ? 
3 non-polymer syn 'NICKEL (II) ION'       58.693    2   ? ?    ? ? 
4 water       nat water                   18.015    160 ? ?    ? ? 
# 
_entity_name_com.entity_id   2 
_entity_name_com.name        
;Small-inducible cytokine A3, Macrophage inflammatory protein 1-alpha, MIP-1-alpha, Tonsillar lymphocyte LD78 alpha protein, G0/G1 switch regulatory protein 19-1, G0S19-1 protein, SIS-beta, PAT 464.1, MIP-1-alpha(4-69), LD78-alpha(4-69)
;
# 
loop_
_entity_poly.entity_id 
_entity_poly.type 
_entity_poly.nstd_linkage 
_entity_poly.nstd_monomer 
_entity_poly.pdbx_seq_one_letter_code 
_entity_poly.pdbx_seq_one_letter_code_can 
_entity_poly.pdbx_strand_id 
_entity_poly.pdbx_target_identifier 
1 'polypeptide(L)' no no 
;EDDEDYGDLGGCPFLVAENKTGYPTIVACKQDCNGTTETAPNGTRCFSIGDEGLRRMTANLPYDCPLGQCSNGDCIPKET
YEVCYRRNWRDKKNHHHHHH
;
;EDDEDYGDLGGCPFLVAENKTGYPTIVACKQDCNGTTETAPNGTRCFSIGDEGLRRMTANLPYDCPLGQCSNGDCIPKET
YEVCYRRNWRDKKNHHHHHH
;
A ? 
2 'polypeptide(L)' no no MSLAADTPTTCCFSYTSRQIPQNFIADYFETSSQCSKPGVIFLTKRSRQVCADPSEEWVQKYVSDLELSA                                  
MSLAADTPTTCCFSYTSRQIPQNFIADYFETSSQCSKPGVIFLTKRSRQVCADPSEEWVQKYVSDLELSA                                  B ? 
# 
loop_
_pdbx_entity_nonpoly.entity_id 
_pdbx_entity_nonpoly.name 
_pdbx_entity_nonpoly.comp_id 
3 'NICKEL (II) ION' NI  
4 water             HOH 
# 
loop_
_entity_poly_seq.entity_id 
_entity_poly_seq.num 
_entity_poly_seq.mon_id 
_entity_poly_seq.hetero 
1 1   GLU n 
1 2   ASP n 
1 3   ASP n 
1 4   GLU n 
1 5   ASP n 
1 6   TYR n 
1 7   GLY n 
1 8   ASP n 
1 9   LEU n 
1 10  GLY n 
1 11  GLY n 
1 12  CYS n 
1 13  PRO n 
1 14  PHE n 
1 15  LEU n 
1 16  VAL n 
1 17  ALA n 
1 18  GLU n 
1 19  ASN n 
1 20  LYS n 
1 21  THR n 
1 22  GLY n 
1 23  TYR n 
1 24  PRO n 
1 25  THR n 
1 26  ILE n 
1 27  VAL n 
1 28  ALA n 
1 29  CYS n 
1 30  LYS n 
1 31  GLN n 
1 32  ASP n 
1 33  CYS n 
1 34  ASN n 
1 35  GLY n 
1 36  THR n 
1 37  THR n 
1 38  GLU n 
1 39  THR n 
1 40  ALA n 
1 41  PRO n 
1 42  ASN n 
1 43  GLY n 
1 44  THR n 
1 45  ARG n 
1 46  CYS n 
1 47  PHE n 
1 48  SER n 
1 49  ILE n 
1 50  GLY n 
1 51  ASP n 
1 52  GLU n 
1 53  GLY n 
1 54  LEU n 
1 55  ARG n 
1 56  ARG n 
1 57  MET n 
1 58  THR n 
1 59  ALA n 
1 60  ASN n 
1 61  LEU n 
1 62  PRO n 
1 63  TYR n 
1 64  ASP n 
1 65  CYS n 
1 66  PRO n 
1 67  LEU n 
1 68  GLY n 
1 69  GLN n 
1 70  CYS n 
1 71  SER n 
1 72  ASN n 
1 73  GLY n 
1 74  ASP n 
1 75  CYS n 
1 76  ILE n 
1 77  PRO n 
1 78  LYS n 
1 79  GLU n 
1 80  THR n 
1 81  TYR n 
1 82  GLU n 
1 83  VAL n 
1 84  CYS n 
1 85  TYR n 
1 86  ARG n 
1 87  ARG n 
1 88  ASN n 
1 89  TRP n 
1 90  ARG n 
1 91  ASP n 
1 92  LYS n 
1 93  LYS n 
1 94  ASN n 
1 95  HIS n 
1 96  HIS n 
1 97  HIS n 
1 98  HIS n 
1 99  HIS n 
1 100 HIS n 
2 1   MET n 
2 2   SER n 
2 3   LEU n 
2 4   ALA n 
2 5   ALA n 
2 6   ASP n 
2 7   THR n 
2 8   PRO n 
2 9   THR n 
2 10  THR n 
2 11  CYS n 
2 12  CYS n 
2 13  PHE n 
2 14  SER n 
2 15  TYR n 
2 16  THR n 
2 17  SER n 
2 18  ARG n 
2 19  GLN n 
2 20  ILE n 
2 21  PRO n 
2 22  GLN n 
2 23  ASN n 
2 24  PHE n 
2 25  ILE n 
2 26  ALA n 
2 27  ASP n 
2 28  TYR n 
2 29  PHE n 
2 30  GLU n 
2 31  THR n 
2 32  SER n 
2 33  SER n 
2 34  GLN n 
2 35  CYS n 
2 36  SER n 
2 37  LYS n 
2 38  PRO n 
2 39  GLY n 
2 40  VAL n 
2 41  ILE n 
2 42  PHE n 
2 43  LEU n 
2 44  THR n 
2 45  LYS n 
2 46  ARG n 
2 47  SER n 
2 48  ARG n 
2 49  GLN n 
2 50  VAL n 
2 51  CYS n 
2 52  ALA n 
2 53  ASP n 
2 54  PRO n 
2 55  SER n 
2 56  GLU n 
2 57  GLU n 
2 58  TRP n 
2 59  VAL n 
2 60  GLN n 
2 61  LYS n 
2 62  TYR n 
2 63  VAL n 
2 64  SER n 
2 65  ASP n 
2 66  LEU n 
2 67  GLU n 
2 68  LEU n 
2 69  SER n 
2 70  ALA n 
# 
loop_
_entity_src_gen.entity_id 
_entity_src_gen.pdbx_src_id 
_entity_src_gen.pdbx_alt_source_flag 
_entity_src_gen.pdbx_seq_type 
_entity_src_gen.pdbx_beg_seq_num 
_entity_src_gen.pdbx_end_seq_num 
_entity_src_gen.gene_src_common_name 
_entity_src_gen.gene_src_genus 
_entity_src_gen.pdbx_gene_src_gene 
_entity_src_gen.gene_src_species 
_entity_src_gen.gene_src_strain 
_entity_src_gen.gene_src_tissue 
_entity_src_gen.gene_src_tissue_fraction 
_entity_src_gen.gene_src_details 
_entity_src_gen.pdbx_gene_src_fragment 
_entity_src_gen.pdbx_gene_src_scientific_name 
_entity_src_gen.pdbx_gene_src_ncbi_taxonomy_id 
_entity_src_gen.pdbx_gene_src_variant 
_entity_src_gen.pdbx_gene_src_cell_line 
_entity_src_gen.pdbx_gene_src_atcc 
_entity_src_gen.pdbx_gene_src_organ 
_entity_src_gen.pdbx_gene_src_organelle 
_entity_src_gen.pdbx_gene_src_cell 
_entity_src_gen.pdbx_gene_src_cellular_location 
_entity_src_gen.host_org_common_name 
_entity_src_gen.pdbx_host_org_scientific_name 
_entity_src_gen.pdbx_host_org_ncbi_taxonomy_id 
_entity_src_gen.host_org_genus 
_entity_src_gen.pdbx_host_org_gene 
_entity_src_gen.pdbx_host_org_organ 
_entity_src_gen.host_org_species 
_entity_src_gen.pdbx_host_org_tissue 
_entity_src_gen.pdbx_host_org_tissue_fraction 
_entity_src_gen.pdbx_host_org_strain 
_entity_src_gen.pdbx_host_org_variant 
_entity_src_gen.pdbx_host_org_cell_line 
_entity_src_gen.pdbx_host_org_atcc 
_entity_src_gen.pdbx_host_org_culture_collection 
_entity_src_gen.pdbx_host_org_cell 
_entity_src_gen.pdbx_host_org_organelle 
_entity_src_gen.pdbx_host_org_cellular_location 
_entity_src_gen.pdbx_host_org_vector_type 
_entity_src_gen.pdbx_host_org_vector 
_entity_src_gen.host_org_details 
_entity_src_gen.expression_system_id 
_entity_src_gen.plasmid_name 
_entity_src_gen.plasmid_details 
_entity_src_gen.pdbx_description 
1 1 sample ? ? ? 'Brown dog tick' ? ? ? ? ? ? ? ? 'Rhipicephalus sanguineus' 34632 ? ? ? ? ? ? ? ? 'Spodoptera frugiperda' 7108 ? 
? ? ? ? ? Sf9          ? ? ? ? ? ? ? BACULOVIRUS ? ? ? pFASTBAC ? ? 
2 1 sample ? ? ? human            ? ? ? ? ? ? ? ? 'Homo sapiens'             9606  ? ? ? ? ? ? ? ? 'Escherichia coli'      562  ? 
? ? ? ? ? 'BL21 (DE3)' ? ? ? ? ? ? ? PLASMID     ? ? ? pET30a   ? ? 
# 
loop_
_chem_comp.id 
_chem_comp.type 
_chem_comp.mon_nstd_flag 
_chem_comp.name 
_chem_comp.pdbx_synonyms 
_chem_comp.formula 
_chem_comp.formula_weight 
ALA 'L-peptide linking' y ALANINE           ? 'C3 H7 N O2'     89.093  
ARG 'L-peptide linking' y ARGININE          ? 'C6 H15 N4 O2 1' 175.209 
ASN 'L-peptide linking' y ASPARAGINE        ? 'C4 H8 N2 O3'    132.118 
ASP 'L-peptide linking' y 'ASPARTIC ACID'   ? 'C4 H7 N O4'     133.103 
CYS 'L-peptide linking' y CYSTEINE          ? 'C3 H7 N O2 S'   121.158 
GLN 'L-peptide linking' y GLUTAMINE         ? 'C5 H10 N2 O3'   146.144 
GLU 'L-peptide linking' y 'GLUTAMIC ACID'   ? 'C5 H9 N O4'     147.129 
GLY 'peptide linking'   y GLYCINE           ? 'C2 H5 N O2'     75.067  
HIS 'L-peptide linking' y HISTIDINE         ? 'C6 H10 N3 O2 1' 156.162 
HOH non-polymer         . WATER             ? 'H2 O'           18.015  
ILE 'L-peptide linking' y ISOLEUCINE        ? 'C6 H13 N O2'    131.173 
LEU 'L-peptide linking' y LEUCINE           ? 'C6 H13 N O2'    131.173 
LYS 'L-peptide linking' y LYSINE            ? 'C6 H15 N2 O2 1' 147.195 
MET 'L-peptide linking' y METHIONINE        ? 'C5 H11 N O2 S'  149.211 
NI  non-polymer         . 'NICKEL (II) ION' ? 'Ni 2'           58.693  
PHE 'L-peptide linking' y PHENYLALANINE     ? 'C9 H11 N O2'    165.189 
PRO 'L-peptide linking' y PROLINE           ? 'C5 H9 N O2'     115.130 
SER 'L-peptide linking' y SERINE            ? 'C3 H7 N O3'     105.093 
THR 'L-peptide linking' y THREONINE         ? 'C4 H9 N O3'     119.119 
TRP 'L-peptide linking' y TRYPTOPHAN        ? 'C11 H12 N2 O2'  204.225 
TYR 'L-peptide linking' y TYROSINE          ? 'C9 H11 N O3'    181.189 
VAL 'L-peptide linking' y VALINE            ? 'C5 H11 N O2'    117.146 
# 
loop_
_pdbx_poly_seq_scheme.asym_id 
_pdbx_poly_seq_scheme.entity_id 
_pdbx_poly_seq_scheme.seq_id 
_pdbx_poly_seq_scheme.mon_id 
_pdbx_poly_seq_scheme.ndb_seq_num 
_pdbx_poly_seq_scheme.pdb_seq_num 
_pdbx_poly_seq_scheme.auth_seq_num 
_pdbx_poly_seq_scheme.pdb_mon_id 
_pdbx_poly_seq_scheme.auth_mon_id 
_pdbx_poly_seq_scheme.pdb_strand_id 
_pdbx_poly_seq_scheme.pdb_ins_code 
_pdbx_poly_seq_scheme.hetero 
A 1 1   GLU 1   1   1   GLU GLU A . n 
A 1 2   ASP 2   2   2   ASP ALA A . n 
A 1 3   ASP 3   3   3   ASP ASP A . n 
A 1 4   GLU 4   4   4   GLU GLU A . n 
A 1 5   ASP 5   5   5   ASP ASP A . n 
A 1 6   TYR 6   6   6   TYR TYR A . n 
A 1 7   GLY 7   7   7   GLY GLY A . n 
A 1 8   ASP 8   8   8   ASP ASP A . n 
A 1 9   LEU 9   9   9   LEU LEU A . n 
A 1 10  GLY 10  10  10  GLY GLY A . n 
A 1 11  GLY 11  11  11  GLY GLY A . n 
A 1 12  CYS 12  12  12  CYS CYS A . n 
A 1 13  PRO 13  13  13  PRO PRO A . n 
A 1 14  PHE 14  14  14  PHE PHE A . n 
A 1 15  LEU 15  15  15  LEU LEU A . n 
A 1 16  VAL 16  16  16  VAL VAL A . n 
A 1 17  ALA 17  17  17  ALA ALA A . n 
A 1 18  GLU 18  18  18  GLU GLU A . n 
A 1 19  ASN 19  19  19  ASN ASN A . n 
A 1 20  LYS 20  20  20  LYS LYS A . n 
A 1 21  THR 21  21  21  THR THR A . n 
A 1 22  GLY 22  22  22  GLY GLY A . n 
A 1 23  TYR 23  23  23  TYR TYR A . n 
A 1 24  PRO 24  24  24  PRO PRO A . n 
A 1 25  THR 25  25  25  THR THR A . n 
A 1 26  ILE 26  26  26  ILE ILE A . n 
A 1 27  VAL 27  27  27  VAL VAL A . n 
A 1 28  ALA 28  28  28  ALA ALA A . n 
A 1 29  CYS 29  29  29  CYS CYS A . n 
A 1 30  LYS 30  30  30  LYS LYS A . n 
A 1 31  GLN 31  31  31  GLN GLN A . n 
A 1 32  ASP 32  32  32  ASP ASP A . n 
A 1 33  CYS 33  33  33  CYS CYS A . n 
A 1 34  ASN 34  34  34  ASN ASN A . n 
A 1 35  GLY 35  35  35  GLY GLY A . n 
A 1 36  THR 36  36  36  THR THR A . n 
A 1 37  THR 37  37  37  THR THR A . n 
A 1 38  GLU 38  38  38  GLU GLU A . n 
A 1 39  THR 39  39  39  THR THR A . n 
A 1 40  ALA 40  40  40  ALA ALA A . n 
A 1 41  PRO 41  41  41  PRO PRO A . n 
A 1 42  ASN 42  42  42  ASN ASN A . n 
A 1 43  GLY 43  43  43  GLY GLY A . n 
A 1 44  THR 44  44  44  THR THR A . n 
A 1 45  ARG 45  45  45  ARG ARG A . n 
A 1 46  CYS 46  46  46  CYS CYS A . n 
A 1 47  PHE 47  47  47  PHE PHE A . n 
A 1 48  SER 48  48  48  SER SER A . n 
A 1 49  ILE 49  49  49  ILE ILE A . n 
A 1 50  GLY 50  50  50  GLY GLY A . n 
A 1 51  ASP 51  51  51  ASP ASP A . n 
A 1 52  GLU 52  52  52  GLU GLU A . n 
A 1 53  GLY 53  53  53  GLY GLY A . n 
A 1 54  LEU 54  54  54  LEU LEU A . n 
A 1 55  ARG 55  55  55  ARG ARG A . n 
A 1 56  ARG 56  56  56  ARG ARG A . n 
A 1 57  MET 57  57  57  MET MET A . n 
A 1 58  THR 58  58  58  THR THR A . n 
A 1 59  ALA 59  59  59  ALA ALA A . n 
A 1 60  ASN 60  60  60  ASN ASN A . n 
A 1 61  LEU 61  61  61  LEU LEU A . n 
A 1 62  PRO 62  62  62  PRO PRO A . n 
A 1 63  TYR 63  63  63  TYR TYR A . n 
A 1 64  ASP 64  64  64  ASP ASP A . n 
A 1 65  CYS 65  65  65  CYS CYS A . n 
A 1 66  PRO 66  66  66  PRO PRO A . n 
A 1 67  LEU 67  67  67  LEU LEU A . n 
A 1 68  GLY 68  68  68  GLY GLY A . n 
A 1 69  GLN 69  69  69  GLN GLN A . n 
A 1 70  CYS 70  70  70  CYS CYS A . n 
A 1 71  SER 71  71  71  SER SER A . n 
A 1 72  ASN 72  72  72  ASN ASN A . n 
A 1 73  GLY 73  73  73  GLY GLY A . n 
A 1 74  ASP 74  74  74  ASP ASP A . n 
A 1 75  CYS 75  75  75  CYS CYS A . n 
A 1 76  ILE 76  76  76  ILE ILE A . n 
A 1 77  PRO 77  77  77  PRO PRO A . n 
A 1 78  LYS 78  78  78  LYS LYS A . n 
A 1 79  GLU 79  79  79  GLU GLU A . n 
A 1 80  THR 80  80  80  THR THR A . n 
A 1 81  TYR 81  81  81  TYR TYR A . n 
A 1 82  GLU 82  82  82  GLU GLU A . n 
A 1 83  VAL 83  83  83  VAL VAL A . n 
A 1 84  CYS 84  84  84  CYS CYS A . n 
A 1 85  TYR 85  85  85  TYR TYR A . n 
A 1 86  ARG 86  86  86  ARG ARG A . n 
A 1 87  ARG 87  87  87  ARG ARG A . n 
A 1 88  ASN 88  88  88  ASN ASN A . n 
A 1 89  TRP 89  89  89  TRP TRP A . n 
A 1 90  ARG 90  90  90  ARG ARG A . n 
A 1 91  ASP 91  91  91  ASP ASP A . n 
A 1 92  LYS 92  92  92  LYS LYS A . n 
A 1 93  LYS 93  93  93  LYS LYS A . n 
A 1 94  ASN 94  94  94  ASN ASN A . n 
A 1 95  HIS 95  95  95  HIS HIS A . n 
A 1 96  HIS 96  96  96  HIS HIS A . n 
A 1 97  HIS 97  97  97  HIS HIS A . n 
A 1 98  HIS 98  98  98  HIS HIS A . n 
A 1 99  HIS 99  99  99  HIS HIS A . n 
A 1 100 HIS 100 100 100 HIS HIS A . n 
B 2 1   MET 1   1   ?   ?   ?   B . n 
B 2 2   SER 2   2   2   SER SER B . n 
B 2 3   LEU 3   3   3   LEU LEU B . n 
B 2 4   ALA 4   4   4   ALA ALA B . n 
B 2 5   ALA 5   5   5   ALA ALA B . n 
B 2 6   ASP 6   6   6   ASP ASP B . n 
B 2 7   THR 7   7   7   THR THR B . n 
B 2 8   PRO 8   8   8   PRO PRO B . n 
B 2 9   THR 9   9   9   THR THR B . n 
B 2 10  THR 10  10  10  THR THR B . n 
B 2 11  CYS 11  11  11  CYS CYS B . n 
B 2 12  CYS 12  12  12  CYS CYS B . n 
B 2 13  PHE 13  13  13  PHE PHE B . n 
B 2 14  SER 14  14  14  SER SER B . n 
B 2 15  TYR 15  15  15  TYR TYR B . n 
B 2 16  THR 16  16  16  THR THR B . n 
B 2 17  SER 17  17  17  SER SER B . n 
B 2 18  ARG 18  18  18  ARG ARG B . n 
B 2 19  GLN 19  19  19  GLN GLN B . n 
B 2 20  ILE 20  20  20  ILE ILE B . n 
B 2 21  PRO 21  21  21  PRO PRO B . n 
B 2 22  GLN 22  22  22  GLN GLN B . n 
B 2 23  ASN 23  23  23  ASN ASN B . n 
B 2 24  PHE 24  24  24  PHE PHE B . n 
B 2 25  ILE 25  25  25  ILE ILE B . n 
B 2 26  ALA 26  26  26  ALA ALA B . n 
B 2 27  ASP 27  27  27  ASP ASP B . n 
B 2 28  TYR 28  28  28  TYR TYR B . n 
B 2 29  PHE 29  29  29  PHE PHE B . n 
B 2 30  GLU 30  30  30  GLU GLU B . n 
B 2 31  THR 31  31  31  THR THR B . n 
B 2 32  SER 32  32  32  SER SER B . n 
B 2 33  SER 33  33  33  SER SER B . n 
B 2 34  GLN 34  34  34  GLN GLN B . n 
B 2 35  CYS 35  35  35  CYS CYS B . n 
B 2 36  SER 36  36  36  SER SER B . n 
B 2 37  LYS 37  37  37  LYS LYS B . n 
B 2 38  PRO 38  38  38  PRO PRO B . n 
B 2 39  GLY 39  39  39  GLY GLY B . n 
B 2 40  VAL 40  40  40  VAL VAL B . n 
B 2 41  ILE 41  41  41  ILE ILE B . n 
B 2 42  PHE 42  42  42  PHE PHE B . n 
B 2 43  LEU 43  43  43  LEU LEU B . n 
B 2 44  THR 44  44  44  THR THR B . n 
B 2 45  LYS 45  45  45  LYS LYS B . n 
B 2 46  ARG 46  46  46  ARG ARG B . n 
B 2 47  SER 47  47  47  SER SER B . n 
B 2 48  ARG 48  48  48  ARG ARG B . n 
B 2 49  GLN 49  49  49  GLN GLN B . n 
B 2 50  VAL 50  50  50  VAL VAL B . n 
B 2 51  CYS 51  51  51  CYS CYS B . n 
B 2 52  ALA 52  52  52  ALA ALA B . n 
B 2 53  ASP 53  53  53  ASP ASP B . n 
B 2 54  PRO 54  54  54  PRO PRO B . n 
B 2 55  SER 55  55  55  SER SER B . n 
B 2 56  GLU 56  56  56  GLU GLU B . n 
B 2 57  GLU 57  57  57  GLU GLU B . n 
B 2 58  TRP 58  58  58  TRP TRP B . n 
B 2 59  VAL 59  59  59  VAL VAL B . n 
B 2 60  GLN 60  60  60  GLN GLN B . n 
B 2 61  LYS 61  61  61  LYS LYS B . n 
B 2 62  TYR 62  62  62  TYR TYR B . n 
B 2 63  VAL 63  63  63  VAL VAL B . n 
B 2 64  SER 64  64  64  SER SER B . n 
B 2 65  ASP 65  65  65  ASP ASP B . n 
B 2 66  LEU 66  66  66  LEU LEU B . n 
B 2 67  GLU 67  67  67  GLU GLU B . n 
B 2 68  LEU 68  68  ?   ?   ?   B . n 
B 2 69  SER 69  69  ?   ?   ?   B . n 
B 2 70  ALA 70  70  ?   ?   ?   B . n 
# 
loop_
_pdbx_nonpoly_scheme.asym_id 
_pdbx_nonpoly_scheme.entity_id 
_pdbx_nonpoly_scheme.mon_id 
_pdbx_nonpoly_scheme.ndb_seq_num 
_pdbx_nonpoly_scheme.pdb_seq_num 
_pdbx_nonpoly_scheme.auth_seq_num 
_pdbx_nonpoly_scheme.pdb_mon_id 
_pdbx_nonpoly_scheme.auth_mon_id 
_pdbx_nonpoly_scheme.pdb_strand_id 
_pdbx_nonpoly_scheme.pdb_ins_code 
C 3 NI  1   101 1   NI  NI  A . 
D 3 NI  1   102 2   NI  NI  A . 
E 4 HOH 1   103 103 HOH HOH A . 
E 4 HOH 2   104 104 HOH HOH A . 
E 4 HOH 3   105 2   HOH HOH A . 
E 4 HOH 4   106 106 HOH HOH A . 
E 4 HOH 5   107 107 HOH HOH A . 
E 4 HOH 6   108 108 HOH HOH A . 
E 4 HOH 7   109 3   HOH HOH A . 
E 4 HOH 8   110 110 HOH HOH A . 
E 4 HOH 9   111 111 HOH HOH A . 
E 4 HOH 10  112 112 HOH HOH A . 
E 4 HOH 11  113 113 HOH HOH A . 
E 4 HOH 12  114 114 HOH HOH A . 
E 4 HOH 13  115 115 HOH HOH A . 
E 4 HOH 14  116 6   HOH HOH A . 
E 4 HOH 15  117 7   HOH HOH A . 
E 4 HOH 16  118 8   HOH HOH A . 
E 4 HOH 17  119 10  HOH HOH A . 
E 4 HOH 18  120 120 HOH HOH A . 
E 4 HOH 19  121 12  HOH HOH A . 
E 4 HOH 20  122 122 HOH HOH A . 
E 4 HOH 21  123 123 HOH HOH A . 
E 4 HOH 22  124 13  HOH HOH A . 
E 4 HOH 23  125 125 HOH HOH A . 
E 4 HOH 24  126 126 HOH HOH A . 
E 4 HOH 25  127 127 HOH HOH A . 
E 4 HOH 26  128 128 HOH HOH A . 
E 4 HOH 27  129 14  HOH HOH A . 
E 4 HOH 28  130 130 HOH HOH A . 
E 4 HOH 29  132 132 HOH HOH A . 
E 4 HOH 30  133 133 HOH HOH A . 
E 4 HOH 31  134 134 HOH HOH A . 
E 4 HOH 32  135 15  HOH HOH A . 
E 4 HOH 33  136 16  HOH HOH A . 
E 4 HOH 34  137 17  HOH HOH A . 
E 4 HOH 35  138 138 HOH HOH A . 
E 4 HOH 36  139 18  HOH HOH A . 
E 4 HOH 37  140 19  HOH HOH A . 
E 4 HOH 38  141 20  HOH HOH A . 
E 4 HOH 39  142 142 HOH HOH A . 
E 4 HOH 40  143 143 HOH HOH A . 
E 4 HOH 41  144 144 HOH HOH A . 
E 4 HOH 42  145 145 HOH HOH A . 
E 4 HOH 43  147 147 HOH HOH A . 
E 4 HOH 44  148 148 HOH HOH A . 
E 4 HOH 45  149 149 HOH HOH A . 
E 4 HOH 46  151 151 HOH HOH A . 
E 4 HOH 47  152 152 HOH HOH A . 
E 4 HOH 48  153 153 HOH HOH A . 
E 4 HOH 49  154 154 HOH HOH A . 
E 4 HOH 50  155 21  HOH HOH A . 
E 4 HOH 51  156 156 HOH HOH A . 
E 4 HOH 52  157 157 HOH HOH A . 
E 4 HOH 53  158 158 HOH HOH A . 
E 4 HOH 54  159 23  HOH HOH A . 
E 4 HOH 55  160 24  HOH HOH A . 
E 4 HOH 56  161 25  HOH HOH A . 
E 4 HOH 57  162 26  HOH HOH A . 
E 4 HOH 58  163 28  HOH HOH A . 
E 4 HOH 59  164 30  HOH HOH A . 
E 4 HOH 60  165 32  HOH HOH A . 
E 4 HOH 61  166 33  HOH HOH A . 
E 4 HOH 62  167 36  HOH HOH A . 
E 4 HOH 63  168 38  HOH HOH A . 
E 4 HOH 64  169 39  HOH HOH A . 
E 4 HOH 65  170 40  HOH HOH A . 
E 4 HOH 66  171 43  HOH HOH A . 
E 4 HOH 67  172 44  HOH HOH A . 
E 4 HOH 68  173 46  HOH HOH A . 
E 4 HOH 69  174 48  HOH HOH A . 
E 4 HOH 70  175 49  HOH HOH A . 
E 4 HOH 71  176 50  HOH HOH A . 
E 4 HOH 72  177 51  HOH HOH A . 
E 4 HOH 73  178 53  HOH HOH A . 
E 4 HOH 74  179 54  HOH HOH A . 
E 4 HOH 75  180 55  HOH HOH A . 
E 4 HOH 76  181 56  HOH HOH A . 
E 4 HOH 77  182 62  HOH HOH A . 
E 4 HOH 78  183 63  HOH HOH A . 
E 4 HOH 79  185 65  HOH HOH A . 
E 4 HOH 80  186 66  HOH HOH A . 
E 4 HOH 81  187 67  HOH HOH A . 
E 4 HOH 82  188 69  HOH HOH A . 
E 4 HOH 83  189 70  HOH HOH A . 
E 4 HOH 84  190 71  HOH HOH A . 
E 4 HOH 85  191 72  HOH HOH A . 
E 4 HOH 86  192 73  HOH HOH A . 
E 4 HOH 87  193 74  HOH HOH A . 
E 4 HOH 88  194 75  HOH HOH A . 
E 4 HOH 89  195 77  HOH HOH A . 
E 4 HOH 90  196 78  HOH HOH A . 
E 4 HOH 91  197 79  HOH HOH A . 
E 4 HOH 92  198 80  HOH HOH A . 
E 4 HOH 93  199 81  HOH HOH A . 
E 4 HOH 94  200 82  HOH HOH A . 
E 4 HOH 95  201 83  HOH HOH A . 
E 4 HOH 96  202 84  HOH HOH A . 
E 4 HOH 97  203 85  HOH HOH A . 
E 4 HOH 98  205 87  HOH HOH A . 
E 4 HOH 99  206 90  HOH HOH A . 
E 4 HOH 100 207 92  HOH HOH A . 
E 4 HOH 101 208 93  HOH HOH A . 
E 4 HOH 102 209 94  HOH HOH A . 
E 4 HOH 103 210 99  HOH HOH A . 
E 4 HOH 104 211 101 HOH HOH A . 
E 4 HOH 105 212 102 HOH HOH A . 
F 4 HOH 1   71  1   HOH HOH B . 
F 4 HOH 2   72  4   HOH HOH B . 
F 4 HOH 3   73  5   HOH HOH B . 
F 4 HOH 4   74  9   HOH HOH B . 
F 4 HOH 5   75  11  HOH HOH B . 
F 4 HOH 6   76  76  HOH HOH B . 
F 4 HOH 7   77  22  HOH HOH B . 
F 4 HOH 8   78  27  HOH HOH B . 
F 4 HOH 9   79  29  HOH HOH B . 
F 4 HOH 10  80  31  HOH HOH B . 
F 4 HOH 11  81  34  HOH HOH B . 
F 4 HOH 12  82  35  HOH HOH B . 
F 4 HOH 13  83  37  HOH HOH B . 
F 4 HOH 14  84  41  HOH HOH B . 
F 4 HOH 15  85  42  HOH HOH B . 
F 4 HOH 16  86  45  HOH HOH B . 
F 4 HOH 17  87  47  HOH HOH B . 
F 4 HOH 18  88  88  HOH HOH B . 
F 4 HOH 19  89  89  HOH HOH B . 
F 4 HOH 20  90  52  HOH HOH B . 
F 4 HOH 21  91  91  HOH HOH B . 
F 4 HOH 22  92  57  HOH HOH B . 
F 4 HOH 23  93  58  HOH HOH B . 
F 4 HOH 24  94  59  HOH HOH B . 
F 4 HOH 25  95  95  HOH HOH B . 
F 4 HOH 26  96  96  HOH HOH B . 
F 4 HOH 27  97  97  HOH HOH B . 
F 4 HOH 28  98  98  HOH HOH B . 
F 4 HOH 29  99  60  HOH HOH B . 
F 4 HOH 30  100 100 HOH HOH B . 
F 4 HOH 31  101 61  HOH HOH B . 
F 4 HOH 32  102 68  HOH HOH B . 
F 4 HOH 33  105 105 HOH HOH B . 
F 4 HOH 34  109 109 HOH HOH B . 
F 4 HOH 35  116 116 HOH HOH B . 
F 4 HOH 36  117 117 HOH HOH B . 
F 4 HOH 37  118 118 HOH HOH B . 
F 4 HOH 38  119 119 HOH HOH B . 
F 4 HOH 39  121 121 HOH HOH B . 
F 4 HOH 40  124 124 HOH HOH B . 
F 4 HOH 41  129 129 HOH HOH B . 
F 4 HOH 42  131 131 HOH HOH B . 
F 4 HOH 43  135 135 HOH HOH B . 
F 4 HOH 44  136 136 HOH HOH B . 
F 4 HOH 45  137 137 HOH HOH B . 
F 4 HOH 46  139 139 HOH HOH B . 
F 4 HOH 47  140 140 HOH HOH B . 
F 4 HOH 48  141 141 HOH HOH B . 
F 4 HOH 49  146 146 HOH HOH B . 
F 4 HOH 50  150 150 HOH HOH B . 
F 4 HOH 51  155 155 HOH HOH B . 
F 4 HOH 52  159 159 HOH HOH B . 
F 4 HOH 53  160 160 HOH HOH B . 
F 4 HOH 54  184 64  HOH HOH B . 
F 4 HOH 55  204 86  HOH HOH B . 
# 
loop_
_pdbx_unobs_or_zero_occ_atoms.id 
_pdbx_unobs_or_zero_occ_atoms.PDB_model_num 
_pdbx_unobs_or_zero_occ_atoms.polymer_flag 
_pdbx_unobs_or_zero_occ_atoms.occupancy_flag 
_pdbx_unobs_or_zero_occ_atoms.auth_asym_id 
_pdbx_unobs_or_zero_occ_atoms.auth_comp_id 
_pdbx_unobs_or_zero_occ_atoms.auth_seq_id 
_pdbx_unobs_or_zero_occ_atoms.PDB_ins_code 
_pdbx_unobs_or_zero_occ_atoms.auth_atom_id 
_pdbx_unobs_or_zero_occ_atoms.label_alt_id 
_pdbx_unobs_or_zero_occ_atoms.label_asym_id 
_pdbx_unobs_or_zero_occ_atoms.label_comp_id 
_pdbx_unobs_or_zero_occ_atoms.label_seq_id 
_pdbx_unobs_or_zero_occ_atoms.label_atom_id 
1 1 Y 1 A ASP 2 ? CG  ? A ASP 2 CG  
2 1 Y 1 A ASP 2 ? OD1 ? A ASP 2 OD1 
3 1 Y 1 A ASP 2 ? OD2 ? A ASP 2 OD2 
# 
loop_
_software.name 
_software.classification 
_software.version 
_software.citation_id 
_software.pdbx_ordinal 
HKL-2000  'data collection' .        ? 1 
AMoRE     phasing           .        ? 2 
REFMAC    refinement        5.2.0019 ? 3 
DENZO     'data reduction'  .        ? 4 
SCALEPACK 'data scaling'    .        ? 5 
# 
_cell.entry_id           3FPU 
_cell.length_a           104.384 
_cell.length_b           104.384 
_cell.length_c           104.384 
_cell.angle_alpha        90.00 
_cell.angle_beta         90.00 
_cell.angle_gamma        90.00 
_cell.Z_PDB              24 
_cell.pdbx_unique_axis   ? 
_cell.length_a_esd       ? 
_cell.length_b_esd       ? 
_cell.length_c_esd       ? 
_cell.angle_alpha_esd    ? 
_cell.angle_beta_esd     ? 
_cell.angle_gamma_esd    ? 
# 
_symmetry.entry_id                         3FPU 
_symmetry.space_group_name_H-M             'P 43 3 2' 
_symmetry.pdbx_full_space_group_name_H-M   ? 
_symmetry.cell_setting                     ? 
_symmetry.Int_Tables_number                212 
_symmetry.space_group_name_Hall            ? 
# 
_exptl.entry_id          3FPU 
_exptl.method            'X-RAY DIFFRACTION' 
_exptl.crystals_number   1 
# 
_exptl_crystal.id                    1 
_exptl_crystal.density_meas          ? 
_exptl_crystal.density_Matthews      2.47 
_exptl_crystal.density_percent_sol   50.19 
_exptl_crystal.description           ? 
_exptl_crystal.F_000                 ? 
_exptl_crystal.preparation           ? 
# 
_exptl_crystal_grow.crystal_id      1 
_exptl_crystal_grow.method          'VAPOR DIFFUSION, SITTING DROP' 
_exptl_crystal_grow.temp            291 
_exptl_crystal_grow.temp_details    ? 
_exptl_crystal_grow.pH              8.1 
_exptl_crystal_grow.pdbx_details    
'24% (w/v) PEG 3350, 200mM Ammonium sulfate, 100mM HEPES, pH 8.1, VAPOR DIFFUSION, SITTING DROP, temperature 291K' 
_exptl_crystal_grow.pdbx_pH_range   . 
# 
_diffrn.id                     1 
_diffrn.ambient_temp           100 
_diffrn.ambient_temp_details   ? 
_diffrn.crystal_id             1 
# 
_diffrn_detector.diffrn_id              1 
_diffrn_detector.detector               CCD 
_diffrn_detector.type                   'MAR CCD 165 mm' 
_diffrn_detector.pdbx_collection_date   2006-02-17 
_diffrn_detector.details                ? 
# 
_diffrn_radiation.diffrn_id                        1 
_diffrn_radiation.wavelength_id                    1 
_diffrn_radiation.pdbx_monochromatic_or_laue_m_l   M 
_diffrn_radiation.monochromator                    'SAGITALLY FOCUSED Si(111)' 
_diffrn_radiation.pdbx_diffrn_protocol             'SINGLE WAVELENGTH' 
_diffrn_radiation.pdbx_scattering_type             x-ray 
# 
_diffrn_radiation_wavelength.id           1 
_diffrn_radiation_wavelength.wavelength   0.976 
_diffrn_radiation_wavelength.wt           1.0 
# 
_diffrn_source.diffrn_id                   1 
_diffrn_source.source                      SYNCHROTRON 
_diffrn_source.type                        'SLS BEAMLINE X06SA' 
_diffrn_source.pdbx_synchrotron_site       SLS 
_diffrn_source.pdbx_synchrotron_beamline   X06SA 
_diffrn_source.pdbx_wavelength             ? 
_diffrn_source.pdbx_wavelength_list        0.976 
# 
_reflns.entry_id                     3FPU 
_reflns.observed_criterion_sigma_I   0 
_reflns.observed_criterion_sigma_F   0 
_reflns.d_resolution_low             50.0 
_reflns.d_resolution_high            1.76 
_reflns.number_obs                   19881 
_reflns.number_all                   19881 
_reflns.percent_possible_obs         99.9 
_reflns.pdbx_Rmerge_I_obs            ? 
_reflns.pdbx_Rsym_value              0.09 
_reflns.pdbx_netI_over_sigmaI        13.7 
_reflns.B_iso_Wilson_estimate        ? 
_reflns.pdbx_redundancy              40.4 
_reflns.R_free_details               ? 
_reflns.limit_h_max                  ? 
_reflns.limit_h_min                  ? 
_reflns.limit_k_max                  ? 
_reflns.limit_k_min                  ? 
_reflns.limit_l_max                  ? 
_reflns.limit_l_min                  ? 
_reflns.observed_criterion_F_max     ? 
_reflns.observed_criterion_F_min     ? 
_reflns.pdbx_chi_squared             ? 
_reflns.pdbx_scaling_rejects         ? 
_reflns.pdbx_ordinal                 1 
_reflns.pdbx_diffrn_id               1 
# 
_reflns_shell.d_res_high             1.76 
_reflns_shell.d_res_low              1.9 
_reflns_shell.percent_possible_all   100 
_reflns_shell.Rmerge_I_obs           ? 
_reflns_shell.pdbx_Rsym_value        0.828 
_reflns_shell.meanI_over_sigI_obs    7.8 
_reflns_shell.pdbx_redundancy        ? 
_reflns_shell.percent_possible_obs   ? 
_reflns_shell.number_unique_all      ? 
_reflns_shell.number_measured_all    ? 
_reflns_shell.number_measured_obs    ? 
_reflns_shell.number_unique_obs      ? 
_reflns_shell.pdbx_chi_squared       ? 
_reflns_shell.pdbx_ordinal           1 
_reflns_shell.pdbx_diffrn_id         1 
# 
_refine.entry_id                                 3FPU 
_refine.ls_number_reflns_obs                     18797 
_refine.ls_number_reflns_all                     18797 
_refine.pdbx_ls_sigma_I                          ? 
_refine.pdbx_ls_sigma_F                          ? 
_refine.pdbx_data_cutoff_high_absF               ? 
_refine.pdbx_data_cutoff_low_absF                ? 
_refine.pdbx_data_cutoff_high_rms_absF           ? 
_refine.ls_d_res_low                             50.00 
_refine.ls_d_res_high                            1.76 
_refine.ls_percent_reflns_obs                    99.84 
_refine.ls_R_factor_obs                          0.23398 
_refine.ls_R_factor_all                          0.23398 
_refine.ls_R_factor_R_work                       0.23133 
_refine.ls_R_factor_R_free                       0.28467 
_refine.ls_R_factor_R_free_error                 ? 
_refine.ls_R_factor_R_free_error_details         ? 
_refine.ls_percent_reflns_R_free                 5.1 
_refine.ls_number_reflns_R_free                  1015 
_refine.ls_number_parameters                     ? 
_refine.ls_number_restraints                     ? 
_refine.occupancy_min                            ? 
_refine.occupancy_max                            ? 
_refine.correlation_coeff_Fo_to_Fc               0.943 
_refine.correlation_coeff_Fo_to_Fc_free          0.911 
_refine.B_iso_mean                               33.301 
_refine.aniso_B[1][1]                            ? 
_refine.aniso_B[2][2]                            ? 
_refine.aniso_B[3][3]                            ? 
_refine.aniso_B[1][2]                            ? 
_refine.aniso_B[1][3]                            ? 
_refine.aniso_B[2][3]                            ? 
_refine.solvent_model_details                    MASK 
_refine.solvent_model_param_ksol                 ? 
_refine.solvent_model_param_bsol                 ? 
_refine.pdbx_solvent_vdw_probe_radii             1.20 
_refine.pdbx_solvent_ion_probe_radii             0.80 
_refine.pdbx_solvent_shrinkage_radii             0.80 
_refine.pdbx_ls_cross_valid_method               THROUGHOUT 
_refine.details                                  'HYDROGENS HAVE BEEN ADDED IN THE RIDING POSITIONS' 
_refine.pdbx_starting_model                      'pdb entry 3fpr' 
_refine.pdbx_method_to_determine_struct          'MOLECULAR REPLACEMENT' 
_refine.pdbx_isotropic_thermal_model             ? 
_refine.pdbx_stereochemistry_target_values       'MAXIMUM LIKELIHOOD' 
_refine.pdbx_stereochem_target_val_spec_case     ? 
_refine.pdbx_R_Free_selection_details            RANDOM 
_refine.pdbx_overall_ESU_R                       0.140 
_refine.pdbx_overall_ESU_R_Free                  0.143 
_refine.overall_SU_ML                            0.094 
_refine.overall_SU_B                             2.868 
_refine.ls_redundancy_reflns_obs                 ? 
_refine.B_iso_min                                ? 
_refine.B_iso_max                                ? 
_refine.overall_SU_R_Cruickshank_DPI             ? 
_refine.overall_SU_R_free                        ? 
_refine.ls_wR_factor_R_free                      ? 
_refine.ls_wR_factor_R_work                      ? 
_refine.overall_FOM_free_R_set                   ? 
_refine.overall_FOM_work_R_set                   ? 
_refine.pdbx_refine_id                           'X-RAY DIFFRACTION' 
_refine.pdbx_overall_phase_error                 ? 
_refine.pdbx_diffrn_id                           1 
_refine.pdbx_TLS_residual_ADP_flag               ? 
_refine.pdbx_overall_SU_R_free_Cruickshank_DPI   ? 
_refine.pdbx_overall_SU_R_Blow_DPI               ? 
_refine.pdbx_overall_SU_R_free_Blow_DPI          ? 
# 
_refine_hist.pdbx_refine_id                   'X-RAY DIFFRACTION' 
_refine_hist.cycle_id                         LAST 
_refine_hist.pdbx_number_atoms_protein        1308 
_refine_hist.pdbx_number_atoms_nucleic_acid   0 
_refine_hist.pdbx_number_atoms_ligand         2 
_refine_hist.number_atoms_solvent             160 
_refine_hist.number_atoms_total               1470 
_refine_hist.d_res_high                       1.76 
_refine_hist.d_res_low                        50.00 
# 
loop_
_refine_ls_restr.type 
_refine_ls_restr.dev_ideal 
_refine_ls_restr.dev_ideal_target 
_refine_ls_restr.weight 
_refine_ls_restr.number 
_refine_ls_restr.pdbx_refine_id 
_refine_ls_restr.pdbx_restraint_function 
r_bond_refined_d         0.016  0.021  ? 1347 'X-RAY DIFFRACTION' ? 
r_angle_refined_deg      1.639  1.940  ? 1832 'X-RAY DIFFRACTION' ? 
r_dihedral_angle_1_deg   6.566  5.000  ? 164  'X-RAY DIFFRACTION' ? 
r_dihedral_angle_2_deg   32.481 24.203 ? 69   'X-RAY DIFFRACTION' ? 
r_dihedral_angle_3_deg   14.420 15.000 ? 212  'X-RAY DIFFRACTION' ? 
r_dihedral_angle_4_deg   16.595 15.000 ? 9    'X-RAY DIFFRACTION' ? 
r_chiral_restr           0.123  0.200  ? 190  'X-RAY DIFFRACTION' ? 
r_gen_planes_refined     0.007  0.020  ? 1063 'X-RAY DIFFRACTION' ? 
r_nbd_refined            0.210  0.200  ? 570  'X-RAY DIFFRACTION' ? 
r_nbtor_refined          0.313  0.200  ? 906  'X-RAY DIFFRACTION' ? 
r_xyhbond_nbd_refined    0.153  0.200  ? 116  'X-RAY DIFFRACTION' ? 
r_symmetry_vdw_refined   0.256  0.200  ? 94   'X-RAY DIFFRACTION' ? 
r_symmetry_hbond_refined 0.189  0.200  ? 19   'X-RAY DIFFRACTION' ? 
r_mcbond_it              1.318  1.500  ? 845  'X-RAY DIFFRACTION' ? 
r_mcangle_it             2.275  2.000  ? 1341 'X-RAY DIFFRACTION' ? 
r_scbond_it              2.981  3.000  ? 565  'X-RAY DIFFRACTION' ? 
r_scangle_it             4.290  4.500  ? 491  'X-RAY DIFFRACTION' ? 
# 
_refine_ls_shell.pdbx_total_number_of_bins_used   20 
_refine_ls_shell.d_res_high                       1.761 
_refine_ls_shell.d_res_low                        1.807 
_refine_ls_shell.number_reflns_R_work             1371 
_refine_ls_shell.R_factor_R_work                  0.265 
_refine_ls_shell.percent_reflns_obs               100.00 
_refine_ls_shell.R_factor_R_free                  0.315 
_refine_ls_shell.R_factor_R_free_error            ? 
_refine_ls_shell.percent_reflns_R_free            ? 
_refine_ls_shell.number_reflns_R_free             75 
_refine_ls_shell.number_reflns_all                ? 
_refine_ls_shell.R_factor_all                     ? 
_refine_ls_shell.number_reflns_obs                ? 
_refine_ls_shell.redundancy_reflns_obs            ? 
_refine_ls_shell.pdbx_refine_id                   'X-RAY DIFFRACTION' 
# 
_struct.entry_id                  3FPU 
_struct.title                     'The crystallographic structure of the Complex between Evasin-1 and CCL3' 
_struct.pdbx_model_details        ? 
_struct.pdbx_CASP_flag            ? 
_struct.pdbx_model_type_details   ? 
# 
_struct_keywords.entry_id        3FPU 
_struct_keywords.pdbx_keywords   'IMMUNE SYSTEM' 
_struct_keywords.text            
'protein:protein complex, chemokine, Glycoprotein, Secreted, Chemotaxis, Cytokine, Inflammatory response, IMMUNE SYSTEM' 
# 
loop_
_struct_asym.id 
_struct_asym.pdbx_blank_PDB_chainid_flag 
_struct_asym.pdbx_modified 
_struct_asym.entity_id 
_struct_asym.details 
A N N 1 ? 
B N N 2 ? 
C N N 3 ? 
D N N 3 ? 
E N N 4 ? 
F N N 4 ? 
# 
loop_
_struct_ref.id 
_struct_ref.db_name 
_struct_ref.db_code 
_struct_ref.pdbx_db_accession 
_struct_ref.entity_id 
_struct_ref.pdbx_seq_one_letter_code 
_struct_ref.pdbx_align_begin 
_struct_ref.pdbx_db_isoform 
1 UNP EVA1_RHISA P0C8E7 1 
;EDDEDYGDLGGCPFLVAENKTGYPTIVACKQDCNGTTETAPNGTRCFSIGDEGLRRMTANLPYDCPLGQCSNGDCIPKET
YEVCYRRNWRDKKN
;
21 ? 
2 UNP CCL3_HUMAN P10147 2 SLAADTPTACCFSYTSRQIPQNFIADYFETSSQCSKPGVIFLTKRSRQVCADPSEEWVQKYVSDLELSA                             24 ? 
# 
loop_
_struct_ref_seq.align_id 
_struct_ref_seq.ref_id 
_struct_ref_seq.pdbx_PDB_id_code 
_struct_ref_seq.pdbx_strand_id 
_struct_ref_seq.seq_align_beg 
_struct_ref_seq.pdbx_seq_align_beg_ins_code 
_struct_ref_seq.seq_align_end 
_struct_ref_seq.pdbx_seq_align_end_ins_code 
_struct_ref_seq.pdbx_db_accession 
_struct_ref_seq.db_align_beg 
_struct_ref_seq.pdbx_db_align_beg_ins_code 
_struct_ref_seq.db_align_end 
_struct_ref_seq.pdbx_db_align_end_ins_code 
_struct_ref_seq.pdbx_auth_seq_align_beg 
_struct_ref_seq.pdbx_auth_seq_align_end 
1 1 3FPU A 1 ? 94 ? P0C8E7 21 ? 114 ? 1 94 
2 2 3FPU B 2 ? 70 ? P10147 24 ? 92  ? 2 70 
# 
loop_
_struct_ref_seq_dif.align_id 
_struct_ref_seq_dif.pdbx_pdb_id_code 
_struct_ref_seq_dif.mon_id 
_struct_ref_seq_dif.pdbx_pdb_strand_id 
_struct_ref_seq_dif.seq_num 
_struct_ref_seq_dif.pdbx_pdb_ins_code 
_struct_ref_seq_dif.pdbx_seq_db_name 
_struct_ref_seq_dif.pdbx_seq_db_accession_code 
_struct_ref_seq_dif.db_mon_id 
_struct_ref_seq_dif.pdbx_seq_db_seq_num 
_struct_ref_seq_dif.details 
_struct_ref_seq_dif.pdbx_auth_seq_num 
_struct_ref_seq_dif.pdbx_ordinal 
1 3FPU HIS A 95  ? UNP P0C8E7 ?   ?  'expression tag'      95  1 
1 3FPU HIS A 96  ? UNP P0C8E7 ?   ?  'expression tag'      96  2 
1 3FPU HIS A 97  ? UNP P0C8E7 ?   ?  'expression tag'      97  3 
1 3FPU HIS A 98  ? UNP P0C8E7 ?   ?  'expression tag'      98  4 
1 3FPU HIS A 99  ? UNP P0C8E7 ?   ?  'expression tag'      99  5 
1 3FPU HIS A 100 ? UNP P0C8E7 ?   ?  'expression tag'      100 6 
2 3FPU MET B 1   ? UNP P10147 ?   ?  'expression tag'      1   7 
2 3FPU THR B 10  ? UNP P10147 ALA 32 'engineered mutation' 10  8 
# 
_pdbx_struct_assembly.id                   1 
_pdbx_struct_assembly.details              author_and_software_defined_assembly 
_pdbx_struct_assembly.method_details       PISA 
_pdbx_struct_assembly.oligomeric_details   dimeric 
_pdbx_struct_assembly.oligomeric_count     2 
# 
loop_
_pdbx_struct_assembly_prop.biol_id 
_pdbx_struct_assembly_prop.type 
_pdbx_struct_assembly_prop.value 
_pdbx_struct_assembly_prop.details 
1 'ABSA (A^2)' 2690 ? 
1 MORE         -11  ? 
1 'SSA (A^2)'  9680 ? 
# 
_pdbx_struct_assembly_gen.assembly_id       1 
_pdbx_struct_assembly_gen.oper_expression   1 
_pdbx_struct_assembly_gen.asym_id_list      A,B,C,D,E,F 
# 
_pdbx_struct_oper_list.id                   1 
_pdbx_struct_oper_list.type                 'identity operation' 
_pdbx_struct_oper_list.name                 1_555 
_pdbx_struct_oper_list.symmetry_operation   x,y,z 
_pdbx_struct_oper_list.matrix[1][1]         1.0000000000 
_pdbx_struct_oper_list.matrix[1][2]         0.0000000000 
_pdbx_struct_oper_list.matrix[1][3]         0.0000000000 
_pdbx_struct_oper_list.vector[1]            0.0000000000 
_pdbx_struct_oper_list.matrix[2][1]         0.0000000000 
_pdbx_struct_oper_list.matrix[2][2]         1.0000000000 
_pdbx_struct_oper_list.matrix[2][3]         0.0000000000 
_pdbx_struct_oper_list.vector[2]            0.0000000000 
_pdbx_struct_oper_list.matrix[3][1]         0.0000000000 
_pdbx_struct_oper_list.matrix[3][2]         0.0000000000 
_pdbx_struct_oper_list.matrix[3][3]         1.0000000000 
_pdbx_struct_oper_list.vector[3]            0.0000000000 
# 
_struct_biol.id        1 
_struct_biol.details   ? 
# 
loop_
_struct_conf.conf_type_id 
_struct_conf.id 
_struct_conf.pdbx_PDB_helix_id 
_struct_conf.beg_label_comp_id 
_struct_conf.beg_label_asym_id 
_struct_conf.beg_label_seq_id 
_struct_conf.pdbx_beg_PDB_ins_code 
_struct_conf.end_label_comp_id 
_struct_conf.end_label_asym_id 
_struct_conf.end_label_seq_id 
_struct_conf.pdbx_end_PDB_ins_code 
_struct_conf.beg_auth_comp_id 
_struct_conf.beg_auth_asym_id 
_struct_conf.beg_auth_seq_id 
_struct_conf.end_auth_comp_id 
_struct_conf.end_auth_asym_id 
_struct_conf.end_auth_seq_id 
_struct_conf.pdbx_PDB_helix_class 
_struct_conf.details 
_struct_conf.pdbx_PDB_helix_length 
HELX_P HELX_P1 1 ILE A 49 ? MET A 57 ? ILE A 49 MET A 57 1 ? 9  
HELX_P HELX_P2 2 ASN A 88 ? LYS A 93 ? ASN A 88 LYS A 93 5 ? 6  
HELX_P HELX_P3 3 LEU B 3  ? THR B 7  ? LEU B 3  THR B 7  5 ? 5  
HELX_P HELX_P4 4 PRO B 21 ? ASN B 23 ? PRO B 21 ASN B 23 5 ? 3  
HELX_P HELX_P5 5 GLU B 56 ? LEU B 66 ? GLU B 56 LEU B 66 1 ? 11 
# 
_struct_conf_type.id          HELX_P 
_struct_conf_type.criteria    ? 
_struct_conf_type.reference   ? 
# 
loop_
_struct_conn.id 
_struct_conn.conn_type_id 
_struct_conn.pdbx_leaving_atom_flag 
_struct_conn.pdbx_PDB_id 
_struct_conn.ptnr1_label_asym_id 
_struct_conn.ptnr1_label_comp_id 
_struct_conn.ptnr1_label_seq_id 
_struct_conn.ptnr1_label_atom_id 
_struct_conn.pdbx_ptnr1_label_alt_id 
_struct_conn.pdbx_ptnr1_PDB_ins_code 
_struct_conn.pdbx_ptnr1_standard_comp_id 
_struct_conn.ptnr1_symmetry 
_struct_conn.ptnr2_label_asym_id 
_struct_conn.ptnr2_label_comp_id 
_struct_conn.ptnr2_label_seq_id 
_struct_conn.ptnr2_label_atom_id 
_struct_conn.pdbx_ptnr2_label_alt_id 
_struct_conn.pdbx_ptnr2_PDB_ins_code 
_struct_conn.ptnr1_auth_asym_id 
_struct_conn.ptnr1_auth_comp_id 
_struct_conn.ptnr1_auth_seq_id 
_struct_conn.ptnr2_auth_asym_id 
_struct_conn.ptnr2_auth_comp_id 
_struct_conn.ptnr2_auth_seq_id 
_struct_conn.ptnr2_symmetry 
_struct_conn.pdbx_ptnr3_label_atom_id 
_struct_conn.pdbx_ptnr3_label_seq_id 
_struct_conn.pdbx_ptnr3_label_comp_id 
_struct_conn.pdbx_ptnr3_label_asym_id 
_struct_conn.pdbx_ptnr3_label_alt_id 
_struct_conn.pdbx_ptnr3_PDB_ins_code 
_struct_conn.details 
_struct_conn.pdbx_dist_value 
_struct_conn.pdbx_value_order 
_struct_conn.pdbx_role 
disulf1 disulf ? ? A CYS 12  SG  ? ? ? 1_555 A CYS 33 SG ? ? A CYS 12  A CYS 33  1_555 ? ? ? ? ? ? ? 2.043 ? ? 
disulf2 disulf ? ? A CYS 29  SG  ? ? ? 1_555 A CYS 70 SG ? ? A CYS 29  A CYS 70  1_555 ? ? ? ? ? ? ? 2.018 ? ? 
disulf3 disulf ? ? A CYS 46  SG  ? ? ? 1_555 A CYS 75 SG ? ? A CYS 46  A CYS 75  1_555 ? ? ? ? ? ? ? 1.997 ? ? 
disulf4 disulf ? ? A CYS 65  SG  ? ? ? 1_555 A CYS 84 SG ? ? A CYS 65  A CYS 84  1_555 ? ? ? ? ? ? ? 1.993 ? ? 
disulf5 disulf ? ? B CYS 11  SG  ? ? ? 1_555 B CYS 35 SG ? ? B CYS 11  B CYS 35  1_555 ? ? ? ? ? ? ? 2.003 ? ? 
disulf6 disulf ? ? B CYS 12  SG  ? ? ? 1_555 B CYS 51 SG ? ? B CYS 12  B CYS 51  1_555 ? ? ? ? ? ? ? 2.078 ? ? 
metalc1 metalc ? ? A HIS 97  NE2 ? ? ? 1_555 C NI  .  NI ? ? A HIS 97  A NI  101 1_555 ? ? ? ? ? ? ? 2.219 ? ? 
metalc2 metalc ? ? A HIS 98  NE2 ? ? ? 1_555 D NI  .  NI ? ? A HIS 98  A NI  102 1_555 ? ? ? ? ? ? ? 2.179 ? ? 
metalc3 metalc ? ? A HIS 100 NE2 ? ? ? 1_555 D NI  .  NI ? ? A HIS 100 A NI  102 1_555 ? ? ? ? ? ? ? 2.124 ? ? 
# 
loop_
_struct_conn_type.id 
_struct_conn_type.criteria 
_struct_conn_type.reference 
disulf ? ? 
metalc ? ? 
# 
_pdbx_struct_conn_angle.id                    1 
_pdbx_struct_conn_angle.ptnr1_label_atom_id   NE2 
_pdbx_struct_conn_angle.ptnr1_label_alt_id    ? 
_pdbx_struct_conn_angle.ptnr1_label_asym_id   A 
_pdbx_struct_conn_angle.ptnr1_label_comp_id   HIS 
_pdbx_struct_conn_angle.ptnr1_label_seq_id    98 
_pdbx_struct_conn_angle.ptnr1_auth_atom_id    ? 
_pdbx_struct_conn_angle.ptnr1_auth_asym_id    A 
_pdbx_struct_conn_angle.ptnr1_auth_comp_id    HIS 
_pdbx_struct_conn_angle.ptnr1_auth_seq_id     98 
_pdbx_struct_conn_angle.ptnr1_PDB_ins_code    ? 
_pdbx_struct_conn_angle.ptnr1_symmetry        1_555 
_pdbx_struct_conn_angle.ptnr2_label_atom_id   NI 
_pdbx_struct_conn_angle.ptnr2_label_alt_id    ? 
_pdbx_struct_conn_angle.ptnr2_label_asym_id   D 
_pdbx_struct_conn_angle.ptnr2_label_comp_id   NI 
_pdbx_struct_conn_angle.ptnr2_label_seq_id    . 
_pdbx_struct_conn_angle.ptnr2_auth_atom_id    ? 
_pdbx_struct_conn_angle.ptnr2_auth_asym_id    A 
_pdbx_struct_conn_angle.ptnr2_auth_comp_id    NI 
_pdbx_struct_conn_angle.ptnr2_auth_seq_id     102 
_pdbx_struct_conn_angle.ptnr2_PDB_ins_code    ? 
_pdbx_struct_conn_angle.ptnr2_symmetry        1_555 
_pdbx_struct_conn_angle.ptnr3_label_atom_id   NE2 
_pdbx_struct_conn_angle.ptnr3_label_alt_id    ? 
_pdbx_struct_conn_angle.ptnr3_label_asym_id   A 
_pdbx_struct_conn_angle.ptnr3_label_comp_id   HIS 
_pdbx_struct_conn_angle.ptnr3_label_seq_id    100 
_pdbx_struct_conn_angle.ptnr3_auth_atom_id    ? 
_pdbx_struct_conn_angle.ptnr3_auth_asym_id    A 
_pdbx_struct_conn_angle.ptnr3_auth_comp_id    HIS 
_pdbx_struct_conn_angle.ptnr3_auth_seq_id     100 
_pdbx_struct_conn_angle.ptnr3_PDB_ins_code    ? 
_pdbx_struct_conn_angle.ptnr3_symmetry        1_555 
_pdbx_struct_conn_angle.value                 89.7 
_pdbx_struct_conn_angle.value_esd             ? 
# 
loop_
_pdbx_modification_feature.ordinal 
_pdbx_modification_feature.label_comp_id 
_pdbx_modification_feature.label_asym_id 
_pdbx_modification_feature.label_seq_id 
_pdbx_modification_feature.label_alt_id 
_pdbx_modification_feature.modified_residue_label_comp_id 
_pdbx_modification_feature.modified_residue_label_asym_id 
_pdbx_modification_feature.modified_residue_label_seq_id 
_pdbx_modification_feature.modified_residue_label_alt_id 
_pdbx_modification_feature.auth_comp_id 
_pdbx_modification_feature.auth_asym_id 
_pdbx_modification_feature.auth_seq_id 
_pdbx_modification_feature.PDB_ins_code 
_pdbx_modification_feature.symmetry 
_pdbx_modification_feature.modified_residue_auth_comp_id 
_pdbx_modification_feature.modified_residue_auth_asym_id 
_pdbx_modification_feature.modified_residue_auth_seq_id 
_pdbx_modification_feature.modified_residue_PDB_ins_code 
_pdbx_modification_feature.modified_residue_symmetry 
_pdbx_modification_feature.comp_id_linking_atom 
_pdbx_modification_feature.modified_residue_id_linking_atom 
_pdbx_modification_feature.modified_residue_id 
_pdbx_modification_feature.ref_pcm_id 
_pdbx_modification_feature.ref_comp_id 
_pdbx_modification_feature.type 
_pdbx_modification_feature.category 
1 CYS A 12 ? CYS A 33 ? CYS A 12 ? 1_555 CYS A 33 ? 1_555 SG SG . . . None 'Disulfide bridge' 
2 CYS A 29 ? CYS A 70 ? CYS A 29 ? 1_555 CYS A 70 ? 1_555 SG SG . . . None 'Disulfide bridge' 
3 CYS A 46 ? CYS A 75 ? CYS A 46 ? 1_555 CYS A 75 ? 1_555 SG SG . . . None 'Disulfide bridge' 
4 CYS A 65 ? CYS A 84 ? CYS A 65 ? 1_555 CYS A 84 ? 1_555 SG SG . . . None 'Disulfide bridge' 
5 CYS B 11 ? CYS B 35 ? CYS B 11 ? 1_555 CYS B 35 ? 1_555 SG SG . . . None 'Disulfide bridge' 
6 CYS B 12 ? CYS B 51 ? CYS B 12 ? 1_555 CYS B 51 ? 1_555 SG SG . . . None 'Disulfide bridge' 
# 
loop_
_struct_mon_prot_cis.pdbx_id 
_struct_mon_prot_cis.label_comp_id 
_struct_mon_prot_cis.label_seq_id 
_struct_mon_prot_cis.label_asym_id 
_struct_mon_prot_cis.label_alt_id 
_struct_mon_prot_cis.pdbx_PDB_ins_code 
_struct_mon_prot_cis.auth_comp_id 
_struct_mon_prot_cis.auth_seq_id 
_struct_mon_prot_cis.auth_asym_id 
_struct_mon_prot_cis.pdbx_label_comp_id_2 
_struct_mon_prot_cis.pdbx_label_seq_id_2 
_struct_mon_prot_cis.pdbx_label_asym_id_2 
_struct_mon_prot_cis.pdbx_PDB_ins_code_2 
_struct_mon_prot_cis.pdbx_auth_comp_id_2 
_struct_mon_prot_cis.pdbx_auth_seq_id_2 
_struct_mon_prot_cis.pdbx_auth_asym_id_2 
_struct_mon_prot_cis.pdbx_PDB_model_num 
_struct_mon_prot_cis.pdbx_omega_angle 
1 ASP 2 A . ? ASP 2 A ASP 3 A ? ASP 3 A 1 -2.30  
2 SER 2 B . ? SER 2 B LEU 3 B ? LEU 3 B 1 -17.08 
# 
loop_
_struct_sheet.id 
_struct_sheet.type 
_struct_sheet.number_strands 
_struct_sheet.details 
A ? 3 ? 
B ? 2 ? 
C ? 3 ? 
D ? 3 ? 
# 
loop_
_struct_sheet_order.sheet_id 
_struct_sheet_order.range_id_1 
_struct_sheet_order.range_id_2 
_struct_sheet_order.offset 
_struct_sheet_order.sense 
A 1 2 ? anti-parallel 
A 2 3 ? anti-parallel 
B 1 2 ? anti-parallel 
C 1 2 ? anti-parallel 
C 2 3 ? anti-parallel 
D 1 2 ? anti-parallel 
D 2 3 ? anti-parallel 
# 
loop_
_struct_sheet_range.sheet_id 
_struct_sheet_range.id 
_struct_sheet_range.beg_label_comp_id 
_struct_sheet_range.beg_label_asym_id 
_struct_sheet_range.beg_label_seq_id 
_struct_sheet_range.pdbx_beg_PDB_ins_code 
_struct_sheet_range.end_label_comp_id 
_struct_sheet_range.end_label_asym_id 
_struct_sheet_range.end_label_seq_id 
_struct_sheet_range.pdbx_end_PDB_ins_code 
_struct_sheet_range.beg_auth_comp_id 
_struct_sheet_range.beg_auth_asym_id 
_struct_sheet_range.beg_auth_seq_id 
_struct_sheet_range.end_auth_comp_id 
_struct_sheet_range.end_auth_asym_id 
_struct_sheet_range.end_auth_seq_id 
A 1 PRO A 24 ? ILE A 26 ? PRO A 24 ILE A 26 
A 2 PHE A 14 ? GLU A 18 ? PHE A 14 GLU A 18 
A 3 THR B 10 ? CYS B 11 ? THR B 10 CYS B 11 
B 1 LYS A 30 ? CYS A 33 ? LYS A 30 CYS A 33 
B 2 THR A 36 ? THR A 39 ? THR A 36 THR A 39 
C 1 ARG A 45 ? PHE A 47 ? ARG A 45 PHE A 47 
C 2 TYR A 63 ? SER A 71 ? TYR A 63 SER A 71 
C 3 ASP A 74 ? CYS A 84 ? ASP A 74 CYS A 84 
D 1 ILE B 25 ? GLU B 30 ? ILE B 25 GLU B 30 
D 2 VAL B 40 ? THR B 44 ? VAL B 40 THR B 44 
D 3 GLN B 49 ? ALA B 52 ? GLN B 49 ALA B 52 
# 
loop_
_pdbx_struct_sheet_hbond.sheet_id 
_pdbx_struct_sheet_hbond.range_id_1 
_pdbx_struct_sheet_hbond.range_id_2 
_pdbx_struct_sheet_hbond.range_1_label_atom_id 
_pdbx_struct_sheet_hbond.range_1_label_comp_id 
_pdbx_struct_sheet_hbond.range_1_label_asym_id 
_pdbx_struct_sheet_hbond.range_1_label_seq_id 
_pdbx_struct_sheet_hbond.range_1_PDB_ins_code 
_pdbx_struct_sheet_hbond.range_1_auth_atom_id 
_pdbx_struct_sheet_hbond.range_1_auth_comp_id 
_pdbx_struct_sheet_hbond.range_1_auth_asym_id 
_pdbx_struct_sheet_hbond.range_1_auth_seq_id 
_pdbx_struct_sheet_hbond.range_2_label_atom_id 
_pdbx_struct_sheet_hbond.range_2_label_comp_id 
_pdbx_struct_sheet_hbond.range_2_label_asym_id 
_pdbx_struct_sheet_hbond.range_2_label_seq_id 
_pdbx_struct_sheet_hbond.range_2_PDB_ins_code 
_pdbx_struct_sheet_hbond.range_2_auth_atom_id 
_pdbx_struct_sheet_hbond.range_2_auth_comp_id 
_pdbx_struct_sheet_hbond.range_2_auth_asym_id 
_pdbx_struct_sheet_hbond.range_2_auth_seq_id 
A 1 2 O THR A 25 ? O THR A 25 N ALA A 17 ? N ALA A 17 
A 2 3 N PHE A 14 ? N PHE A 14 O CYS B 11 ? O CYS B 11 
B 1 2 N CYS A 33 ? N CYS A 33 O THR A 36 ? O THR A 36 
C 1 2 N CYS A 46 ? N CYS A 46 O GLY A 68 ? O GLY A 68 
C 2 3 N CYS A 65 ? N CYS A 65 O GLU A 82 ? O GLU A 82 
D 1 2 N ALA B 26 ? N ALA B 26 O LEU B 43 ? O LEU B 43 
D 2 3 N VAL B 40 ? N VAL B 40 O ALA B 52 ? O ALA B 52 
# 
loop_
_struct_site.id 
_struct_site.pdbx_evidence_code 
_struct_site.pdbx_auth_asym_id 
_struct_site.pdbx_auth_comp_id 
_struct_site.pdbx_auth_seq_id 
_struct_site.pdbx_auth_ins_code 
_struct_site.pdbx_num_residues 
_struct_site.details 
AC1 Software A NI 101 ? 1 'BINDING SITE FOR RESIDUE NI A 101' 
AC2 Software A NI 102 ? 2 'BINDING SITE FOR RESIDUE NI A 102' 
# 
loop_
_struct_site_gen.id 
_struct_site_gen.site_id 
_struct_site_gen.pdbx_num_res 
_struct_site_gen.label_comp_id 
_struct_site_gen.label_asym_id 
_struct_site_gen.label_seq_id 
_struct_site_gen.pdbx_auth_ins_code 
_struct_site_gen.auth_comp_id 
_struct_site_gen.auth_asym_id 
_struct_site_gen.auth_seq_id 
_struct_site_gen.label_atom_id 
_struct_site_gen.label_alt_id 
_struct_site_gen.symmetry 
_struct_site_gen.details 
1 AC1 1 HIS A 97  ? HIS A 97  . ? 1_555 ? 
2 AC2 2 HIS A 98  ? HIS A 98  . ? 1_555 ? 
3 AC2 2 HIS A 100 ? HIS A 100 . ? 1_555 ? 
# 
_pdbx_entry_details.entry_id                   3FPU 
_pdbx_entry_details.compound_details           ? 
_pdbx_entry_details.source_details             ? 
_pdbx_entry_details.nonpolymer_details         ? 
_pdbx_entry_details.sequence_details           ? 
_pdbx_entry_details.has_ligand_of_interest     ? 
_pdbx_entry_details.has_protein_modification   Y 
# 
_pdbx_validate_symm_contact.id                1 
_pdbx_validate_symm_contact.PDB_model_num     1 
_pdbx_validate_symm_contact.auth_atom_id_1    O 
_pdbx_validate_symm_contact.auth_asym_id_1    A 
_pdbx_validate_symm_contact.auth_comp_id_1    HOH 
_pdbx_validate_symm_contact.auth_seq_id_1     163 
_pdbx_validate_symm_contact.PDB_ins_code_1    ? 
_pdbx_validate_symm_contact.label_alt_id_1    ? 
_pdbx_validate_symm_contact.site_symmetry_1   1_555 
_pdbx_validate_symm_contact.auth_atom_id_2    O 
_pdbx_validate_symm_contact.auth_asym_id_2    A 
_pdbx_validate_symm_contact.auth_comp_id_2    HOH 
_pdbx_validate_symm_contact.auth_seq_id_2     187 
_pdbx_validate_symm_contact.PDB_ins_code_2    ? 
_pdbx_validate_symm_contact.label_alt_id_2    ? 
_pdbx_validate_symm_contact.site_symmetry_2   5_555 
_pdbx_validate_symm_contact.dist              2.15 
# 
loop_
_pdbx_validate_rmsd_bond.id 
_pdbx_validate_rmsd_bond.PDB_model_num 
_pdbx_validate_rmsd_bond.auth_atom_id_1 
_pdbx_validate_rmsd_bond.auth_asym_id_1 
_pdbx_validate_rmsd_bond.auth_comp_id_1 
_pdbx_validate_rmsd_bond.auth_seq_id_1 
_pdbx_validate_rmsd_bond.PDB_ins_code_1 
_pdbx_validate_rmsd_bond.label_alt_id_1 
_pdbx_validate_rmsd_bond.auth_atom_id_2 
_pdbx_validate_rmsd_bond.auth_asym_id_2 
_pdbx_validate_rmsd_bond.auth_comp_id_2 
_pdbx_validate_rmsd_bond.auth_seq_id_2 
_pdbx_validate_rmsd_bond.PDB_ins_code_2 
_pdbx_validate_rmsd_bond.label_alt_id_2 
_pdbx_validate_rmsd_bond.bond_value 
_pdbx_validate_rmsd_bond.bond_target_value 
_pdbx_validate_rmsd_bond.bond_deviation 
_pdbx_validate_rmsd_bond.bond_standard_deviation 
_pdbx_validate_rmsd_bond.linker_flag 
1 1 CB A CYS 65 ? ? SG A CYS 65 ? ? 1.953 1.818 0.135  0.017 N 
2 1 CB A CYS 84 ? ? SG A CYS 84 ? ? 1.687 1.812 -0.125 0.016 N 
# 
loop_
_pdbx_validate_torsion.id 
_pdbx_validate_torsion.PDB_model_num 
_pdbx_validate_torsion.auth_comp_id 
_pdbx_validate_torsion.auth_asym_id 
_pdbx_validate_torsion.auth_seq_id 
_pdbx_validate_torsion.PDB_ins_code 
_pdbx_validate_torsion.label_alt_id 
_pdbx_validate_torsion.phi 
_pdbx_validate_torsion.psi 
1 1 ASP A 2  ? ? 69.20   123.14  
2 1 ASN A 34 ? ? 53.24   -130.00 
3 1 LYS A 78 ? ? -104.08 -164.02 
4 1 ASN A 94 ? ? 55.23   -175.85 
5 1 LEU B 66 ? ? -78.19  38.92   
# 
loop_
_pdbx_struct_special_symmetry.id 
_pdbx_struct_special_symmetry.PDB_model_num 
_pdbx_struct_special_symmetry.auth_asym_id 
_pdbx_struct_special_symmetry.auth_comp_id 
_pdbx_struct_special_symmetry.auth_seq_id 
_pdbx_struct_special_symmetry.PDB_ins_code 
_pdbx_struct_special_symmetry.label_asym_id 
_pdbx_struct_special_symmetry.label_comp_id 
_pdbx_struct_special_symmetry.label_seq_id 
1 1 A NI  101 ? C NI  . 
2 1 A NI  102 ? D NI  . 
3 1 B HOH 71  ? F HOH . 
# 
loop_
_pdbx_unobs_or_zero_occ_residues.id 
_pdbx_unobs_or_zero_occ_residues.PDB_model_num 
_pdbx_unobs_or_zero_occ_residues.polymer_flag 
_pdbx_unobs_or_zero_occ_residues.occupancy_flag 
_pdbx_unobs_or_zero_occ_residues.auth_asym_id 
_pdbx_unobs_or_zero_occ_residues.auth_comp_id 
_pdbx_unobs_or_zero_occ_residues.auth_seq_id 
_pdbx_unobs_or_zero_occ_residues.PDB_ins_code 
_pdbx_unobs_or_zero_occ_residues.label_asym_id 
_pdbx_unobs_or_zero_occ_residues.label_comp_id 
_pdbx_unobs_or_zero_occ_residues.label_seq_id 
1 1 Y 1 B MET 1  ? B MET 1  
2 1 Y 1 B LEU 68 ? B LEU 68 
3 1 Y 1 B SER 69 ? B SER 69 
4 1 Y 1 B ALA 70 ? B ALA 70 
# 
loop_
_chem_comp_atom.comp_id 
_chem_comp_atom.atom_id 
_chem_comp_atom.type_symbol 
_chem_comp_atom.pdbx_aromatic_flag 
_chem_comp_atom.pdbx_stereo_config 
_chem_comp_atom.pdbx_ordinal 
ALA N    N  N N 1   
ALA CA   C  N S 2   
ALA C    C  N N 3   
ALA O    O  N N 4   
ALA CB   C  N N 5   
ALA OXT  O  N N 6   
ALA H    H  N N 7   
ALA H2   H  N N 8   
ALA HA   H  N N 9   
ALA HB1  H  N N 10  
ALA HB2  H  N N 11  
ALA HB3  H  N N 12  
ALA HXT  H  N N 13  
ARG N    N  N N 14  
ARG CA   C  N S 15  
ARG C    C  N N 16  
ARG O    O  N N 17  
ARG CB   C  N N 18  
ARG CG   C  N N 19  
ARG CD   C  N N 20  
ARG NE   N  N N 21  
ARG CZ   C  N N 22  
ARG NH1  N  N N 23  
ARG NH2  N  N N 24  
ARG OXT  O  N N 25  
ARG H    H  N N 26  
ARG H2   H  N N 27  
ARG HA   H  N N 28  
ARG HB2  H  N N 29  
ARG HB3  H  N N 30  
ARG HG2  H  N N 31  
ARG HG3  H  N N 32  
ARG HD2  H  N N 33  
ARG HD3  H  N N 34  
ARG HE   H  N N 35  
ARG HH11 H  N N 36  
ARG HH12 H  N N 37  
ARG HH21 H  N N 38  
ARG HH22 H  N N 39  
ARG HXT  H  N N 40  
ASN N    N  N N 41  
ASN CA   C  N S 42  
ASN C    C  N N 43  
ASN O    O  N N 44  
ASN CB   C  N N 45  
ASN CG   C  N N 46  
ASN OD1  O  N N 47  
ASN ND2  N  N N 48  
ASN OXT  O  N N 49  
ASN H    H  N N 50  
ASN H2   H  N N 51  
ASN HA   H  N N 52  
ASN HB2  H  N N 53  
ASN HB3  H  N N 54  
ASN HD21 H  N N 55  
ASN HD22 H  N N 56  
ASN HXT  H  N N 57  
ASP N    N  N N 58  
ASP CA   C  N S 59  
ASP C    C  N N 60  
ASP O    O  N N 61  
ASP CB   C  N N 62  
ASP CG   C  N N 63  
ASP OD1  O  N N 64  
ASP OD2  O  N N 65  
ASP OXT  O  N N 66  
ASP H    H  N N 67  
ASP H2   H  N N 68  
ASP HA   H  N N 69  
ASP HB2  H  N N 70  
ASP HB3  H  N N 71  
ASP HD2  H  N N 72  
ASP HXT  H  N N 73  
CYS N    N  N N 74  
CYS CA   C  N R 75  
CYS C    C  N N 76  
CYS O    O  N N 77  
CYS CB   C  N N 78  
CYS SG   S  N N 79  
CYS OXT  O  N N 80  
CYS H    H  N N 81  
CYS H2   H  N N 82  
CYS HA   H  N N 83  
CYS HB2  H  N N 84  
CYS HB3  H  N N 85  
CYS HG   H  N N 86  
CYS HXT  H  N N 87  
GLN N    N  N N 88  
GLN CA   C  N S 89  
GLN C    C  N N 90  
GLN O    O  N N 91  
GLN CB   C  N N 92  
GLN CG   C  N N 93  
GLN CD   C  N N 94  
GLN OE1  O  N N 95  
GLN NE2  N  N N 96  
GLN OXT  O  N N 97  
GLN H    H  N N 98  
GLN H2   H  N N 99  
GLN HA   H  N N 100 
GLN HB2  H  N N 101 
GLN HB3  H  N N 102 
GLN HG2  H  N N 103 
GLN HG3  H  N N 104 
GLN HE21 H  N N 105 
GLN HE22 H  N N 106 
GLN HXT  H  N N 107 
GLU N    N  N N 108 
GLU CA   C  N S 109 
GLU C    C  N N 110 
GLU O    O  N N 111 
GLU CB   C  N N 112 
GLU CG   C  N N 113 
GLU CD   C  N N 114 
GLU OE1  O  N N 115 
GLU OE2  O  N N 116 
GLU OXT  O  N N 117 
GLU H    H  N N 118 
GLU H2   H  N N 119 
GLU HA   H  N N 120 
GLU HB2  H  N N 121 
GLU HB3  H  N N 122 
GLU HG2  H  N N 123 
GLU HG3  H  N N 124 
GLU HE2  H  N N 125 
GLU HXT  H  N N 126 
GLY N    N  N N 127 
GLY CA   C  N N 128 
GLY C    C  N N 129 
GLY O    O  N N 130 
GLY OXT  O  N N 131 
GLY H    H  N N 132 
GLY H2   H  N N 133 
GLY HA2  H  N N 134 
GLY HA3  H  N N 135 
GLY HXT  H  N N 136 
HIS N    N  N N 137 
HIS CA   C  N S 138 
HIS C    C  N N 139 
HIS O    O  N N 140 
HIS CB   C  N N 141 
HIS CG   C  Y N 142 
HIS ND1  N  Y N 143 
HIS CD2  C  Y N 144 
HIS CE1  C  Y N 145 
HIS NE2  N  Y N 146 
HIS OXT  O  N N 147 
HIS H    H  N N 148 
HIS H2   H  N N 149 
HIS HA   H  N N 150 
HIS HB2  H  N N 151 
HIS HB3  H  N N 152 
HIS HD1  H  N N 153 
HIS HD2  H  N N 154 
HIS HE1  H  N N 155 
HIS HE2  H  N N 156 
HIS HXT  H  N N 157 
HOH O    O  N N 158 
HOH H1   H  N N 159 
HOH H2   H  N N 160 
ILE N    N  N N 161 
ILE CA   C  N S 162 
ILE C    C  N N 163 
ILE O    O  N N 164 
ILE CB   C  N S 165 
ILE CG1  C  N N 166 
ILE CG2  C  N N 167 
ILE CD1  C  N N 168 
ILE OXT  O  N N 169 
ILE H    H  N N 170 
ILE H2   H  N N 171 
ILE HA   H  N N 172 
ILE HB   H  N N 173 
ILE HG12 H  N N 174 
ILE HG13 H  N N 175 
ILE HG21 H  N N 176 
ILE HG22 H  N N 177 
ILE HG23 H  N N 178 
ILE HD11 H  N N 179 
ILE HD12 H  N N 180 
ILE HD13 H  N N 181 
ILE HXT  H  N N 182 
LEU N    N  N N 183 
LEU CA   C  N S 184 
LEU C    C  N N 185 
LEU O    O  N N 186 
LEU CB   C  N N 187 
LEU CG   C  N N 188 
LEU CD1  C  N N 189 
LEU CD2  C  N N 190 
LEU OXT  O  N N 191 
LEU H    H  N N 192 
LEU H2   H  N N 193 
LEU HA   H  N N 194 
LEU HB2  H  N N 195 
LEU HB3  H  N N 196 
LEU HG   H  N N 197 
LEU HD11 H  N N 198 
LEU HD12 H  N N 199 
LEU HD13 H  N N 200 
LEU HD21 H  N N 201 
LEU HD22 H  N N 202 
LEU HD23 H  N N 203 
LEU HXT  H  N N 204 
LYS N    N  N N 205 
LYS CA   C  N S 206 
LYS C    C  N N 207 
LYS O    O  N N 208 
LYS CB   C  N N 209 
LYS CG   C  N N 210 
LYS CD   C  N N 211 
LYS CE   C  N N 212 
LYS NZ   N  N N 213 
LYS OXT  O  N N 214 
LYS H    H  N N 215 
LYS H2   H  N N 216 
LYS HA   H  N N 217 
LYS HB2  H  N N 218 
LYS HB3  H  N N 219 
LYS HG2  H  N N 220 
LYS HG3  H  N N 221 
LYS HD2  H  N N 222 
LYS HD3  H  N N 223 
LYS HE2  H  N N 224 
LYS HE3  H  N N 225 
LYS HZ1  H  N N 226 
LYS HZ2  H  N N 227 
LYS HZ3  H  N N 228 
LYS HXT  H  N N 229 
MET N    N  N N 230 
MET CA   C  N S 231 
MET C    C  N N 232 
MET O    O  N N 233 
MET CB   C  N N 234 
MET CG   C  N N 235 
MET SD   S  N N 236 
MET CE   C  N N 237 
MET OXT  O  N N 238 
MET H    H  N N 239 
MET H2   H  N N 240 
MET HA   H  N N 241 
MET HB2  H  N N 242 
MET HB3  H  N N 243 
MET HG2  H  N N 244 
MET HG3  H  N N 245 
MET HE1  H  N N 246 
MET HE2  H  N N 247 
MET HE3  H  N N 248 
MET HXT  H  N N 249 
NI  NI   NI N N 250 
PHE N    N  N N 251 
PHE CA   C  N S 252 
PHE C    C  N N 253 
PHE O    O  N N 254 
PHE CB   C  N N 255 
PHE CG   C  Y N 256 
PHE CD1  C  Y N 257 
PHE CD2  C  Y N 258 
PHE CE1  C  Y N 259 
PHE CE2  C  Y N 260 
PHE CZ   C  Y N 261 
PHE OXT  O  N N 262 
PHE H    H  N N 263 
PHE H2   H  N N 264 
PHE HA   H  N N 265 
PHE HB2  H  N N 266 
PHE HB3  H  N N 267 
PHE HD1  H  N N 268 
PHE HD2  H  N N 269 
PHE HE1  H  N N 270 
PHE HE2  H  N N 271 
PHE HZ   H  N N 272 
PHE HXT  H  N N 273 
PRO N    N  N N 274 
PRO CA   C  N S 275 
PRO C    C  N N 276 
PRO O    O  N N 277 
PRO CB   C  N N 278 
PRO CG   C  N N 279 
PRO CD   C  N N 280 
PRO OXT  O  N N 281 
PRO H    H  N N 282 
PRO HA   H  N N 283 
PRO HB2  H  N N 284 
PRO HB3  H  N N 285 
PRO HG2  H  N N 286 
PRO HG3  H  N N 287 
PRO HD2  H  N N 288 
PRO HD3  H  N N 289 
PRO HXT  H  N N 290 
SER N    N  N N 291 
SER CA   C  N S 292 
SER C    C  N N 293 
SER O    O  N N 294 
SER CB   C  N N 295 
SER OG   O  N N 296 
SER OXT  O  N N 297 
SER H    H  N N 298 
SER H2   H  N N 299 
SER HA   H  N N 300 
SER HB2  H  N N 301 
SER HB3  H  N N 302 
SER HG   H  N N 303 
SER HXT  H  N N 304 
THR N    N  N N 305 
THR CA   C  N S 306 
THR C    C  N N 307 
THR O    O  N N 308 
THR CB   C  N R 309 
THR OG1  O  N N 310 
THR CG2  C  N N 311 
THR OXT  O  N N 312 
THR H    H  N N 313 
THR H2   H  N N 314 
THR HA   H  N N 315 
THR HB   H  N N 316 
THR HG1  H  N N 317 
THR HG21 H  N N 318 
THR HG22 H  N N 319 
THR HG23 H  N N 320 
THR HXT  H  N N 321 
TRP N    N  N N 322 
TRP CA   C  N S 323 
TRP C    C  N N 324 
TRP O    O  N N 325 
TRP CB   C  N N 326 
TRP CG   C  Y N 327 
TRP CD1  C  Y N 328 
TRP CD2  C  Y N 329 
TRP NE1  N  Y N 330 
TRP CE2  C  Y N 331 
TRP CE3  C  Y N 332 
TRP CZ2  C  Y N 333 
TRP CZ3  C  Y N 334 
TRP CH2  C  Y N 335 
TRP OXT  O  N N 336 
TRP H    H  N N 337 
TRP H2   H  N N 338 
TRP HA   H  N N 339 
TRP HB2  H  N N 340 
TRP HB3  H  N N 341 
TRP HD1  H  N N 342 
TRP HE1  H  N N 343 
TRP HE3  H  N N 344 
TRP HZ2  H  N N 345 
TRP HZ3  H  N N 346 
TRP HH2  H  N N 347 
TRP HXT  H  N N 348 
TYR N    N  N N 349 
TYR CA   C  N S 350 
TYR C    C  N N 351 
TYR O    O  N N 352 
TYR CB   C  N N 353 
TYR CG   C  Y N 354 
TYR CD1  C  Y N 355 
TYR CD2  C  Y N 356 
TYR CE1  C  Y N 357 
TYR CE2  C  Y N 358 
TYR CZ   C  Y N 359 
TYR OH   O  N N 360 
TYR OXT  O  N N 361 
TYR H    H  N N 362 
TYR H2   H  N N 363 
TYR HA   H  N N 364 
TYR HB2  H  N N 365 
TYR HB3  H  N N 366 
TYR HD1  H  N N 367 
TYR HD2  H  N N 368 
TYR HE1  H  N N 369 
TYR HE2  H  N N 370 
TYR HH   H  N N 371 
TYR HXT  H  N N 372 
VAL N    N  N N 373 
VAL CA   C  N S 374 
VAL C    C  N N 375 
VAL O    O  N N 376 
VAL CB   C  N N 377 
VAL CG1  C  N N 378 
VAL CG2  C  N N 379 
VAL OXT  O  N N 380 
VAL H    H  N N 381 
VAL H2   H  N N 382 
VAL HA   H  N N 383 
VAL HB   H  N N 384 
VAL HG11 H  N N 385 
VAL HG12 H  N N 386 
VAL HG13 H  N N 387 
VAL HG21 H  N N 388 
VAL HG22 H  N N 389 
VAL HG23 H  N N 390 
VAL HXT  H  N N 391 
# 
loop_
_chem_comp_bond.comp_id 
_chem_comp_bond.atom_id_1 
_chem_comp_bond.atom_id_2 
_chem_comp_bond.value_order 
_chem_comp_bond.pdbx_aromatic_flag 
_chem_comp_bond.pdbx_stereo_config 
_chem_comp_bond.pdbx_ordinal 
ALA N   CA   sing N N 1   
ALA N   H    sing N N 2   
ALA N   H2   sing N N 3   
ALA CA  C    sing N N 4   
ALA CA  CB   sing N N 5   
ALA CA  HA   sing N N 6   
ALA C   O    doub N N 7   
ALA C   OXT  sing N N 8   
ALA CB  HB1  sing N N 9   
ALA CB  HB2  sing N N 10  
ALA CB  HB3  sing N N 11  
ALA OXT HXT  sing N N 12  
ARG N   CA   sing N N 13  
ARG N   H    sing N N 14  
ARG N   H2   sing N N 15  
ARG CA  C    sing N N 16  
ARG CA  CB   sing N N 17  
ARG CA  HA   sing N N 18  
ARG C   O    doub N N 19  
ARG C   OXT  sing N N 20  
ARG CB  CG   sing N N 21  
ARG CB  HB2  sing N N 22  
ARG CB  HB3  sing N N 23  
ARG CG  CD   sing N N 24  
ARG CG  HG2  sing N N 25  
ARG CG  HG3  sing N N 26  
ARG CD  NE   sing N N 27  
ARG CD  HD2  sing N N 28  
ARG CD  HD3  sing N N 29  
ARG NE  CZ   sing N N 30  
ARG NE  HE   sing N N 31  
ARG CZ  NH1  sing N N 32  
ARG CZ  NH2  doub N N 33  
ARG NH1 HH11 sing N N 34  
ARG NH1 HH12 sing N N 35  
ARG NH2 HH21 sing N N 36  
ARG NH2 HH22 sing N N 37  
ARG OXT HXT  sing N N 38  
ASN N   CA   sing N N 39  
ASN N   H    sing N N 40  
ASN N   H2   sing N N 41  
ASN CA  C    sing N N 42  
ASN CA  CB   sing N N 43  
ASN CA  HA   sing N N 44  
ASN C   O    doub N N 45  
ASN C   OXT  sing N N 46  
ASN CB  CG   sing N N 47  
ASN CB  HB2  sing N N 48  
ASN CB  HB3  sing N N 49  
ASN CG  OD1  doub N N 50  
ASN CG  ND2  sing N N 51  
ASN ND2 HD21 sing N N 52  
ASN ND2 HD22 sing N N 53  
ASN OXT HXT  sing N N 54  
ASP N   CA   sing N N 55  
ASP N   H    sing N N 56  
ASP N   H2   sing N N 57  
ASP CA  C    sing N N 58  
ASP CA  CB   sing N N 59  
ASP CA  HA   sing N N 60  
ASP C   O    doub N N 61  
ASP C   OXT  sing N N 62  
ASP CB  CG   sing N N 63  
ASP CB  HB2  sing N N 64  
ASP CB  HB3  sing N N 65  
ASP CG  OD1  doub N N 66  
ASP CG  OD2  sing N N 67  
ASP OD2 HD2  sing N N 68  
ASP OXT HXT  sing N N 69  
CYS N   CA   sing N N 70  
CYS N   H    sing N N 71  
CYS N   H2   sing N N 72  
CYS CA  C    sing N N 73  
CYS CA  CB   sing N N 74  
CYS CA  HA   sing N N 75  
CYS C   O    doub N N 76  
CYS C   OXT  sing N N 77  
CYS CB  SG   sing N N 78  
CYS CB  HB2  sing N N 79  
CYS CB  HB3  sing N N 80  
CYS SG  HG   sing N N 81  
CYS OXT HXT  sing N N 82  
GLN N   CA   sing N N 83  
GLN N   H    sing N N 84  
GLN N   H2   sing N N 85  
GLN CA  C    sing N N 86  
GLN CA  CB   sing N N 87  
GLN CA  HA   sing N N 88  
GLN C   O    doub N N 89  
GLN C   OXT  sing N N 90  
GLN CB  CG   sing N N 91  
GLN CB  HB2  sing N N 92  
GLN CB  HB3  sing N N 93  
GLN CG  CD   sing N N 94  
GLN CG  HG2  sing N N 95  
GLN CG  HG3  sing N N 96  
GLN CD  OE1  doub N N 97  
GLN CD  NE2  sing N N 98  
GLN NE2 HE21 sing N N 99  
GLN NE2 HE22 sing N N 100 
GLN OXT HXT  sing N N 101 
GLU N   CA   sing N N 102 
GLU N   H    sing N N 103 
GLU N   H2   sing N N 104 
GLU CA  C    sing N N 105 
GLU CA  CB   sing N N 106 
GLU CA  HA   sing N N 107 
GLU C   O    doub N N 108 
GLU C   OXT  sing N N 109 
GLU CB  CG   sing N N 110 
GLU CB  HB2  sing N N 111 
GLU CB  HB3  sing N N 112 
GLU CG  CD   sing N N 113 
GLU CG  HG2  sing N N 114 
GLU CG  HG3  sing N N 115 
GLU CD  OE1  doub N N 116 
GLU CD  OE2  sing N N 117 
GLU OE2 HE2  sing N N 118 
GLU OXT HXT  sing N N 119 
GLY N   CA   sing N N 120 
GLY N   H    sing N N 121 
GLY N   H2   sing N N 122 
GLY CA  C    sing N N 123 
GLY CA  HA2  sing N N 124 
GLY CA  HA3  sing N N 125 
GLY C   O    doub N N 126 
GLY C   OXT  sing N N 127 
GLY OXT HXT  sing N N 128 
HIS N   CA   sing N N 129 
HIS N   H    sing N N 130 
HIS N   H2   sing N N 131 
HIS CA  C    sing N N 132 
HIS CA  CB   sing N N 133 
HIS CA  HA   sing N N 134 
HIS C   O    doub N N 135 
HIS C   OXT  sing N N 136 
HIS CB  CG   sing N N 137 
HIS CB  HB2  sing N N 138 
HIS CB  HB3  sing N N 139 
HIS CG  ND1  sing Y N 140 
HIS CG  CD2  doub Y N 141 
HIS ND1 CE1  doub Y N 142 
HIS ND1 HD1  sing N N 143 
HIS CD2 NE2  sing Y N 144 
HIS CD2 HD2  sing N N 145 
HIS CE1 NE2  sing Y N 146 
HIS CE1 HE1  sing N N 147 
HIS NE2 HE2  sing N N 148 
HIS OXT HXT  sing N N 149 
HOH O   H1   sing N N 150 
HOH O   H2   sing N N 151 
ILE N   CA   sing N N 152 
ILE N   H    sing N N 153 
ILE N   H2   sing N N 154 
ILE CA  C    sing N N 155 
ILE CA  CB   sing N N 156 
ILE CA  HA   sing N N 157 
ILE C   O    doub N N 158 
ILE C   OXT  sing N N 159 
ILE CB  CG1  sing N N 160 
ILE CB  CG2  sing N N 161 
ILE CB  HB   sing N N 162 
ILE CG1 CD1  sing N N 163 
ILE CG1 HG12 sing N N 164 
ILE CG1 HG13 sing N N 165 
ILE CG2 HG21 sing N N 166 
ILE CG2 HG22 sing N N 167 
ILE CG2 HG23 sing N N 168 
ILE CD1 HD11 sing N N 169 
ILE CD1 HD12 sing N N 170 
ILE CD1 HD13 sing N N 171 
ILE OXT HXT  sing N N 172 
LEU N   CA   sing N N 173 
LEU N   H    sing N N 174 
LEU N   H2   sing N N 175 
LEU CA  C    sing N N 176 
LEU CA  CB   sing N N 177 
LEU CA  HA   sing N N 178 
LEU C   O    doub N N 179 
LEU C   OXT  sing N N 180 
LEU CB  CG   sing N N 181 
LEU CB  HB2  sing N N 182 
LEU CB  HB3  sing N N 183 
LEU CG  CD1  sing N N 184 
LEU CG  CD2  sing N N 185 
LEU CG  HG   sing N N 186 
LEU CD1 HD11 sing N N 187 
LEU CD1 HD12 sing N N 188 
LEU CD1 HD13 sing N N 189 
LEU CD2 HD21 sing N N 190 
LEU CD2 HD22 sing N N 191 
LEU CD2 HD23 sing N N 192 
LEU OXT HXT  sing N N 193 
LYS N   CA   sing N N 194 
LYS N   H    sing N N 195 
LYS N   H2   sing N N 196 
LYS CA  C    sing N N 197 
LYS CA  CB   sing N N 198 
LYS CA  HA   sing N N 199 
LYS C   O    doub N N 200 
LYS C   OXT  sing N N 201 
LYS CB  CG   sing N N 202 
LYS CB  HB2  sing N N 203 
LYS CB  HB3  sing N N 204 
LYS CG  CD   sing N N 205 
LYS CG  HG2  sing N N 206 
LYS CG  HG3  sing N N 207 
LYS CD  CE   sing N N 208 
LYS CD  HD2  sing N N 209 
LYS CD  HD3  sing N N 210 
LYS CE  NZ   sing N N 211 
LYS CE  HE2  sing N N 212 
LYS CE  HE3  sing N N 213 
LYS NZ  HZ1  sing N N 214 
LYS NZ  HZ2  sing N N 215 
LYS NZ  HZ3  sing N N 216 
LYS OXT HXT  sing N N 217 
MET N   CA   sing N N 218 
MET N   H    sing N N 219 
MET N   H2   sing N N 220 
MET CA  C    sing N N 221 
MET CA  CB   sing N N 222 
MET CA  HA   sing N N 223 
MET C   O    doub N N 224 
MET C   OXT  sing N N 225 
MET CB  CG   sing N N 226 
MET CB  HB2  sing N N 227 
MET CB  HB3  sing N N 228 
MET CG  SD   sing N N 229 
MET CG  HG2  sing N N 230 
MET CG  HG3  sing N N 231 
MET SD  CE   sing N N 232 
MET CE  HE1  sing N N 233 
MET CE  HE2  sing N N 234 
MET CE  HE3  sing N N 235 
MET OXT HXT  sing N N 236 
PHE N   CA   sing N N 237 
PHE N   H    sing N N 238 
PHE N   H2   sing N N 239 
PHE CA  C    sing N N 240 
PHE CA  CB   sing N N 241 
PHE CA  HA   sing N N 242 
PHE C   O    doub N N 243 
PHE C   OXT  sing N N 244 
PHE CB  CG   sing N N 245 
PHE CB  HB2  sing N N 246 
PHE CB  HB3  sing N N 247 
PHE CG  CD1  doub Y N 248 
PHE CG  CD2  sing Y N 249 
PHE CD1 CE1  sing Y N 250 
PHE CD1 HD1  sing N N 251 
PHE CD2 CE2  doub Y N 252 
PHE CD2 HD2  sing N N 253 
PHE CE1 CZ   doub Y N 254 
PHE CE1 HE1  sing N N 255 
PHE CE2 CZ   sing Y N 256 
PHE CE2 HE2  sing N N 257 
PHE CZ  HZ   sing N N 258 
PHE OXT HXT  sing N N 259 
PRO N   CA   sing N N 260 
PRO N   CD   sing N N 261 
PRO N   H    sing N N 262 
PRO CA  C    sing N N 263 
PRO CA  CB   sing N N 264 
PRO CA  HA   sing N N 265 
PRO C   O    doub N N 266 
PRO C   OXT  sing N N 267 
PRO CB  CG   sing N N 268 
PRO CB  HB2  sing N N 269 
PRO CB  HB3  sing N N 270 
PRO CG  CD   sing N N 271 
PRO CG  HG2  sing N N 272 
PRO CG  HG3  sing N N 273 
PRO CD  HD2  sing N N 274 
PRO CD  HD3  sing N N 275 
PRO OXT HXT  sing N N 276 
SER N   CA   sing N N 277 
SER N   H    sing N N 278 
SER N   H2   sing N N 279 
SER CA  C    sing N N 280 
SER CA  CB   sing N N 281 
SER CA  HA   sing N N 282 
SER C   O    doub N N 283 
SER C   OXT  sing N N 284 
SER CB  OG   sing N N 285 
SER CB  HB2  sing N N 286 
SER CB  HB3  sing N N 287 
SER OG  HG   sing N N 288 
SER OXT HXT  sing N N 289 
THR N   CA   sing N N 290 
THR N   H    sing N N 291 
THR N   H2   sing N N 292 
THR CA  C    sing N N 293 
THR CA  CB   sing N N 294 
THR CA  HA   sing N N 295 
THR C   O    doub N N 296 
THR C   OXT  sing N N 297 
THR CB  OG1  sing N N 298 
THR CB  CG2  sing N N 299 
THR CB  HB   sing N N 300 
THR OG1 HG1  sing N N 301 
THR CG2 HG21 sing N N 302 
THR CG2 HG22 sing N N 303 
THR CG2 HG23 sing N N 304 
THR OXT HXT  sing N N 305 
TRP N   CA   sing N N 306 
TRP N   H    sing N N 307 
TRP N   H2   sing N N 308 
TRP CA  C    sing N N 309 
TRP CA  CB   sing N N 310 
TRP CA  HA   sing N N 311 
TRP C   O    doub N N 312 
TRP C   OXT  sing N N 313 
TRP CB  CG   sing N N 314 
TRP CB  HB2  sing N N 315 
TRP CB  HB3  sing N N 316 
TRP CG  CD1  doub Y N 317 
TRP CG  CD2  sing Y N 318 
TRP CD1 NE1  sing Y N 319 
TRP CD1 HD1  sing N N 320 
TRP CD2 CE2  doub Y N 321 
TRP CD2 CE3  sing Y N 322 
TRP NE1 CE2  sing Y N 323 
TRP NE1 HE1  sing N N 324 
TRP CE2 CZ2  sing Y N 325 
TRP CE3 CZ3  doub Y N 326 
TRP CE3 HE3  sing N N 327 
TRP CZ2 CH2  doub Y N 328 
TRP CZ2 HZ2  sing N N 329 
TRP CZ3 CH2  sing Y N 330 
TRP CZ3 HZ3  sing N N 331 
TRP CH2 HH2  sing N N 332 
TRP OXT HXT  sing N N 333 
TYR N   CA   sing N N 334 
TYR N   H    sing N N 335 
TYR N   H2   sing N N 336 
TYR CA  C    sing N N 337 
TYR CA  CB   sing N N 338 
TYR CA  HA   sing N N 339 
TYR C   O    doub N N 340 
TYR C   OXT  sing N N 341 
TYR CB  CG   sing N N 342 
TYR CB  HB2  sing N N 343 
TYR CB  HB3  sing N N 344 
TYR CG  CD1  doub Y N 345 
TYR CG  CD2  sing Y N 346 
TYR CD1 CE1  sing Y N 347 
TYR CD1 HD1  sing N N 348 
TYR CD2 CE2  doub Y N 349 
TYR CD2 HD2  sing N N 350 
TYR CE1 CZ   doub Y N 351 
TYR CE1 HE1  sing N N 352 
TYR CE2 CZ   sing Y N 353 
TYR CE2 HE2  sing N N 354 
TYR CZ  OH   sing N N 355 
TYR OH  HH   sing N N 356 
TYR OXT HXT  sing N N 357 
VAL N   CA   sing N N 358 
VAL N   H    sing N N 359 
VAL N   H2   sing N N 360 
VAL CA  C    sing N N 361 
VAL CA  CB   sing N N 362 
VAL CA  HA   sing N N 363 
VAL C   O    doub N N 364 
VAL C   OXT  sing N N 365 
VAL CB  CG1  sing N N 366 
VAL CB  CG2  sing N N 367 
VAL CB  HB   sing N N 368 
VAL CG1 HG11 sing N N 369 
VAL CG1 HG12 sing N N 370 
VAL CG1 HG13 sing N N 371 
VAL CG2 HG21 sing N N 372 
VAL CG2 HG22 sing N N 373 
VAL CG2 HG23 sing N N 374 
VAL OXT HXT  sing N N 375 
# 
_pdbx_initial_refinement_model.id               1 
_pdbx_initial_refinement_model.entity_id_list   ? 
_pdbx_initial_refinement_model.type             'experimental model' 
_pdbx_initial_refinement_model.source_name      PDB 
_pdbx_initial_refinement_model.accession_code   3FPR 
_pdbx_initial_refinement_model.details          'pdb entry 3fpr' 
# 
_atom_sites.entry_id                    3FPU 
_atom_sites.fract_transf_matrix[1][1]   0.00298799 
_atom_sites.fract_transf_matrix[1][2]   -0.00560031 
_atom_sites.fract_transf_matrix[1][3]   0.00717529 
_atom_sites.fract_transf_matrix[2][1]   -0.00265790 
_atom_sites.fract_transf_matrix[2][2]   0.00668603 
_atom_sites.fract_transf_matrix[2][3]   0.00632527 
_atom_sites.fract_transf_matrix[3][1]   -0.00870539 
_atom_sites.fract_transf_matrix[3][2]   -0.00396358 
_atom_sites.fract_transf_matrix[3][3]   0.00053160 
_atom_sites.fract_transf_vector[1]      0.508799 
_atom_sites.fract_transf_vector[2]      0.733676 
_atom_sites.fract_transf_vector[3]      0.432230 
# 
loop_
_atom_type.symbol 
C  
N  
NI 
O  
S  
# 
loop_
_atom_site.group_PDB 
_atom_site.id 
_atom_site.type_symbol 
_atom_site.label_atom_id 
_atom_site.label_alt_id 
_atom_site.label_comp_id 
_atom_site.label_asym_id 
_atom_site.label_entity_id 
_atom_site.label_seq_id 
_atom_site.pdbx_PDB_ins_code 
_atom_site.Cartn_x 
_atom_site.Cartn_y 
_atom_site.Cartn_z 
_atom_site.occupancy 
_atom_site.B_iso_or_equiv 
_atom_site.pdbx_formal_charge 
_atom_site.auth_seq_id 
_atom_site.auth_comp_id 
_atom_site.auth_asym_id 
_atom_site.auth_atom_id 
_atom_site.pdbx_PDB_model_num 
ATOM   1    N  N   . GLU A 1 1   ? -3.223  20.190  13.077  1.00 74.12 ? 1   GLU A N   1 
ATOM   2    C  CA  . GLU A 1 1   ? -2.052  19.951  13.976  1.00 74.02 ? 1   GLU A CA  1 
ATOM   3    C  C   . GLU A 1 1   ? -1.208  18.767  13.480  1.00 73.58 ? 1   GLU A C   1 
ATOM   4    O  O   . GLU A 1 1   ? -1.529  17.603  13.757  1.00 73.63 ? 1   GLU A O   1 
ATOM   5    C  CB  . GLU A 1 1   ? -2.523  19.739  15.421  1.00 74.22 ? 1   GLU A CB  1 
ATOM   6    C  CG  . GLU A 1 1   ? -1.421  19.837  16.485  1.00 75.12 ? 1   GLU A CG  1 
ATOM   7    C  CD  . GLU A 1 1   ? -0.743  18.500  16.784  1.00 76.47 ? 1   GLU A CD  1 
ATOM   8    O  OE1 . GLU A 1 1   ? 0.451   18.513  17.162  1.00 76.79 ? 1   GLU A OE1 1 
ATOM   9    O  OE2 . GLU A 1 1   ? -1.396  17.439  16.652  1.00 76.86 ? 1   GLU A OE2 1 
ATOM   10   N  N   . ASP A 1 2   ? -0.138  19.089  12.744  1.00 72.92 ? 2   ASP A N   1 
ATOM   11   C  CA  . ASP A 1 2   ? 0.814   18.113  12.169  1.00 71.98 ? 2   ASP A CA  1 
ATOM   12   C  C   . ASP A 1 2   ? 0.229   17.254  11.034  1.00 71.38 ? 2   ASP A C   1 
ATOM   13   O  O   . ASP A 1 2   ? -0.787  16.568  11.217  1.00 71.42 ? 2   ASP A O   1 
ATOM   14   C  CB  . ASP A 1 2   ? 1.445   17.228  13.265  1.00 72.01 ? 2   ASP A CB  1 
ATOM   15   N  N   . ASP A 1 3   ? 0.858   17.284  9.858   1.00 70.12 ? 3   ASP A N   1 
ATOM   16   C  CA  . ASP A 1 3   ? 2.030   18.111  9.567   1.00 68.72 ? 3   ASP A CA  1 
ATOM   17   C  C   . ASP A 1 3   ? 1.607   19.228  8.609   1.00 67.58 ? 3   ASP A C   1 
ATOM   18   O  O   . ASP A 1 3   ? 1.899   20.417  8.827   1.00 67.49 ? 3   ASP A O   1 
ATOM   19   C  CB  . ASP A 1 3   ? 3.119   17.258  8.905   1.00 68.92 ? 3   ASP A CB  1 
ATOM   20   C  CG  . ASP A 1 3   ? 3.521   16.031  9.734   1.00 69.98 ? 3   ASP A CG  1 
ATOM   21   O  OD1 . ASP A 1 3   ? 3.392   16.050  10.979  1.00 71.21 ? 3   ASP A OD1 1 
ATOM   22   O  OD2 . ASP A 1 3   ? 3.991   15.042  9.123   1.00 70.22 ? 3   ASP A OD2 1 
ATOM   23   N  N   . GLU A 1 4   ? 0.941   18.815  7.530   1.00 65.83 ? 4   GLU A N   1 
ATOM   24   C  CA  . GLU A 1 4   ? 0.226   19.702  6.630   1.00 64.02 ? 4   GLU A CA  1 
ATOM   25   C  C   . GLU A 1 4   ? -1.110  20.063  7.282   1.00 62.45 ? 4   GLU A C   1 
ATOM   26   O  O   . GLU A 1 4   ? -1.734  19.215  7.939   1.00 62.72 ? 4   GLU A O   1 
ATOM   27   C  CB  . GLU A 1 4   ? -0.020  19.006  5.285   1.00 64.20 ? 4   GLU A CB  1 
ATOM   28   C  CG  . GLU A 1 4   ? 1.214   18.814  4.396   1.00 64.92 ? 4   GLU A CG  1 
ATOM   29   C  CD  . GLU A 1 4   ? 2.066   17.593  4.727   1.00 67.46 ? 4   GLU A CD  1 
ATOM   30   O  OE1 . GLU A 1 4   ? 1.897   16.543  4.058   1.00 68.19 ? 4   GLU A OE1 1 
ATOM   31   O  OE2 . GLU A 1 4   ? 2.928   17.683  5.628   1.00 67.84 ? 4   GLU A OE2 1 
ATOM   32   N  N   . ASP A 1 5   ? -1.542  21.313  7.137   1.00 59.83 ? 5   ASP A N   1 
ATOM   33   C  CA  . ASP A 1 5   ? -2.881  21.682  7.597   1.00 57.04 ? 5   ASP A CA  1 
ATOM   34   C  C   . ASP A 1 5   ? -3.929  21.343  6.528   1.00 54.40 ? 5   ASP A C   1 
ATOM   35   O  O   . ASP A 1 5   ? -4.724  20.428  6.728   1.00 54.32 ? 5   ASP A O   1 
ATOM   36   C  CB  . ASP A 1 5   ? -2.969  23.153  8.045   1.00 57.59 ? 5   ASP A CB  1 
ATOM   37   C  CG  . ASP A 1 5   ? -2.765  23.330  9.550   1.00 58.95 ? 5   ASP A CG  1 
ATOM   38   O  OD1 . ASP A 1 5   ? -1.622  23.169  10.038  1.00 60.39 ? 5   ASP A OD1 1 
ATOM   39   O  OD2 . ASP A 1 5   ? -3.755  23.650  10.248  1.00 60.04 ? 5   ASP A OD2 1 
ATOM   40   N  N   . TYR A 1 6   ? -3.894  22.035  5.387   1.00 50.94 ? 6   TYR A N   1 
ATOM   41   C  CA  . TYR A 1 6   ? -4.946  21.888  4.365   1.00 47.39 ? 6   TYR A CA  1 
ATOM   42   C  C   . TYR A 1 6   ? -4.448  21.742  2.916   1.00 45.12 ? 6   TYR A C   1 
ATOM   43   O  O   . TYR A 1 6   ? -5.150  22.106  1.971   1.00 43.15 ? 6   TYR A O   1 
ATOM   44   C  CB  . TYR A 1 6   ? -5.955  23.040  4.455   1.00 47.40 ? 6   TYR A CB  1 
ATOM   45   C  CG  . TYR A 1 6   ? -6.588  23.267  5.823   1.00 47.00 ? 6   TYR A CG  1 
ATOM   46   C  CD1 . TYR A 1 6   ? -7.328  22.262  6.466   1.00 45.92 ? 6   TYR A CD1 1 
ATOM   47   C  CD2 . TYR A 1 6   ? -6.479  24.505  6.451   1.00 47.59 ? 6   TYR A CD2 1 
ATOM   48   C  CE1 . TYR A 1 6   ? -7.919  22.490  7.725   1.00 46.03 ? 6   TYR A CE1 1 
ATOM   49   C  CE2 . TYR A 1 6   ? -7.072  24.745  7.697   1.00 47.72 ? 6   TYR A CE2 1 
ATOM   50   C  CZ  . TYR A 1 6   ? -7.785  23.737  8.330   1.00 47.58 ? 6   TYR A CZ  1 
ATOM   51   O  OH  . TYR A 1 6   ? -8.357  23.998  9.563   1.00 47.29 ? 6   TYR A OH  1 
ATOM   52   N  N   . GLY A 1 7   ? -3.245  21.207  2.731   1.00 43.26 ? 7   GLY A N   1 
ATOM   53   C  CA  . GLY A 1 7   ? -2.796  20.826  1.383   1.00 41.33 ? 7   GLY A CA  1 
ATOM   54   C  C   . GLY A 1 7   ? -3.481  19.553  0.872   1.00 41.00 ? 7   GLY A C   1 
ATOM   55   O  O   . GLY A 1 7   ? -4.554  19.153  1.369   1.00 39.43 ? 7   GLY A O   1 
ATOM   56   N  N   . ASP A 1 8   ? -2.876  18.912  -0.124  1.00 40.04 ? 8   ASP A N   1 
ATOM   57   C  CA  . ASP A 1 8   ? -3.436  17.679  -0.684  1.00 40.30 ? 8   ASP A CA  1 
ATOM   58   C  C   . ASP A 1 8   ? -3.390  16.604  0.400   1.00 39.26 ? 8   ASP A C   1 
ATOM   59   O  O   . ASP A 1 8   ? -2.533  16.630  1.279   1.00 38.15 ? 8   ASP A O   1 
ATOM   60   C  CB  . ASP A 1 8   ? -2.649  17.219  -1.926  1.00 41.41 ? 8   ASP A CB  1 
ATOM   61   C  CG  . ASP A 1 8   ? -3.151  15.883  -2.490  1.00 43.58 ? 8   ASP A CG  1 
ATOM   62   O  OD1 . ASP A 1 8   ? -4.348  15.808  -2.880  1.00 48.18 ? 8   ASP A OD1 1 
ATOM   63   O  OD2 . ASP A 1 8   ? -2.354  14.900  -2.548  1.00 46.57 ? 8   ASP A OD2 1 
ATOM   64   N  N   . LEU A 1 9   ? -4.302  15.646  0.305   1.00 38.82 ? 9   LEU A N   1 
ATOM   65   C  CA  . LEU A 1 9   ? -4.395  14.574  1.284   1.00 38.05 ? 9   LEU A CA  1 
ATOM   66   C  C   . LEU A 1 9   ? -3.082  13.812  1.437   1.00 36.63 ? 9   LEU A C   1 
ATOM   67   O  O   . LEU A 1 9   ? -2.702  13.455  2.552   1.00 36.79 ? 9   LEU A O   1 
ATOM   68   C  CB  . LEU A 1 9   ? -5.542  13.635  0.923   1.00 38.92 ? 9   LEU A CB  1 
ATOM   69   C  CG  . LEU A 1 9   ? -6.584  13.354  2.010   1.00 39.80 ? 9   LEU A CG  1 
ATOM   70   C  CD1 . LEU A 1 9   ? -7.001  14.631  2.746   1.00 43.02 ? 9   LEU A CD1 1 
ATOM   71   C  CD2 . LEU A 1 9   ? -7.800  12.671  1.393   1.00 39.86 ? 9   LEU A CD2 1 
ATOM   72   N  N   . GLY A 1 10  ? -2.366  13.600  0.337   1.00 34.89 ? 10  GLY A N   1 
ATOM   73   C  CA  . GLY A 1 10  ? -1.089  12.891  0.416   1.00 33.30 ? 10  GLY A CA  1 
ATOM   74   C  C   . GLY A 1 10  ? -1.344  11.444  0.834   1.00 32.31 ? 10  GLY A C   1 
ATOM   75   O  O   . GLY A 1 10  ? -2.396  10.895  0.516   1.00 33.60 ? 10  GLY A O   1 
ATOM   76   N  N   . GLY A 1 11  ? -0.394  10.858  1.564   1.00 31.14 ? 11  GLY A N   1 
ATOM   77   C  CA  . GLY A 1 11  ? -0.446  9.452   1.972   1.00 29.80 ? 11  GLY A CA  1 
ATOM   78   C  C   . GLY A 1 11  ? -0.530  8.515   0.787   1.00 29.19 ? 11  GLY A C   1 
ATOM   79   O  O   . GLY A 1 11  ? -1.386  7.649   0.781   1.00 30.07 ? 11  GLY A O   1 
ATOM   80   N  N   . CYS A 1 12  ? 0.315   8.688   -0.231  1.00 27.86 ? 12  CYS A N   1 
ATOM   81   C  CA  . CYS A 1 12  ? 0.251   7.797   -1.391  1.00 27.03 ? 12  CYS A CA  1 
ATOM   82   C  C   . CYS A 1 12  ? 0.671   6.388   -0.966  1.00 24.39 ? 12  CYS A C   1 
ATOM   83   O  O   . CYS A 1 12  ? 1.811   6.185   -0.496  1.00 24.35 ? 12  CYS A O   1 
ATOM   84   C  CB  . CYS A 1 12  ? 1.144   8.254   -2.553  1.00 27.04 ? 12  CYS A CB  1 
ATOM   85   S  SG  . CYS A 1 12  ? 1.022   10.044  -3.024  1.00 33.27 ? 12  CYS A SG  1 
ATOM   86   N  N   . PRO A 1 13  ? -0.235  5.412   -1.122  1.00 23.84 ? 13  PRO A N   1 
ATOM   87   C  CA  . PRO A 1 13  ? 0.255   4.042   -0.855  1.00 22.22 ? 13  PRO A CA  1 
ATOM   88   C  C   . PRO A 1 13  ? 1.155   3.566   -1.982  1.00 21.44 ? 13  PRO A C   1 
ATOM   89   O  O   . PRO A 1 13  ? 0.957   3.916   -3.192  1.00 20.63 ? 13  PRO A O   1 
ATOM   90   C  CB  . PRO A 1 13  ? -1.047  3.201   -0.835  1.00 22.92 ? 13  PRO A CB  1 
ATOM   91   C  CG  . PRO A 1 13  ? -2.219  4.235   -0.769  1.00 23.15 ? 13  PRO A CG  1 
ATOM   92   C  CD  . PRO A 1 13  ? -1.652  5.418   -1.514  1.00 24.00 ? 13  PRO A CD  1 
ATOM   93   N  N   . PHE A 1 14  ? 2.120   2.703   -1.604  1.00 20.00 ? 14  PHE A N   1 
ATOM   94   C  CA  . PHE A 1 14  ? 2.980   2.082   -2.562  1.00 18.88 ? 14  PHE A CA  1 
ATOM   95   C  C   . PHE A 1 14  ? 2.486   0.655   -2.793  1.00 19.04 ? 14  PHE A C   1 
ATOM   96   O  O   . PHE A 1 14  ? 2.422   -0.086  -1.817  1.00 17.17 ? 14  PHE A O   1 
ATOM   97   C  CB  . PHE A 1 14  ? 4.382   2.016   -1.985  1.00 19.98 ? 14  PHE A CB  1 
ATOM   98   C  CG  . PHE A 1 14  ? 5.141   3.314   -2.113  1.00 21.69 ? 14  PHE A CG  1 
ATOM   99   C  CD1 . PHE A 1 14  ? 6.169   3.416   -3.033  1.00 23.10 ? 14  PHE A CD1 1 
ATOM   100  C  CD2 . PHE A 1 14  ? 4.767   4.415   -1.370  1.00 24.39 ? 14  PHE A CD2 1 
ATOM   101  C  CE1 . PHE A 1 14  ? 6.877   4.646   -3.181  1.00 21.32 ? 14  PHE A CE1 1 
ATOM   102  C  CE2 . PHE A 1 14  ? 5.485   5.640   -1.498  1.00 23.34 ? 14  PHE A CE2 1 
ATOM   103  C  CZ  . PHE A 1 14  ? 6.510   5.709   -2.418  1.00 21.48 ? 14  PHE A CZ  1 
ATOM   104  N  N   . LEU A 1 15  ? 2.176   0.315   -4.058  1.00 18.22 ? 15  LEU A N   1 
ATOM   105  C  CA  . LEU A 1 15  ? 1.840   -1.080  -4.470  1.00 18.58 ? 15  LEU A CA  1 
ATOM   106  C  C   . LEU A 1 15  ? 3.020   -1.966  -4.141  1.00 17.27 ? 15  LEU A C   1 
ATOM   107  O  O   . LEU A 1 15  ? 4.161   -1.528  -4.306  1.00 16.81 ? 15  LEU A O   1 
ATOM   108  C  CB  . LEU A 1 15  ? 1.612   -1.164  -5.984  1.00 18.71 ? 15  LEU A CB  1 
ATOM   109  C  CG  . LEU A 1 15  ? 0.381   -0.365  -6.463  1.00 22.72 ? 15  LEU A CG  1 
ATOM   110  C  CD1 . LEU A 1 15  ? 0.120   -0.783  -7.875  1.00 27.35 ? 15  LEU A CD1 1 
ATOM   111  C  CD2 . LEU A 1 15  ? -0.809  -0.694  -5.612  1.00 25.96 ? 15  LEU A CD2 1 
ATOM   112  N  N   . VAL A 1 16  ? 2.737   -3.166  -3.650  1.00 17.32 ? 16  VAL A N   1 
ATOM   113  C  CA  . VAL A 1 16  ? 3.811   -4.130  -3.362  1.00 17.10 ? 16  VAL A CA  1 
ATOM   114  C  C   . VAL A 1 16  ? 3.500   -5.455  -4.043  1.00 18.18 ? 16  VAL A C   1 
ATOM   115  O  O   . VAL A 1 16  ? 2.335   -5.767  -4.320  1.00 18.46 ? 16  VAL A O   1 
ATOM   116  C  CB  . VAL A 1 16  ? 3.982   -4.330  -1.862  1.00 15.82 ? 16  VAL A CB  1 
ATOM   117  C  CG1 . VAL A 1 16  ? 4.471   -2.988  -1.228  1.00 16.50 ? 16  VAL A CG1 1 
ATOM   118  C  CG2 . VAL A 1 16  ? 2.648   -4.877  -1.153  1.00 17.24 ? 16  VAL A CG2 1 
ATOM   119  N  N   . ALA A 1 17  ? 4.530   -6.243  -4.259  1.00 17.60 ? 17  ALA A N   1 
ATOM   120  C  CA  . ALA A 1 17  ? 4.394   -7.670  -4.565  1.00 17.22 ? 17  ALA A CA  1 
ATOM   121  C  C   . ALA A 1 17  ? 4.932   -8.375  -3.348  1.00 18.64 ? 17  ALA A C   1 
ATOM   122  O  O   . ALA A 1 17  ? 5.672   -7.778  -2.554  1.00 19.60 ? 17  ALA A O   1 
ATOM   123  C  CB  . ALA A 1 17  ? 5.202   -8.051  -5.794  1.00 17.07 ? 17  ALA A CB  1 
ATOM   124  N  N   . GLU A 1 18  ? 4.578   -9.641  -3.177  1.00 17.48 ? 18  GLU A N   1 
ATOM   125  C  CA  . GLU A 1 18  ? 4.990   -10.336 -1.979  1.00 16.28 ? 18  GLU A CA  1 
ATOM   126  C  C   . GLU A 1 18  ? 5.779   -11.581 -2.319  1.00 17.34 ? 18  GLU A C   1 
ATOM   127  O  O   . GLU A 1 18  ? 5.658   -12.111 -3.415  1.00 15.61 ? 18  GLU A O   1 
ATOM   128  C  CB  . GLU A 1 18  ? 3.765   -10.785 -1.189  1.00 18.21 ? 18  GLU A CB  1 
ATOM   129  C  CG  . GLU A 1 18  ? 3.047   -9.621  -0.544  1.00 20.68 ? 18  GLU A CG  1 
ATOM   130  C  CD  . GLU A 1 18  ? 1.785   -10.038 0.106   1.00 30.61 ? 18  GLU A CD  1 
ATOM   131  O  OE1 . GLU A 1 18  ? 1.616   -11.275 0.353   1.00 29.12 ? 18  GLU A OE1 1 
ATOM   132  O  OE2 . GLU A 1 18  ? 0.935   -9.126  0.300   1.00 34.00 ? 18  GLU A OE2 1 
ATOM   133  N  N   . ASN A 1 19  ? 6.564   -12.073 -1.366  1.00 19.17 ? 19  ASN A N   1 
ATOM   134  C  CA  . ASN A 1 19  ? 7.154   -13.389 -1.650  1.00 21.17 ? 19  ASN A CA  1 
ATOM   135  C  C   . ASN A 1 19  ? 6.171   -14.434 -1.171  1.00 23.02 ? 19  ASN A C   1 
ATOM   136  O  O   . ASN A 1 19  ? 5.077   -14.113 -0.688  1.00 22.50 ? 19  ASN A O   1 
ATOM   137  C  CB  . ASN A 1 19  ? 8.552   -13.559 -1.059  1.00 22.53 ? 19  ASN A CB  1 
ATOM   138  C  CG  . ASN A 1 19  ? 8.581   -13.490 0.434   1.00 21.09 ? 19  ASN A CG  1 
ATOM   139  O  OD1 . ASN A 1 19  ? 7.581   -13.569 1.098   1.00 22.49 ? 19  ASN A OD1 1 
ATOM   140  N  ND2 . ASN A 1 19  ? 9.799   -13.450 0.987   1.00 27.66 ? 19  ASN A ND2 1 
ATOM   141  N  N   . LYS A 1 20  ? 6.572   -15.702 -1.253  1.00 26.03 ? 20  LYS A N   1 
ATOM   142  C  CA  . LYS A 1 20  ? 5.633   -16.775 -0.936  1.00 28.49 ? 20  LYS A CA  1 
ATOM   143  C  C   . LYS A 1 20  ? 5.061   -16.644 0.480   1.00 29.98 ? 20  LYS A C   1 
ATOM   144  O  O   . LYS A 1 20  ? 3.886   -16.957 0.703   1.00 31.21 ? 20  LYS A O   1 
ATOM   145  C  CB  . LYS A 1 20  ? 6.301   -18.142 -1.114  1.00 29.91 ? 20  LYS A CB  1 
ATOM   146  C  CG  . LYS A 1 20  ? 5.292   -19.229 -1.503  1.00 34.89 ? 20  LYS A CG  1 
ATOM   147  C  CD  . LYS A 1 20  ? 5.912   -20.590 -1.340  1.00 38.61 ? 20  LYS A CD  1 
ATOM   148  C  CE  . LYS A 1 20  ? 4.938   -21.665 -1.703  1.00 41.92 ? 20  LYS A CE  1 
ATOM   149  N  NZ  . LYS A 1 20  ? 4.729   -21.765 -3.176  1.00 45.18 ? 20  LYS A NZ  1 
ATOM   150  N  N   . THR A 1 21  ? 5.887   -16.163 1.405   1.00 29.13 ? 21  THR A N   1 
ATOM   151  C  CA  . THR A 1 21  ? 5.509   -16.025 2.819   1.00 30.85 ? 21  THR A CA  1 
ATOM   152  C  C   . THR A 1 21  ? 4.865   -14.653 3.169   1.00 29.25 ? 21  THR A C   1 
ATOM   153  O  O   . THR A 1 21  ? 4.483   -14.406 4.314   1.00 29.66 ? 21  THR A O   1 
ATOM   154  C  CB  . THR A 1 21  ? 6.715   -16.367 3.747   1.00 29.65 ? 21  THR A CB  1 
ATOM   155  O  OG1 . THR A 1 21  ? 6.436   -15.986 5.088   1.00 37.55 ? 21  THR A OG1 1 
ATOM   156  C  CG2 . THR A 1 21  ? 7.987   -15.681 3.359   1.00 30.10 ? 21  THR A CG2 1 
ATOM   157  N  N   . GLY A 1 22  ? 4.696   -13.793 2.166   1.00 26.70 ? 22  GLY A N   1 
ATOM   158  C  CA  . GLY A 1 22  ? 3.943   -12.560 2.379   1.00 24.76 ? 22  GLY A CA  1 
ATOM   159  C  C   . GLY A 1 22  ? 4.815   -11.320 2.602   1.00 24.37 ? 22  GLY A C   1 
ATOM   160  O  O   . GLY A 1 22  ? 4.298   -10.234 2.873   1.00 22.54 ? 22  GLY A O   1 
ATOM   161  N  N   . TYR A 1 23  ? 6.133   -11.468 2.512   1.00 21.56 ? 23  TYR A N   1 
ATOM   162  C  CA  . TYR A 1 23  ? 7.000   -10.305 2.780   1.00 20.35 ? 23  TYR A CA  1 
ATOM   163  C  C   . TYR A 1 23  ? 6.865   -9.379  1.559   1.00 19.07 ? 23  TYR A C   1 
ATOM   164  O  O   . TYR A 1 23  ? 7.074   -9.791  0.424   1.00 18.33 ? 23  TYR A O   1 
ATOM   165  C  CB  . TYR A 1 23  ? 8.462   -10.762 2.940   1.00 22.44 ? 23  TYR A CB  1 
ATOM   166  C  CG  . TYR A 1 23  ? 9.395   -9.577  3.089   1.00 22.31 ? 23  TYR A CG  1 
ATOM   167  C  CD1 . TYR A 1 23  ? 9.447   -8.867  4.290   1.00 24.28 ? 23  TYR A CD1 1 
ATOM   168  C  CD2 . TYR A 1 23  ? 10.190  -9.159  2.025   1.00 24.97 ? 23  TYR A CD2 1 
ATOM   169  C  CE1 . TYR A 1 23  ? 10.301  -7.764  4.442   1.00 27.08 ? 23  TYR A CE1 1 
ATOM   170  C  CE2 . TYR A 1 23  ? 11.042  -8.063  2.161   1.00 28.43 ? 23  TYR A CE2 1 
ATOM   171  C  CZ  . TYR A 1 23  ? 11.100  -7.386  3.359   1.00 26.72 ? 23  TYR A CZ  1 
ATOM   172  O  OH  . TYR A 1 23  ? 11.944  -6.303  3.449   1.00 29.77 ? 23  TYR A OH  1 
ATOM   173  N  N   . PRO A 1 24  ? 6.490   -8.105  1.796   1.00 18.65 ? 24  PRO A N   1 
ATOM   174  C  CA  . PRO A 1 24  ? 6.262   -7.225  0.659   1.00 18.45 ? 24  PRO A CA  1 
ATOM   175  C  C   . PRO A 1 24  ? 7.447   -6.350  0.215   1.00 17.33 ? 24  PRO A C   1 
ATOM   176  O  O   . PRO A 1 24  ? 8.293   -5.957  1.054   1.00 19.35 ? 24  PRO A O   1 
ATOM   177  C  CB  . PRO A 1 24  ? 5.097   -6.344  1.178   1.00 16.88 ? 24  PRO A CB  1 
ATOM   178  C  CG  . PRO A 1 24  ? 5.448   -6.136  2.635   1.00 19.32 ? 24  PRO A CG  1 
ATOM   179  C  CD  . PRO A 1 24  ? 6.139   -7.478  3.081   1.00 19.73 ? 24  PRO A CD  1 
ATOM   180  N  N   . THR A 1 25  ? 7.470   -6.006  -1.063  1.00 17.80 ? 25  THR A N   1 
ATOM   181  C  CA  . THR A 1 25  ? 8.512   -5.208  -1.670  1.00 17.66 ? 25  THR A CA  1 
ATOM   182  C  C   . THR A 1 25  ? 7.818   -4.283  -2.620  1.00 17.75 ? 25  THR A C   1 
ATOM   183  O  O   . THR A 1 25  ? 6.997   -4.714  -3.441  1.00 15.91 ? 25  THR A O   1 
ATOM   184  C  CB  . THR A 1 25  ? 9.486   -6.082  -2.450  1.00 18.68 ? 25  THR A CB  1 
ATOM   185  O  OG1 . THR A 1 25  ? 10.052  -7.070  -1.574  1.00 19.11 ? 25  THR A OG1 1 
ATOM   186  C  CG2 . THR A 1 25  ? 10.598  -5.281  -3.195  1.00 17.99 ? 25  THR A CG2 1 
ATOM   187  N  N   . ILE A 1 26  ? 8.204   -3.019  -2.557  1.00 17.81 ? 26  ILE A N   1 
ATOM   188  C  CA  . ILE A 1 26  ? 7.501   -2.066  -3.447  1.00 18.25 ? 26  ILE A CA  1 
ATOM   189  C  C   . ILE A 1 26  ? 7.903   -2.267  -4.909  1.00 16.97 ? 26  ILE A C   1 
ATOM   190  O  O   . ILE A 1 26  ? 9.003   -2.753  -5.196  1.00 19.63 ? 26  ILE A O   1 
ATOM   191  C  CB  . ILE A 1 26  ? 7.771   -0.602  -3.016  1.00 17.85 ? 26  ILE A CB  1 
ATOM   192  C  CG1 . ILE A 1 26  ? 9.287   -0.313  -3.174  1.00 18.23 ? 26  ILE A CG1 1 
ATOM   193  C  CG2 . ILE A 1 26  ? 7.274   -0.339  -1.630  1.00 19.33 ? 26  ILE A CG2 1 
ATOM   194  C  CD1 . ILE A 1 26  ? 9.667   1.171   -2.812  1.00 18.66 ? 26  ILE A CD1 1 
ATOM   195  N  N   . VAL A 1 27  ? 7.006   -1.923  -5.851  1.00 18.00 ? 27  VAL A N   1 
ATOM   196  C  CA  . VAL A 1 27  ? 7.247   -2.138  -7.266  1.00 19.19 ? 27  VAL A CA  1 
ATOM   197  C  C   . VAL A 1 27  ? 7.629   -0.842  -8.006  1.00 20.86 ? 27  VAL A C   1 
ATOM   198  O  O   . VAL A 1 27  ? 7.907   -0.863  -9.211  1.00 21.51 ? 27  VAL A O   1 
ATOM   199  C  CB  . VAL A 1 27  ? 6.054   -2.821  -8.004  1.00 19.36 ? 27  VAL A CB  1 
ATOM   200  C  CG1 . VAL A 1 27  ? 5.782   -4.228  -7.427  1.00 23.07 ? 27  VAL A CG1 1 
ATOM   201  C  CG2 . VAL A 1 27  ? 4.756   -1.999  -7.816  1.00 19.04 ? 27  VAL A CG2 1 
ATOM   202  N  N   . ALA A 1 28  ? 7.610   0.250   -7.266  1.00 21.38 ? 28  ALA A N   1 
ATOM   203  C  CA  . ALA A 1 28  ? 8.036   1.542   -7.790  1.00 22.72 ? 28  ALA A CA  1 
ATOM   204  C  C   . ALA A 1 28  ? 8.597   2.326   -6.641  1.00 23.86 ? 28  ALA A C   1 
ATOM   205  O  O   . ALA A 1 28  ? 8.135   2.209   -5.511  1.00 23.62 ? 28  ALA A O   1 
ATOM   206  C  CB  . ALA A 1 28  ? 6.851   2.306   -8.419  1.00 22.95 ? 28  ALA A CB  1 
ATOM   207  N  N   . CYS A 1 29  ? 9.617   3.124   -6.951  1.00 25.79 ? 29  CYS A N   1 
ATOM   208  C  CA  . CYS A 1 29  ? 10.296  3.923   -5.956  1.00 27.40 ? 29  CYS A CA  1 
ATOM   209  C  C   . CYS A 1 29  ? 9.721   5.333   -5.876  1.00 28.69 ? 29  CYS A C   1 
ATOM   210  O  O   . CYS A 1 29  ? 10.182  6.132   -5.075  1.00 28.91 ? 29  CYS A O   1 
ATOM   211  C  CB  . CYS A 1 29  ? 11.783  4.036   -6.284  1.00 29.05 ? 29  CYS A CB  1 
ATOM   212  S  SG  . CYS A 1 29  ? 12.691  2.486   -5.997  1.00 32.65 ? 29  CYS A SG  1 
ATOM   213  N  N   . LYS A 1 30  ? 8.707   5.612   -6.676  1.00 28.94 ? 30  LYS A N   1 
ATOM   214  C  CA  . LYS A 1 30  ? 7.971   6.864   -6.518  1.00 31.49 ? 30  LYS A CA  1 
ATOM   215  C  C   . LYS A 1 30  ? 6.481   6.615   -6.766  1.00 30.83 ? 30  LYS A C   1 
ATOM   216  O  O   . LYS A 1 30  ? 6.134   5.784   -7.607  1.00 31.65 ? 30  LYS A O   1 
ATOM   217  C  CB  . LYS A 1 30  ? 8.542   7.915   -7.485  1.00 31.11 ? 30  LYS A CB  1 
ATOM   218  C  CG  . LYS A 1 30  ? 8.318   7.608   -8.970  1.00 35.02 ? 30  LYS A CG  1 
ATOM   219  C  CD  . LYS A 1 30  ? 8.976   8.645   -9.895  1.00 34.93 ? 30  LYS A CD  1 
ATOM   220  C  CE  . LYS A 1 30  ? 9.057   10.017  -9.252  1.00 37.84 ? 30  LYS A CE  1 
ATOM   221  N  NZ  . LYS A 1 30  ? 9.621   10.947  -10.300 1.00 40.30 ? 30  LYS A NZ  1 
ATOM   222  N  N   . GLN A 1 31  ? 5.613   7.295   -6.021  1.00 31.68 ? 31  GLN A N   1 
ATOM   223  C  CA  . GLN A 1 31  ? 4.165   7.197   -6.237  1.00 32.57 ? 31  GLN A CA  1 
ATOM   224  C  C   . GLN A 1 31  ? 3.536   8.572   -6.325  1.00 33.69 ? 31  GLN A C   1 
ATOM   225  O  O   . GLN A 1 31  ? 3.862   9.428   -5.514  1.00 34.51 ? 31  GLN A O   1 
ATOM   226  C  CB  . GLN A 1 31  ? 3.482   6.465   -5.077  1.00 32.62 ? 31  GLN A CB  1 
ATOM   227  C  CG  . GLN A 1 31  ? 3.801   4.997   -4.954  1.00 33.86 ? 31  GLN A CG  1 
ATOM   228  C  CD  . GLN A 1 31  ? 3.032   4.077   -5.924  1.00 36.09 ? 31  GLN A CD  1 
ATOM   229  O  OE1 . GLN A 1 31  ? 3.226   2.832   -5.919  1.00 38.48 ? 31  GLN A OE1 1 
ATOM   230  N  NE2 . GLN A 1 31  ? 2.174   4.669   -6.765  1.00 34.90 ? 31  GLN A NE2 1 
ATOM   231  N  N   . ASP A 1 32  ? 2.595   8.740   -7.255  1.00 33.51 ? 32  ASP A N   1 
ATOM   232  C  CA  . ASP A 1 32  ? 1.858   10.000  -7.411  1.00 35.42 ? 32  ASP A CA  1 
ATOM   233  C  C   . ASP A 1 32  ? 0.441   9.781   -6.904  1.00 35.06 ? 32  ASP A C   1 
ATOM   234  O  O   . ASP A 1 32  ? -0.158  8.734   -7.148  1.00 35.48 ? 32  ASP A O   1 
ATOM   235  C  CB  . ASP A 1 32  ? 1.825   10.368  -8.893  1.00 35.82 ? 32  ASP A CB  1 
ATOM   236  C  CG  . ASP A 1 32  ? 1.393   11.808  -9.169  1.00 42.41 ? 32  ASP A CG  1 
ATOM   237  O  OD1 . ASP A 1 32  ? 0.932   12.538  -8.257  1.00 50.06 ? 32  ASP A OD1 1 
ATOM   238  O  OD2 . ASP A 1 32  ? 1.493   12.210  -10.357 1.00 47.60 ? 32  ASP A OD2 1 
ATOM   239  N  N   . CYS A 1 33  ? -0.100  10.741  -6.177  1.00 34.67 ? 33  CYS A N   1 
ATOM   240  C  CA  . CYS A 1 33  ? -1.519  10.679  -5.835  1.00 36.13 ? 33  CYS A CA  1 
ATOM   241  C  C   . CYS A 1 33  ? -2.027  12.118  -5.749  1.00 37.34 ? 33  CYS A C   1 
ATOM   242  O  O   . CYS A 1 33  ? -1.475  12.915  -4.995  1.00 37.32 ? 33  CYS A O   1 
ATOM   243  C  CB  . CYS A 1 33  ? -1.722  9.871   -4.545  1.00 35.95 ? 33  CYS A CB  1 
ATOM   244  S  SG  . CYS A 1 33  ? -0.974  10.482  -3.023  1.00 37.17 ? 33  CYS A SG  1 
ATOM   245  N  N   . ASN A 1 34  ? -3.024  12.468  -6.563  1.00 39.37 ? 34  ASN A N   1 
ATOM   246  C  CA  . ASN A 1 34  ? -3.417  13.896  -6.727  1.00 39.71 ? 34  ASN A CA  1 
ATOM   247  C  C   . ASN A 1 34  ? -2.230  14.826  -7.106  1.00 38.31 ? 34  ASN A C   1 
ATOM   248  O  O   . ASN A 1 34  ? -1.467  14.512  -8.019  1.00 39.24 ? 34  ASN A O   1 
ATOM   249  C  CB  . ASN A 1 34  ? -4.107  14.357  -5.441  1.00 41.44 ? 34  ASN A CB  1 
ATOM   250  C  CG  . ASN A 1 34  ? -5.234  13.407  -5.007  1.00 44.29 ? 34  ASN A CG  1 
ATOM   251  O  OD1 . ASN A 1 34  ? -5.587  13.320  -3.814  1.00 47.45 ? 34  ASN A OD1 1 
ATOM   252  N  ND2 . ASN A 1 34  ? -5.788  12.675  -5.977  1.00 47.05 ? 34  ASN A ND2 1 
ATOM   253  N  N   . GLY A 1 35  ? -2.039  15.941  -6.408  1.00 37.28 ? 35  GLY A N   1 
ATOM   254  C  CA  . GLY A 1 35  ? -0.832  16.779  -6.637  1.00 34.13 ? 35  GLY A CA  1 
ATOM   255  C  C   . GLY A 1 35  ? 0.439   16.301  -5.927  1.00 33.53 ? 35  GLY A C   1 
ATOM   256  O  O   . GLY A 1 35  ? 1.522   16.879  -6.088  1.00 32.36 ? 35  GLY A O   1 
ATOM   257  N  N   . THR A 1 36  ? 0.330   15.231  -5.143  1.00 31.58 ? 36  THR A N   1 
ATOM   258  C  CA  . THR A 1 36  ? 1.487   14.734  -4.345  1.00 29.66 ? 36  THR A CA  1 
ATOM   259  C  C   . THR A 1 36  ? 2.303   13.653  -5.045  1.00 28.58 ? 36  THR A C   1 
ATOM   260  O  O   . THR A 1 36  ? 1.767   12.844  -5.800  1.00 27.71 ? 36  THR A O   1 
ATOM   261  C  CB  . THR A 1 36  ? 0.988   14.231  -2.976  1.00 29.90 ? 36  THR A CB  1 
ATOM   262  O  OG1 . THR A 1 36  ? 0.345   15.316  -2.320  1.00 33.32 ? 36  THR A OG1 1 
ATOM   263  C  CG2 . THR A 1 36  ? 2.136   13.684  -2.086  1.00 30.96 ? 36  THR A CG2 1 
ATOM   264  N  N   . THR A 1 37  ? 3.616   13.678  -4.826  1.00 27.16 ? 37  THR A N   1 
ATOM   265  C  CA  . THR A 1 37  ? 4.500   12.582  -5.234  1.00 27.18 ? 37  THR A CA  1 
ATOM   266  C  C   . THR A 1 37  ? 5.342   12.253  -4.019  1.00 26.90 ? 37  THR A C   1 
ATOM   267  O  O   . THR A 1 37  ? 5.732   13.127  -3.285  1.00 24.75 ? 37  THR A O   1 
ATOM   268  C  CB  . THR A 1 37  ? 5.398   12.943  -6.405  1.00 27.88 ? 37  THR A CB  1 
ATOM   269  O  OG1 . THR A 1 37  ? 4.574   13.348  -7.500  1.00 29.18 ? 37  THR A OG1 1 
ATOM   270  C  CG2 . THR A 1 37  ? 6.269   11.734  -6.835  1.00 29.61 ? 37  THR A CG2 1 
ATOM   271  N  N   . GLU A 1 38  ? 5.570   10.963  -3.792  1.00 27.32 ? 38  GLU A N   1 
ATOM   272  C  CA  . GLU A 1 38  ? 6.447   10.542  -2.717  1.00 28.35 ? 38  GLU A CA  1 
ATOM   273  C  C   . GLU A 1 38  ? 7.466   9.593   -3.262  1.00 28.46 ? 38  GLU A C   1 
ATOM   274  O  O   . GLU A 1 38  ? 7.167   8.801   -4.167  1.00 28.74 ? 38  GLU A O   1 
ATOM   275  C  CB  . GLU A 1 38  ? 5.692   9.864   -1.594  1.00 28.83 ? 38  GLU A CB  1 
ATOM   276  C  CG  . GLU A 1 38  ? 6.650   9.447   -0.449  1.00 30.58 ? 38  GLU A CG  1 
ATOM   277  C  CD  . GLU A 1 38  ? 5.946   8.964   0.794   1.00 35.18 ? 38  GLU A CD  1 
ATOM   278  O  OE1 . GLU A 1 38  ? 4.713   8.713   0.732   1.00 31.96 ? 38  GLU A OE1 1 
ATOM   279  O  OE2 . GLU A 1 38  ? 6.646   8.809   1.832   1.00 36.25 ? 38  GLU A OE2 1 
ATOM   280  N  N   . THR A 1 39  ? 8.676   9.705   -2.741  1.00 28.92 ? 39  THR A N   1 
ATOM   281  C  CA  . THR A 1 39  ? 9.768   8.809   -3.108  1.00 30.12 ? 39  THR A CA  1 
ATOM   282  C  C   . THR A 1 39  ? 10.062  7.941   -1.885  1.00 29.90 ? 39  THR A C   1 
ATOM   283  O  O   . THR A 1 39  ? 10.034  8.398   -0.732  1.00 30.20 ? 39  THR A O   1 
ATOM   284  C  CB  . THR A 1 39  ? 11.062  9.589   -3.504  1.00 31.18 ? 39  THR A CB  1 
ATOM   285  O  OG1 . THR A 1 39  ? 11.448  10.425  -2.411  1.00 33.16 ? 39  THR A OG1 1 
ATOM   286  C  CG2 . THR A 1 39  ? 10.870  10.433  -4.784  1.00 31.51 ? 39  THR A CG2 1 
ATOM   287  N  N   . ALA A 1 40  ? 10.317  6.661   -2.139  1.00 29.02 ? 40  ALA A N   1 
ATOM   288  C  CA  . ALA A 1 40  ? 10.729  5.758   -1.081  1.00 29.00 ? 40  ALA A CA  1 
ATOM   289  C  C   . ALA A 1 40  ? 12.137  6.166   -0.635  1.00 29.03 ? 40  ALA A C   1 
ATOM   290  O  O   . ALA A 1 40  ? 12.883  6.722   -1.441  1.00 29.47 ? 40  ALA A O   1 
ATOM   291  C  CB  . ALA A 1 40  ? 10.754  4.341   -1.604  1.00 28.18 ? 40  ALA A CB  1 
ATOM   292  N  N   . PRO A 1 41  ? 12.494  5.868   0.617   1.00 30.77 ? 41  PRO A N   1 
ATOM   293  C  CA  . PRO A 1 41  ? 13.834  6.267   1.077   1.00 31.81 ? 41  PRO A CA  1 
ATOM   294  C  C   . PRO A 1 41  ? 14.906  5.640   0.190   1.00 32.82 ? 41  PRO A C   1 
ATOM   295  O  O   . PRO A 1 41  ? 14.720  4.517   -0.281  1.00 32.46 ? 41  PRO A O   1 
ATOM   296  C  CB  . PRO A 1 41  ? 13.909  5.660   2.474   1.00 32.79 ? 41  PRO A CB  1 
ATOM   297  C  CG  . PRO A 1 41  ? 12.481  5.498   2.927   1.00 32.31 ? 41  PRO A CG  1 
ATOM   298  C  CD  . PRO A 1 41  ? 11.726  5.180   1.676   1.00 30.86 ? 41  PRO A CD  1 
ATOM   299  N  N   . ASN A 1 42  ? 16.028  6.337   -0.028  1.00 32.94 ? 42  ASN A N   1 
ATOM   300  C  CA  . ASN A 1 42  ? 17.134  5.766   -0.804  1.00 32.98 ? 42  ASN A CA  1 
ATOM   301  C  C   . ASN A 1 42  ? 17.582  4.486   -0.128  1.00 32.05 ? 42  ASN A C   1 
ATOM   302  O  O   . ASN A 1 42  ? 17.553  4.414   1.094   1.00 32.34 ? 42  ASN A O   1 
ATOM   303  C  CB  . ASN A 1 42  ? 18.301  6.747   -0.891  1.00 34.27 ? 42  ASN A CB  1 
ATOM   304  C  CG  . ASN A 1 42  ? 17.996  7.943   -1.785  1.00 37.50 ? 42  ASN A CG  1 
ATOM   305  O  OD1 . ASN A 1 42  ? 17.145  7.885   -2.688  1.00 40.84 ? 42  ASN A OD1 1 
ATOM   306  N  ND2 . ASN A 1 42  ? 18.715  9.033   -1.552  1.00 39.46 ? 42  ASN A ND2 1 
ATOM   307  N  N   . GLY A 1 43  ? 17.910  3.465   -0.916  1.00 31.50 ? 43  GLY A N   1 
ATOM   308  C  CA  . GLY A 1 43  ? 18.315  2.183   -0.329  1.00 30.83 ? 43  GLY A CA  1 
ATOM   309  C  C   . GLY A 1 43  ? 17.214  1.158   -0.073  1.00 30.92 ? 43  GLY A C   1 
ATOM   310  O  O   . GLY A 1 43  ? 17.500  -0.029  0.143   1.00 31.07 ? 43  GLY A O   1 
ATOM   311  N  N   . THR A 1 44  ? 15.958  1.589   -0.122  1.00 29.60 ? 44  THR A N   1 
ATOM   312  C  CA  . THR A 1 44  ? 14.829  0.643   -0.036  1.00 28.40 ? 44  THR A CA  1 
ATOM   313  C  C   . THR A 1 44  ? 14.875  -0.420  -1.119  1.00 26.45 ? 44  THR A C   1 
ATOM   314  O  O   . THR A 1 44  ? 15.130  -0.131  -2.264  1.00 26.27 ? 44  THR A O   1 
ATOM   315  C  CB  . THR A 1 44  ? 13.443  1.368   -0.078  1.00 28.65 ? 44  THR A CB  1 
ATOM   316  O  OG1 . THR A 1 44  ? 13.459  2.495   0.789   1.00 29.99 ? 44  THR A OG1 1 
ATOM   317  C  CG2 . THR A 1 44  ? 12.321  0.436   0.448   1.00 26.82 ? 44  THR A CG2 1 
ATOM   318  N  N   . ARG A 1 45  ? 14.587  -1.676  -0.740  1.00 26.47 ? 45  ARG A N   1 
ATOM   319  C  CA  . ARG A 1 45  ? 14.435  -2.741  -1.739  1.00 25.57 ? 45  ARG A CA  1 
ATOM   320  C  C   . ARG A 1 45  ? 13.264  -2.405  -2.663  1.00 24.80 ? 45  ARG A C   1 
ATOM   321  O  O   . ARG A 1 45  ? 12.232  -1.910  -2.186  1.00 24.29 ? 45  ARG A O   1 
ATOM   322  C  CB  . ARG A 1 45  ? 14.016  -4.081  -1.109  1.00 25.51 ? 45  ARG A CB  1 
ATOM   323  C  CG  . ARG A 1 45  ? 14.989  -4.772  -0.230  1.00 27.73 ? 45  ARG A CG  1 
ATOM   324  C  CD  . ARG A 1 45  ? 14.261  -5.911  0.529   1.00 26.86 ? 45  ARG A CD  1 
ATOM   325  N  NE  . ARG A 1 45  ? 13.307  -6.690  -0.276  1.00 27.03 ? 45  ARG A NE  1 
ATOM   326  C  CZ  . ARG A 1 45  ? 13.552  -7.831  -0.934  1.00 27.87 ? 45  ARG A CZ  1 
ATOM   327  N  NH1 . ARG A 1 45  ? 12.587  -8.442  -1.623  1.00 28.30 ? 45  ARG A NH1 1 
ATOM   328  N  NH2 . ARG A 1 45  ? 14.763  -8.395  -0.926  1.00 29.80 ? 45  ARG A NH2 1 
ATOM   329  N  N   . CYS A 1 46  ? 13.428  -2.682  -3.947  1.00 24.06 ? 46  CYS A N   1 
ATOM   330  C  CA  . CYS A 1 46  ? 12.317  -2.531  -4.912  1.00 25.29 ? 46  CYS A CA  1 
ATOM   331  C  C   . CYS A 1 46  ? 12.388  -3.571  -6.004  1.00 25.83 ? 46  CYS A C   1 
ATOM   332  O  O   . CYS A 1 46  ? 13.487  -4.115  -6.301  1.00 24.97 ? 46  CYS A O   1 
ATOM   333  C  CB  . CYS A 1 46  ? 12.318  -1.162  -5.551  1.00 25.21 ? 46  CYS A CB  1 
ATOM   334  S  SG  . CYS A 1 46  ? 13.967  -0.755  -6.249  1.00 29.67 ? 46  CYS A SG  1 
ATOM   335  N  N   . PHE A 1 47  ? 11.234  -3.855  -6.607  1.00 23.80 ? 47  PHE A N   1 
ATOM   336  C  CA  . PHE A 1 47  ? 11.196  -4.624  -7.838  1.00 24.24 ? 47  PHE A CA  1 
ATOM   337  C  C   . PHE A 1 47  ? 11.054  -3.690  -9.001  1.00 25.72 ? 47  PHE A C   1 
ATOM   338  O  O   . PHE A 1 47  ? 10.231  -2.787  -8.982  1.00 26.57 ? 47  PHE A O   1 
ATOM   339  C  CB  . PHE A 1 47  ? 10.010  -5.601  -7.847  1.00 23.13 ? 47  PHE A CB  1 
ATOM   340  C  CG  . PHE A 1 47  ? 10.181  -6.761  -6.924  1.00 24.68 ? 47  PHE A CG  1 
ATOM   341  C  CD1 . PHE A 1 47  ? 11.364  -7.526  -6.944  1.00 24.66 ? 47  PHE A CD1 1 
ATOM   342  C  CD2 . PHE A 1 47  ? 9.172   -7.101  -6.031  1.00 21.64 ? 47  PHE A CD2 1 
ATOM   343  C  CE1 . PHE A 1 47  ? 11.523  -8.605  -6.104  1.00 23.70 ? 47  PHE A CE1 1 
ATOM   344  C  CE2 . PHE A 1 47  ? 9.290   -8.189  -5.203  1.00 21.63 ? 47  PHE A CE2 1 
ATOM   345  C  CZ  . PHE A 1 47  ? 10.490  -8.947  -5.192  1.00 24.49 ? 47  PHE A CZ  1 
ATOM   346  N  N   . SER A 1 48  ? 11.842  -3.884  -10.046 1.00 26.81 ? 48  SER A N   1 
ATOM   347  C  CA  . SER A 1 48  ? 11.725  -2.958  -11.165 1.00 29.62 ? 48  SER A CA  1 
ATOM   348  C  C   . SER A 1 48  ? 10.646  -3.397  -12.153 1.00 30.00 ? 48  SER A C   1 
ATOM   349  O  O   . SER A 1 48  ? 10.917  -3.650  -13.333 1.00 33.52 ? 48  SER A O   1 
ATOM   350  C  CB  . SER A 1 48  ? 13.103  -2.769  -11.837 1.00 30.27 ? 48  SER A CB  1 
ATOM   351  O  OG  . SER A 1 48  ? 13.735  -4.022  -11.986 1.00 34.20 ? 48  SER A OG  1 
ATOM   352  N  N   . ILE A 1 49  ? 9.406   -3.523  -11.675 1.00 28.52 ? 49  ILE A N   1 
ATOM   353  C  CA  . ILE A 1 49  ? 8.311   -3.852  -12.567 1.00 28.53 ? 49  ILE A CA  1 
ATOM   354  C  C   . ILE A 1 49  ? 7.289   -2.741  -12.799 1.00 26.72 ? 49  ILE A C   1 
ATOM   355  O  O   . ILE A 1 49  ? 6.581   -2.772  -13.797 1.00 26.84 ? 49  ILE A O   1 
ATOM   356  C  CB  . ILE A 1 49  ? 7.636   -5.199  -12.220 1.00 28.40 ? 49  ILE A CB  1 
ATOM   357  C  CG1 . ILE A 1 49  ? 6.928   -5.106  -10.887 1.00 30.37 ? 49  ILE A CG1 1 
ATOM   358  C  CG2 . ILE A 1 49  ? 8.679   -6.369  -12.196 1.00 30.19 ? 49  ILE A CG2 1 
ATOM   359  C  CD1 . ILE A 1 49  ? 6.097   -6.331  -10.596 1.00 33.33 ? 49  ILE A CD1 1 
ATOM   360  N  N   . GLY A 1 50  ? 7.236   -1.756  -11.906 1.00 25.75 ? 50  GLY A N   1 
ATOM   361  C  CA  . GLY A 1 50  ? 6.275   -0.654  -12.032 1.00 25.57 ? 50  GLY A CA  1 
ATOM   362  C  C   . GLY A 1 50  ? 4.903   -1.047  -11.539 1.00 26.28 ? 50  GLY A C   1 
ATOM   363  O  O   . GLY A 1 50  ? 4.583   -2.237  -11.447 1.00 26.01 ? 50  GLY A O   1 
ATOM   364  N  N   . ASP A 1 51  ? 4.073   -0.056  -11.241 1.00 27.92 ? 51  ASP A N   1 
ATOM   365  C  CA  . ASP A 1 51  ? 2.670   -0.288  -10.952 1.00 29.64 ? 51  ASP A CA  1 
ATOM   366  C  C   . ASP A 1 51  ? 1.959   -0.986  -12.093 1.00 30.08 ? 51  ASP A C   1 
ATOM   367  O  O   . ASP A 1 51  ? 1.192   -1.916  -11.852 1.00 29.60 ? 51  ASP A O   1 
ATOM   368  C  CB  . ASP A 1 51  ? 1.963   1.015   -10.606 1.00 30.77 ? 51  ASP A CB  1 
ATOM   369  C  CG  . ASP A 1 51  ? 2.436   1.611   -9.270  1.00 34.40 ? 51  ASP A CG  1 
ATOM   370  O  OD1 . ASP A 1 51  ? 2.048   2.753   -8.996  1.00 39.08 ? 51  ASP A OD1 1 
ATOM   371  O  OD2 . ASP A 1 51  ? 3.191   0.973   -8.495  1.00 35.54 ? 51  ASP A OD2 1 
ATOM   372  N  N   . GLU A 1 52  ? 2.202   -0.577  -13.343 1.00 30.07 ? 52  GLU A N   1 
ATOM   373  C  CA  . GLU A 1 52  ? 1.515   -1.244  -14.460 1.00 31.71 ? 52  GLU A CA  1 
ATOM   374  C  C   . GLU A 1 52  ? 1.962   -2.698  -14.663 1.00 29.19 ? 52  GLU A C   1 
ATOM   375  O  O   . GLU A 1 52  ? 1.131   -3.549  -14.971 1.00 30.89 ? 52  GLU A O   1 
ATOM   376  C  CB  . GLU A 1 52  ? 1.524   -0.428  -15.771 1.00 32.53 ? 52  GLU A CB  1 
ATOM   377  C  CG  . GLU A 1 52  ? 0.241   0.427   -15.953 1.00 39.08 ? 52  GLU A CG  1 
ATOM   378  C  CD  . GLU A 1 52  ? -1.075  -0.374  -15.799 1.00 42.98 ? 52  GLU A CD  1 
ATOM   379  O  OE1 . GLU A 1 52  ? -1.186  -1.523  -16.312 1.00 46.59 ? 52  GLU A OE1 1 
ATOM   380  O  OE2 . GLU A 1 52  ? -1.995  0.141   -15.126 1.00 45.81 ? 52  GLU A OE2 1 
ATOM   381  N  N   . GLY A 1 53  ? 3.243   -2.974  -14.443 1.00 27.47 ? 53  GLY A N   1 
ATOM   382  C  CA  . GLY A 1 53  ? 3.790   -4.319  -14.362 1.00 26.64 ? 53  GLY A CA  1 
ATOM   383  C  C   . GLY A 1 53  ? 3.012   -5.179  -13.366 1.00 25.63 ? 53  GLY A C   1 
ATOM   384  O  O   . GLY A 1 53  ? 2.637   -6.307  -13.694 1.00 25.32 ? 53  GLY A O   1 
ATOM   385  N  N   . LEU A 1 54  ? 2.774   -4.632  -12.161 1.00 25.33 ? 54  LEU A N   1 
ATOM   386  C  CA  . LEU A 1 54  ? 2.047   -5.365  -11.110 1.00 24.93 ? 54  LEU A CA  1 
ATOM   387  C  C   . LEU A 1 54  ? 0.598   -5.582  -11.468 1.00 26.69 ? 54  LEU A C   1 
ATOM   388  O  O   . LEU A 1 54  ? 0.035   -6.679  -11.243 1.00 25.44 ? 54  LEU A O   1 
ATOM   389  C  CB  . LEU A 1 54  ? 2.150   -4.641  -9.755  1.00 25.10 ? 54  LEU A CB  1 
ATOM   390  C  CG  . LEU A 1 54  ? 1.526   -5.383  -8.583  1.00 23.05 ? 54  LEU A CG  1 
ATOM   391  C  CD1 . LEU A 1 54  ? 2.316   -6.664  -8.314  1.00 22.54 ? 54  LEU A CD1 1 
ATOM   392  C  CD2 . LEU A 1 54  ? 1.447   -4.514  -7.322  1.00 24.50 ? 54  LEU A CD2 1 
ATOM   393  N  N   . ARG A 1 55  ? -0.031  -4.536  -12.012 1.00 27.13 ? 55  ARG A N   1 
ATOM   394  C  CA  . ARG A 1 55  ? -1.438  -4.661  -12.394 1.00 30.15 ? 55  ARG A CA  1 
ATOM   395  C  C   . ARG A 1 55  ? -1.639  -5.680  -13.527 1.00 30.01 ? 55  ARG A C   1 
ATOM   396  O  O   . ARG A 1 55  ? -2.720  -6.254  -13.663 1.00 31.77 ? 55  ARG A O   1 
ATOM   397  C  CB  . ARG A 1 55  ? -2.038  -3.278  -12.680 1.00 30.97 ? 55  ARG A CB  1 
ATOM   398  C  CG  . ARG A 1 55  ? -2.106  -2.350  -11.420 1.00 30.10 ? 55  ARG A CG  1 
ATOM   399  C  CD  . ARG A 1 55  ? -2.754  -0.958  -11.712 1.00 31.54 ? 55  ARG A CD  1 
ATOM   400  N  NE  . ARG A 1 55  ? -2.532  0.045   -10.644 1.00 35.31 ? 55  ARG A NE  1 
ATOM   401  C  CZ  . ARG A 1 55  ? -3.316  0.231   -9.571  1.00 35.50 ? 55  ARG A CZ  1 
ATOM   402  N  NH1 . ARG A 1 55  ? -4.391  -0.525  -9.377  1.00 34.64 ? 55  ARG A NH1 1 
ATOM   403  N  NH2 . ARG A 1 55  ? -3.022  1.188   -8.675  1.00 37.84 ? 55  ARG A NH2 1 
ATOM   404  N  N   . ARG A 1 56  ? -0.573  -5.966  -14.283 1.00 29.65 ? 56  ARG A N   1 
ATOM   405  C  CA  . ARG A 1 56  ? -0.598  -6.931  -15.394 1.00 31.09 ? 56  ARG A CA  1 
ATOM   406  C  C   . ARG A 1 56  ? -0.457  -8.387  -14.917 1.00 28.95 ? 56  ARG A C   1 
ATOM   407  O  O   . ARG A 1 56  ? -0.782  -9.338  -15.664 1.00 28.91 ? 56  ARG A O   1 
ATOM   408  C  CB  . ARG A 1 56  ? 0.555   -6.601  -16.344 1.00 30.98 ? 56  ARG A CB  1 
ATOM   409  C  CG  . ARG A 1 56  ? 0.530   -7.161  -17.759 1.00 36.79 ? 56  ARG A CG  1 
ATOM   410  C  CD  . ARG A 1 56  ? 1.418   -6.291  -18.705 1.00 36.70 ? 56  ARG A CD  1 
ATOM   411  N  NE  . ARG A 1 56  ? 2.785   -6.125  -18.206 1.00 44.61 ? 56  ARG A NE  1 
ATOM   412  C  CZ  . ARG A 1 56  ? 3.761   -5.478  -18.840 1.00 47.45 ? 56  ARG A CZ  1 
ATOM   413  N  NH1 . ARG A 1 56  ? 3.544   -4.927  -20.035 1.00 49.93 ? 56  ARG A NH1 1 
ATOM   414  N  NH2 . ARG A 1 56  ? 4.964   -5.387  -18.278 1.00 48.44 ? 56  ARG A NH2 1 
ATOM   415  N  N   . MET A 1 57  ? 0.038   -8.578  -13.694 1.00 25.33 ? 57  MET A N   1 
ATOM   416  C  CA  . MET A 1 57  ? 0.325   -9.926  -13.188 1.00 22.54 ? 57  MET A CA  1 
ATOM   417  C  C   . MET A 1 57  ? -0.971  -10.666 -12.813 1.00 21.14 ? 57  MET A C   1 
ATOM   418  O  O   . MET A 1 57  ? -1.861  -10.083 -12.209 1.00 21.40 ? 57  MET A O   1 
ATOM   419  C  CB  . MET A 1 57  ? 1.255   -9.830  -11.955 1.00 21.16 ? 57  MET A CB  1 
ATOM   420  C  CG  . MET A 1 57  ? 2.732   -9.439  -12.358 1.00 21.96 ? 57  MET A CG  1 
ATOM   421  S  SD  . MET A 1 57  ? 3.777   -8.924  -10.986 1.00 25.05 ? 57  MET A SD  1 
ATOM   422  C  CE  . MET A 1 57  ? 3.812   -10.352 -9.926  1.00 20.49 ? 57  MET A CE  1 
ATOM   423  N  N   . THR A 1 58  ? -1.074  -11.944 -13.137 1.00 20.59 ? 58  THR A N   1 
ATOM   424  C  CA  . THR A 1 58  ? -2.205  -12.727 -12.599 1.00 19.35 ? 58  THR A CA  1 
ATOM   425  C  C   . THR A 1 58  ? -2.007  -12.835 -11.107 1.00 18.02 ? 58  THR A C   1 
ATOM   426  O  O   . THR A 1 58  ? -0.915  -13.236 -10.695 1.00 17.73 ? 58  THR A O   1 
ATOM   427  C  CB  . THR A 1 58  ? -2.222  -14.111 -13.236 1.00 20.96 ? 58  THR A CB  1 
ATOM   428  O  OG1 . THR A 1 58  ? -2.447  -13.943 -14.644 1.00 21.85 ? 58  THR A OG1 1 
ATOM   429  C  CG2 . THR A 1 58  ? -3.345  -14.966 -12.640 1.00 18.95 ? 58  THR A CG2 1 
ATOM   430  N  N   . ALA A 1 59  ? -3.026  -12.533 -10.293 1.00 17.18 ? 59  ALA A N   1 
ATOM   431  C  CA  . ALA A 1 59  ? -2.871  -12.645 -8.828  1.00 17.05 ? 59  ALA A CA  1 
ATOM   432  C  C   . ALA A 1 59  ? -2.517  -14.062 -8.358  1.00 17.17 ? 59  ALA A C   1 
ATOM   433  O  O   . ALA A 1 59  ? -3.068  -15.062 -8.888  1.00 17.08 ? 59  ALA A O   1 
ATOM   434  C  CB  . ALA A 1 59  ? -4.158  -12.200 -8.116  1.00 18.86 ? 59  ALA A CB  1 
ATOM   435  N  N   . ASN A 1 60  ? -1.632  -14.129 -7.364  1.00 15.72 ? 60  ASN A N   1 
ATOM   436  C  CA  . ASN A 1 60  ? -1.327  -15.357 -6.641  1.00 15.50 ? 60  ASN A CA  1 
ATOM   437  C  C   . ASN A 1 60  ? -0.598  -16.430 -7.449  1.00 15.90 ? 60  ASN A C   1 
ATOM   438  O  O   . ASN A 1 60  ? -0.613  -17.612 -7.027  1.00 19.47 ? 60  ASN A O   1 
ATOM   439  C  CB  . ASN A 1 60  ? -2.596  -15.876 -5.959  1.00 17.21 ? 60  ASN A CB  1 
ATOM   440  C  CG  . ASN A 1 60  ? -3.065  -14.913 -4.918  1.00 14.33 ? 60  ASN A CG  1 
ATOM   441  O  OD1 . ASN A 1 60  ? -2.356  -14.674 -3.910  1.00 18.10 ? 60  ASN A OD1 1 
ATOM   442  N  ND2 . ASN A 1 60  ? -4.186  -14.244 -5.192  1.00 17.43 ? 60  ASN A ND2 1 
ATOM   443  N  N   . LEU A 1 61  ? 0.043   -16.035 -8.550  1.00 15.56 ? 61  LEU A N   1 
ATOM   444  C  CA  . LEU A 1 61  ? 0.951   -16.978 -9.255  1.00 16.24 ? 61  LEU A CA  1 
ATOM   445  C  C   . LEU A 1 61  ? 2.357   -16.406 -9.189  1.00 17.49 ? 61  LEU A C   1 
ATOM   446  O  O   . LEU A 1 61  ? 2.533   -15.164 -9.168  1.00 16.64 ? 61  LEU A O   1 
ATOM   447  C  CB  . LEU A 1 61  ? 0.572   -17.110 -10.714 1.00 16.60 ? 61  LEU A CB  1 
ATOM   448  C  CG  . LEU A 1 61  ? -0.793  -17.750 -11.009 1.00 16.39 ? 61  LEU A CG  1 
ATOM   449  C  CD1 . LEU A 1 61  ? -0.987  -17.874 -12.532 1.00 17.90 ? 61  LEU A CD1 1 
ATOM   450  C  CD2 . LEU A 1 61  ? -0.980  -19.084 -10.237 1.00 18.07 ? 61  LEU A CD2 1 
ATOM   451  N  N   . PRO A 1 62  ? 3.368   -17.300 -9.187  1.00 17.38 ? 62  PRO A N   1 
ATOM   452  C  CA  . PRO A 1 62  ? 4.745   -16.832 -9.074  1.00 17.93 ? 62  PRO A CA  1 
ATOM   453  C  C   . PRO A 1 62  ? 5.272   -16.189 -10.349 1.00 18.96 ? 62  PRO A C   1 
ATOM   454  O  O   . PRO A 1 62  ? 5.091   -16.727 -11.436 1.00 19.26 ? 62  PRO A O   1 
ATOM   455  C  CB  . PRO A 1 62  ? 5.539   -18.114 -8.782  1.00 18.10 ? 62  PRO A CB  1 
ATOM   456  C  CG  . PRO A 1 62  ? 4.697   -19.274 -9.416  1.00 18.35 ? 62  PRO A CG  1 
ATOM   457  C  CD  . PRO A 1 62  ? 3.239   -18.770 -9.223  1.00 17.42 ? 62  PRO A CD  1 
ATOM   458  N  N   . TYR A 1 63  ? 5.967   -15.062 -10.196 1.00 19.51 ? 63  TYR A N   1 
ATOM   459  C  CA  . TYR A 1 63  ? 6.717   -14.470 -11.289 1.00 20.34 ? 63  TYR A CA  1 
ATOM   460  C  C   . TYR A 1 63  ? 8.174   -14.296 -10.844 1.00 21.44 ? 63  TYR A C   1 
ATOM   461  O  O   . TYR A 1 63  ? 8.435   -14.173 -9.674  1.00 21.38 ? 63  TYR A O   1 
ATOM   462  C  CB  . TYR A 1 63  ? 6.157   -13.096 -11.688 1.00 21.73 ? 63  TYR A CB  1 
ATOM   463  C  CG  . TYR A 1 63  ? 4.799   -13.146 -12.410 1.00 19.98 ? 63  TYR A CG  1 
ATOM   464  C  CD1 . TYR A 1 63  ? 4.699   -12.883 -13.770 1.00 24.16 ? 63  TYR A CD1 1 
ATOM   465  C  CD2 . TYR A 1 63  ? 3.623   -13.438 -11.709 1.00 17.84 ? 63  TYR A CD2 1 
ATOM   466  C  CE1 . TYR A 1 63  ? 3.481   -12.927 -14.453 1.00 25.98 ? 63  TYR A CE1 1 
ATOM   467  C  CE2 . TYR A 1 63  ? 2.388   -13.494 -12.377 1.00 20.18 ? 63  TYR A CE2 1 
ATOM   468  C  CZ  . TYR A 1 63  ? 2.308   -13.242 -13.750 1.00 24.77 ? 63  TYR A CZ  1 
ATOM   469  O  OH  . TYR A 1 63  ? 1.064   -13.281 -14.400 1.00 23.83 ? 63  TYR A OH  1 
ATOM   470  N  N   . ASP A 1 64  ? 9.106   -14.199 -11.804 1.00 24.55 ? 64  ASP A N   1 
ATOM   471  C  CA  . ASP A 1 64  ? 10.498  -13.817 -11.453 1.00 26.94 ? 64  ASP A CA  1 
ATOM   472  C  C   . ASP A 1 64  ? 10.636  -12.300 -11.607 1.00 26.58 ? 64  ASP A C   1 
ATOM   473  O  O   . ASP A 1 64  ? 10.483  -11.764 -12.692 1.00 28.83 ? 64  ASP A O   1 
ATOM   474  C  CB  . ASP A 1 64  ? 11.465  -14.571 -12.379 1.00 28.54 ? 64  ASP A CB  1 
ATOM   475  C  CG  . ASP A 1 64  ? 11.344  -16.084 -12.208 1.00 29.79 ? 64  ASP A CG  1 
ATOM   476  O  OD1 . ASP A 1 64  ? 11.340  -16.546 -11.055 1.00 33.19 ? 64  ASP A OD1 1 
ATOM   477  O  OD2 . ASP A 1 64  ? 11.240  -16.804 -13.222 1.00 38.56 ? 64  ASP A OD2 1 
ATOM   478  N  N   . CYS A 1 65  ? 10.869  -11.641 -10.488 1.00 27.16 ? 65  CYS A N   1 
ATOM   479  C  CA  . CYS A 1 65  ? 10.748  -10.202 -10.349 1.00 27.17 ? 65  CYS A CA  1 
ATOM   480  C  C   . CYS A 1 65  ? 12.170  -9.610  -10.156 1.00 26.72 ? 65  CYS A C   1 
ATOM   481  O  O   . CYS A 1 65  ? 12.859  -9.935  -9.193  1.00 26.53 ? 65  CYS A O   1 
ATOM   482  C  CB  . CYS A 1 65  ? 9.814   -9.943  -9.143  1.00 28.74 ? 65  CYS A CB  1 
ATOM   483  S  SG  . CYS A 1 65  ? 8.150   -10.961 -9.224  1.00 30.03 ? 65  CYS A SG  1 
ATOM   484  N  N   . PRO A 1 66  ? 12.613  -8.739  -11.075 1.00 27.70 ? 66  PRO A N   1 
ATOM   485  C  CA  . PRO A 1 66  ? 13.987  -8.201  -10.926 1.00 26.98 ? 66  PRO A CA  1 
ATOM   486  C  C   . PRO A 1 66  ? 14.101  -7.292  -9.711  1.00 26.96 ? 66  PRO A C   1 
ATOM   487  O  O   . PRO A 1 66  ? 13.299  -6.376  -9.573  1.00 27.80 ? 66  PRO A O   1 
ATOM   488  C  CB  . PRO A 1 66  ? 14.212  -7.414  -12.233 1.00 27.96 ? 66  PRO A CB  1 
ATOM   489  C  CG  . PRO A 1 66  ? 13.162  -7.873  -13.147 1.00 28.53 ? 66  PRO A CG  1 
ATOM   490  C  CD  . PRO A 1 66  ? 11.970  -8.243  -12.292 1.00 27.45 ? 66  PRO A CD  1 
ATOM   491  N  N   . LEU A 1 67  ? 15.103  -7.535  -8.852  1.00 26.60 ? 67  LEU A N   1 
ATOM   492  C  CA  . LEU A 1 67  ? 15.310  -6.780  -7.631  1.00 27.52 ? 67  LEU A CA  1 
ATOM   493  C  C   . LEU A 1 67  ? 16.284  -5.634  -7.817  1.00 28.92 ? 67  LEU A C   1 
ATOM   494  O  O   . LEU A 1 67  ? 17.264  -5.769  -8.553  1.00 29.61 ? 67  LEU A O   1 
ATOM   495  C  CB  . LEU A 1 67  ? 15.864  -7.682  -6.534  1.00 27.83 ? 67  LEU A CB  1 
ATOM   496  C  CG  . LEU A 1 67  ? 15.874  -7.128  -5.118  1.00 30.73 ? 67  LEU A CG  1 
ATOM   497  C  CD1 . LEU A 1 67  ? 14.451  -7.025  -4.515  1.00 29.22 ? 67  LEU A CD1 1 
ATOM   498  C  CD2 . LEU A 1 67  ? 16.757  -7.981  -4.247  1.00 33.79 ? 67  LEU A CD2 1 
ATOM   499  N  N   . GLY A 1 68  ? 15.985  -4.528  -7.142  1.00 28.33 ? 68  GLY A N   1 
ATOM   500  C  CA  . GLY A 1 68  ? 16.876  -3.344  -7.080  1.00 28.45 ? 68  GLY A CA  1 
ATOM   501  C  C   . GLY A 1 68  ? 16.866  -2.634  -5.757  1.00 28.72 ? 68  GLY A C   1 
ATOM   502  O  O   . GLY A 1 68  ? 16.347  -3.124  -4.757  1.00 27.34 ? 68  GLY A O   1 
ATOM   503  N  N   . GLN A 1 69  ? 17.473  -1.432  -5.747  1.00 28.76 ? 69  GLN A N   1 
ATOM   504  C  CA  . GLN A 1 69  ? 17.388  -0.541  -4.612  1.00 30.22 ? 69  GLN A CA  1 
ATOM   505  C  C   . GLN A 1 69  ? 16.993  0.823   -5.138  1.00 29.54 ? 69  GLN A C   1 
ATOM   506  O  O   . GLN A 1 69  ? 17.360  1.161   -6.262  1.00 30.05 ? 69  GLN A O   1 
ATOM   507  C  CB  . GLN A 1 69  ? 18.736  -0.437  -3.891  1.00 30.82 ? 69  GLN A CB  1 
ATOM   508  C  CG  . GLN A 1 69  ? 18.876  -1.446  -2.773  1.00 35.34 ? 69  GLN A CG  1 
ATOM   509  C  CD  . GLN A 1 69  ? 20.169  -1.258  -1.978  1.00 40.17 ? 69  GLN A CD  1 
ATOM   510  O  OE1 . GLN A 1 69  ? 21.254  -1.532  -2.482  1.00 43.95 ? 69  GLN A OE1 1 
ATOM   511  N  NE2 . GLN A 1 69  ? 20.042  -0.844  -0.731  1.00 40.56 ? 69  GLN A NE2 1 
ATOM   512  N  N   . CYS A 1 70  ? 16.227  1.566   -4.345  1.00 30.83 ? 70  CYS A N   1 
ATOM   513  C  CA  . CYS A 1 70  ? 15.759  2.889   -4.744  1.00 31.18 ? 70  CYS A CA  1 
ATOM   514  C  C   . CYS A 1 70  ? 16.887  3.883   -4.633  1.00 32.45 ? 70  CYS A C   1 
ATOM   515  O  O   . CYS A 1 70  ? 17.683  3.837   -3.700  1.00 31.66 ? 70  CYS A O   1 
ATOM   516  C  CB  . CYS A 1 70  ? 14.611  3.376   -3.857  1.00 31.73 ? 70  CYS A CB  1 
ATOM   517  S  SG  . CYS A 1 70  ? 13.076  2.395   -4.018  1.00 31.40 ? 70  CYS A SG  1 
ATOM   518  N  N   . SER A 1 71  ? 16.913  4.790   -5.588  1.00 34.81 ? 71  SER A N   1 
ATOM   519  C  CA  . SER A 1 71  ? 17.860  5.911   -5.550  1.00 37.64 ? 71  SER A CA  1 
ATOM   520  C  C   . SER A 1 71  ? 17.201  7.083   -6.256  1.00 38.20 ? 71  SER A C   1 
ATOM   521  O  O   . SER A 1 71  ? 16.939  7.040   -7.472  1.00 38.16 ? 71  SER A O   1 
ATOM   522  C  CB  . SER A 1 71  ? 19.186  5.527   -6.193  1.00 38.47 ? 71  SER A CB  1 
ATOM   523  O  OG  . SER A 1 71  ? 18.976  5.031   -7.498  1.00 41.99 ? 71  SER A OG  1 
ATOM   524  N  N   . ASN A 1 72  ? 16.873  8.090   -5.445  1.00 39.41 ? 72  ASN A N   1 
ATOM   525  C  CA  . ASN A 1 72  ? 16.194  9.296   -5.905  1.00 39.97 ? 72  ASN A CA  1 
ATOM   526  C  C   . ASN A 1 72  ? 14.963  9.003   -6.776  1.00 39.94 ? 72  ASN A C   1 
ATOM   527  O  O   . ASN A 1 72  ? 14.836  9.466   -7.919  1.00 39.83 ? 72  ASN A O   1 
ATOM   528  C  CB  . ASN A 1 72  ? 17.214  10.225  -6.559  1.00 40.19 ? 72  ASN A CB  1 
ATOM   529  C  CG  . ASN A 1 72  ? 18.439  10.404  -5.695  1.00 42.75 ? 72  ASN A CG  1 
ATOM   530  O  OD1 . ASN A 1 72  ? 18.337  10.637  -4.472  1.00 44.41 ? 72  ASN A OD1 1 
ATOM   531  N  ND2 . ASN A 1 72  ? 19.613  10.266  -6.304  1.00 44.54 ? 72  ASN A ND2 1 
ATOM   532  N  N   . GLY A 1 73  ? 14.068  8.194   -6.202  1.00 39.86 ? 73  GLY A N   1 
ATOM   533  C  CA  . GLY A 1 73  ? 12.786  7.863   -6.821  1.00 39.62 ? 73  GLY A CA  1 
ATOM   534  C  C   . GLY A 1 73  ? 12.806  6.824   -7.923  1.00 39.90 ? 73  GLY A C   1 
ATOM   535  O  O   . GLY A 1 73  ? 11.760  6.518   -8.486  1.00 39.96 ? 73  GLY A O   1 
ATOM   536  N  N   . ASP A 1 74  ? 13.983  6.290   -8.240  1.00 40.20 ? 74  ASP A N   1 
ATOM   537  C  CA  . ASP A 1 74  ? 14.135  5.293   -9.297  1.00 40.53 ? 74  ASP A CA  1 
ATOM   538  C  C   . ASP A 1 74  ? 14.713  3.980   -8.762  1.00 39.71 ? 74  ASP A C   1 
ATOM   539  O  O   . ASP A 1 74  ? 15.622  4.001   -7.941  1.00 40.42 ? 74  ASP A O   1 
ATOM   540  C  CB  . ASP A 1 74  ? 15.046  5.821   -10.388 1.00 41.51 ? 74  ASP A CB  1 
ATOM   541  C  CG  . ASP A 1 74  ? 14.417  6.957   -11.183 1.00 45.06 ? 74  ASP A CG  1 
ATOM   542  O  OD1 . ASP A 1 74  ? 13.233  7.311   -10.939 1.00 50.61 ? 74  ASP A OD1 1 
ATOM   543  O  OD2 . ASP A 1 74  ? 15.122  7.502   -12.053 1.00 48.93 ? 74  ASP A OD2 1 
ATOM   544  N  N   . CYS A 1 75  ? 14.188  2.858   -9.251  1.00 39.01 ? 75  CYS A N   1 
ATOM   545  C  CA  . CYS A 1 75  ? 14.631  1.511   -8.849  1.00 38.57 ? 75  CYS A CA  1 
ATOM   546  C  C   . CYS A 1 75  ? 15.751  1.094   -9.764  1.00 39.08 ? 75  CYS A C   1 
ATOM   547  O  O   . CYS A 1 75  ? 15.546  0.927   -10.972 1.00 39.18 ? 75  CYS A O   1 
ATOM   548  C  CB  . CYS A 1 75  ? 13.480  0.501   -8.956  1.00 38.32 ? 75  CYS A CB  1 
ATOM   549  S  SG  . CYS A 1 75  ? 13.833  -1.133  -8.205  1.00 37.47 ? 75  CYS A SG  1 
ATOM   550  N  N   . ILE A 1 76  ? 16.942  0.949   -9.189  1.00 38.71 ? 76  ILE A N   1 
ATOM   551  C  CA  . ILE A 1 76  ? 18.116  0.616   -9.980  1.00 39.50 ? 76  ILE A CA  1 
ATOM   552  C  C   . ILE A 1 76  ? 18.374  -0.869  -9.803  1.00 39.42 ? 76  ILE A C   1 
ATOM   553  O  O   . ILE A 1 76  ? 18.617  -1.321  -8.689  1.00 37.94 ? 76  ILE A O   1 
ATOM   554  C  CB  . ILE A 1 76  ? 19.320  1.481   -9.627  1.00 39.74 ? 76  ILE A CB  1 
ATOM   555  C  CG1 . ILE A 1 76  ? 19.215  2.843   -10.335 1.00 40.82 ? 76  ILE A CG1 1 
ATOM   556  C  CG2 . ILE A 1 76  ? 20.606  0.854   -10.127 1.00 39.46 ? 76  ILE A CG2 1 
ATOM   557  C  CD1 . ILE A 1 76  ? 18.076  3.696   -9.920  1.00 41.11 ? 76  ILE A CD1 1 
ATOM   558  N  N   . PRO A 1 77  ? 18.248  -1.618  -10.899 1.00 39.79 ? 77  PRO A N   1 
ATOM   559  C  CA  . PRO A 1 77  ? 18.429  -3.066  -10.932 1.00 40.45 ? 77  PRO A CA  1 
ATOM   560  C  C   . PRO A 1 77  ? 19.771  -3.523  -10.363 1.00 40.16 ? 77  PRO A C   1 
ATOM   561  O  O   . PRO A 1 77  ? 20.790  -2.847  -10.521 1.00 40.49 ? 77  PRO A O   1 
ATOM   562  C  CB  . PRO A 1 77  ? 18.366  -3.384  -12.430 1.00 40.85 ? 77  PRO A CB  1 
ATOM   563  C  CG  . PRO A 1 77  ? 17.528  -2.309  -13.005 1.00 40.30 ? 77  PRO A CG  1 
ATOM   564  C  CD  . PRO A 1 77  ? 17.884  -1.088  -12.225 1.00 40.48 ? 77  PRO A CD  1 
ATOM   565  N  N   . LYS A 1 78  ? 19.735  -4.650  -9.668  1.00 39.37 ? 78  LYS A N   1 
ATOM   566  C  CA  . LYS A 1 78  ? 20.923  -5.407  -9.326  1.00 39.02 ? 78  LYS A CA  1 
ATOM   567  C  C   . LYS A 1 78  ? 20.947  -6.614  -10.266 1.00 37.89 ? 78  LYS A C   1 
ATOM   568  O  O   . LYS A 1 78  ? 20.242  -6.642  -11.264 1.00 38.35 ? 78  LYS A O   1 
ATOM   569  C  CB  . LYS A 1 78  ? 20.828  -5.886  -7.890  1.00 39.41 ? 78  LYS A CB  1 
ATOM   570  C  CG  . LYS A 1 78  ? 20.430  -4.840  -6.867  1.00 41.93 ? 78  LYS A CG  1 
ATOM   571  C  CD  . LYS A 1 78  ? 20.436  -5.482  -5.482  1.00 43.83 ? 78  LYS A CD  1 
ATOM   572  C  CE  . LYS A 1 78  ? 20.637  -4.439  -4.367  1.00 45.84 ? 78  LYS A CE  1 
ATOM   573  N  NZ  . LYS A 1 78  ? 21.425  -3.230  -4.780  1.00 47.92 ? 78  LYS A NZ  1 
ATOM   574  N  N   . GLU A 1 79  ? 21.742  -7.621  -9.951  1.00 36.02 ? 79  GLU A N   1 
ATOM   575  C  CA  . GLU A 1 79  ? 21.846  -8.780  -10.832 1.00 34.95 ? 79  GLU A CA  1 
ATOM   576  C  C   . GLU A 1 79  ? 20.925  -9.901  -10.380 1.00 33.43 ? 79  GLU A C   1 
ATOM   577  O  O   . GLU A 1 79  ? 20.989  -11.030 -10.923 1.00 33.72 ? 79  GLU A O   1 
ATOM   578  C  CB  . GLU A 1 79  ? 23.308  -9.274  -10.905 1.00 36.18 ? 79  GLU A CB  1 
ATOM   579  C  CG  . GLU A 1 79  ? 24.216  -8.352  -11.736 1.00 38.42 ? 79  GLU A CG  1 
ATOM   580  C  CD  . GLU A 1 79  ? 24.023  -8.547  -13.219 1.00 43.64 ? 79  GLU A CD  1 
ATOM   581  O  OE1 . GLU A 1 79  ? 23.285  -9.486  -13.619 1.00 44.05 ? 79  GLU A OE1 1 
ATOM   582  O  OE2 . GLU A 1 79  ? 24.628  -7.770  -13.992 1.00 46.29 ? 79  GLU A OE2 1 
ATOM   583  N  N   . THR A 1 80  ? 20.030  -9.586  -9.435  1.00 30.40 ? 80  THR A N   1 
ATOM   584  C  CA  . THR A 1 80  ? 19.245  -10.654 -8.813  1.00 27.66 ? 80  THR A CA  1 
ATOM   585  C  C   . THR A 1 80  ? 17.737  -10.515 -9.060  1.00 26.72 ? 80  THR A C   1 
ATOM   586  O  O   . THR A 1 80  ? 17.271  -9.450  -9.416  1.00 23.90 ? 80  THR A O   1 
ATOM   587  C  CB  . THR A 1 80  ? 19.536  -10.826 -7.311  1.00 29.81 ? 80  THR A CB  1 
ATOM   588  O  OG1 . THR A 1 80  ? 18.878  -9.816  -6.554  1.00 31.79 ? 80  THR A OG1 1 
ATOM   589  C  CG2 . THR A 1 80  ? 21.055  -10.734 -7.005  1.00 27.93 ? 80  THR A CG2 1 
ATOM   590  N  N   . TYR A 1 81  ? 17.044  -11.642 -8.932  1.00 25.32 ? 81  TYR A N   1 
ATOM   591  C  CA  . TYR A 1 81  ? 15.574  -11.738 -9.067  1.00 27.19 ? 81  TYR A CA  1 
ATOM   592  C  C   . TYR A 1 81  ? 15.035  -12.470 -7.877  1.00 25.84 ? 81  TYR A C   1 
ATOM   593  O  O   . TYR A 1 81  ? 15.722  -13.303 -7.283  1.00 24.71 ? 81  TYR A O   1 
ATOM   594  C  CB  . TYR A 1 81  ? 15.173  -12.577 -10.277 1.00 29.23 ? 81  TYR A CB  1 
ATOM   595  C  CG  . TYR A 1 81  ? 15.673  -12.093 -11.565 1.00 33.43 ? 81  TYR A CG  1 
ATOM   596  C  CD1 . TYR A 1 81  ? 14.872  -11.310 -12.381 1.00 35.22 ? 81  TYR A CD1 1 
ATOM   597  C  CD2 . TYR A 1 81  ? 16.971  -12.392 -11.987 1.00 33.61 ? 81  TYR A CD2 1 
ATOM   598  C  CE1 . TYR A 1 81  ? 15.331  -10.841 -13.579 1.00 36.12 ? 81  TYR A CE1 1 
ATOM   599  C  CE2 . TYR A 1 81  ? 17.437  -11.938 -13.184 1.00 37.56 ? 81  TYR A CE2 1 
ATOM   600  C  CZ  . TYR A 1 81  ? 16.610  -11.149 -13.984 1.00 35.92 ? 81  TYR A CZ  1 
ATOM   601  O  OH  . TYR A 1 81  ? 17.068  -10.674 -15.193 1.00 37.67 ? 81  TYR A OH  1 
ATOM   602  N  N   . GLU A 1 82  ? 13.755  -12.219 -7.539  1.00 23.70 ? 82  GLU A N   1 
ATOM   603  C  CA  . GLU A 1 82  ? 13.130  -12.990 -6.491  1.00 23.62 ? 82  GLU A CA  1 
ATOM   604  C  C   . GLU A 1 82  ? 11.775  -13.396 -7.010  1.00 22.94 ? 82  GLU A C   1 
ATOM   605  O  O   . GLU A 1 82  ? 11.180  -12.669 -7.808  1.00 22.58 ? 82  GLU A O   1 
ATOM   606  C  CB  . GLU A 1 82  ? 12.922  -12.138 -5.243  1.00 24.58 ? 82  GLU A CB  1 
ATOM   607  C  CG  . GLU A 1 82  ? 14.183  -11.883 -4.438  1.00 27.58 ? 82  GLU A CG  1 
ATOM   608  C  CD  . GLU A 1 82  ? 13.890  -11.104 -3.192  1.00 33.83 ? 82  GLU A CD  1 
ATOM   609  O  OE1 . GLU A 1 82  ? 12.690  -10.892 -2.906  1.00 34.75 ? 82  GLU A OE1 1 
ATOM   610  O  OE2 . GLU A 1 82  ? 14.841  -10.753 -2.458  1.00 35.50 ? 82  GLU A OE2 1 
ATOM   611  N  N   . VAL A 1 83  ? 11.299  -14.541 -6.569  1.00 22.11 ? 83  VAL A N   1 
ATOM   612  C  CA  . VAL A 1 83  ? 9.966   -14.966 -6.953  1.00 20.50 ? 83  VAL A CA  1 
ATOM   613  C  C   . VAL A 1 83  ? 9.035   -14.031 -6.212  1.00 19.30 ? 83  VAL A C   1 
ATOM   614  O  O   . VAL A 1 83  ? 9.151   -13.855 -4.979  1.00 20.67 ? 83  VAL A O   1 
ATOM   615  C  CB  . VAL A 1 83  ? 9.679   -16.426 -6.533  1.00 20.94 ? 83  VAL A CB  1 
ATOM   616  C  CG1 . VAL A 1 83  ? 8.177   -16.764 -6.769  1.00 22.06 ? 83  VAL A CG1 1 
ATOM   617  C  CG2 . VAL A 1 83  ? 10.523  -17.368 -7.371  1.00 23.32 ? 83  VAL A CG2 1 
ATOM   618  N  N   . CYS A 1 84  ? 8.105   -13.457 -6.950  1.00 19.58 ? 84  CYS A N   1 
ATOM   619  C  CA  . CYS A 1 84  ? 7.145   -12.624 -6.268  1.00 19.55 ? 84  CYS A CA  1 
ATOM   620  C  C   . CYS A 1 84  ? 5.730   -12.827 -6.810  1.00 18.89 ? 84  CYS A C   1 
ATOM   621  O  O   . CYS A 1 84  ? 5.556   -13.401 -7.915  1.00 18.69 ? 84  CYS A O   1 
ATOM   622  C  CB  . CYS A 1 84  ? 7.591   -11.166 -6.283  1.00 19.76 ? 84  CYS A CB  1 
ATOM   623  S  SG  . CYS A 1 84  ? 7.138   -10.282 -7.646  1.00 27.34 ? 84  CYS A SG  1 
ATOM   624  N  N   . TYR A 1 85  ? 4.759   -12.348 -6.018  1.00 17.95 ? 85  TYR A N   1 
ATOM   625  C  CA  . TYR A 1 85  ? 3.343   -12.613 -6.264  1.00 17.24 ? 85  TYR A CA  1 
ATOM   626  C  C   . TYR A 1 85  ? 2.571   -11.325 -6.073  1.00 16.56 ? 85  TYR A C   1 
ATOM   627  O  O   . TYR A 1 85  ? 2.846   -10.554 -5.134  1.00 16.78 ? 85  TYR A O   1 
ATOM   628  C  CB  . TYR A 1 85  ? 2.807   -13.541 -5.204  1.00 17.46 ? 85  TYR A CB  1 
ATOM   629  C  CG  . TYR A 1 85  ? 3.375   -14.956 -5.208  1.00 17.69 ? 85  TYR A CG  1 
ATOM   630  C  CD1 . TYR A 1 85  ? 2.640   -16.002 -5.796  1.00 17.70 ? 85  TYR A CD1 1 
ATOM   631  C  CD2 . TYR A 1 85  ? 4.576   -15.248 -4.544  1.00 17.88 ? 85  TYR A CD2 1 
ATOM   632  C  CE1 . TYR A 1 85  ? 3.157   -17.327 -5.803  1.00 20.26 ? 85  TYR A CE1 1 
ATOM   633  C  CE2 . TYR A 1 85  ? 5.110   -16.568 -4.529  1.00 18.33 ? 85  TYR A CE2 1 
ATOM   634  C  CZ  . TYR A 1 85  ? 4.377   -17.589 -5.171  1.00 20.98 ? 85  TYR A CZ  1 
ATOM   635  O  OH  . TYR A 1 85  ? 4.892   -18.897 -5.165  1.00 20.90 ? 85  TYR A OH  1 
ATOM   636  N  N   . ARG A 1 86  ? 1.576   -11.146 -6.938  1.00 14.91 ? 86  ARG A N   1 
ATOM   637  C  CA  . ARG A 1 86  ? 0.591   -10.080 -6.727  1.00 14.82 ? 86  ARG A CA  1 
ATOM   638  C  C   . ARG A 1 86  ? -0.494  -10.647 -5.817  1.00 16.61 ? 86  ARG A C   1 
ATOM   639  O  O   . ARG A 1 86  ? -1.014  -11.749 -6.071  1.00 16.81 ? 86  ARG A O   1 
ATOM   640  C  CB  . ARG A 1 86  ? -0.034  -9.676  -8.062  1.00 14.48 ? 86  ARG A CB  1 
ATOM   641  C  CG  . ARG A 1 86  ? -1.242  -8.785  -7.813  1.00 17.86 ? 86  ARG A CG  1 
ATOM   642  C  CD  . ARG A 1 86  ? -2.030  -8.598  -9.050  1.00 21.52 ? 86  ARG A CD  1 
ATOM   643  N  NE  . ARG A 1 86  ? -3.269  -7.854  -8.744  1.00 20.90 ? 86  ARG A NE  1 
ATOM   644  C  CZ  . ARG A 1 86  ? -3.953  -7.203  -9.673  1.00 27.43 ? 86  ARG A CZ  1 
ATOM   645  N  NH1 . ARG A 1 86  ? -3.511  -7.216  -10.926 1.00 30.65 ? 86  ARG A NH1 1 
ATOM   646  N  NH2 . ARG A 1 86  ? -5.048  -6.525  -9.347  1.00 25.86 ? 86  ARG A NH2 1 
ATOM   647  N  N   . ARG A 1 87  ? -0.788  -9.949  -4.717  1.00 17.08 ? 87  ARG A N   1 
ATOM   648  C  CA  . ARG A 1 87  ? -1.933  -10.314 -3.873  1.00 16.24 ? 87  ARG A CA  1 
ATOM   649  C  C   . ARG A 1 87  ? -2.867  -9.136  -3.937  1.00 18.11 ? 87  ARG A C   1 
ATOM   650  O  O   . ARG A 1 87  ? -2.395  -7.990  -3.954  1.00 16.74 ? 87  ARG A O   1 
ATOM   651  C  CB  . ARG A 1 87  ? -1.511  -10.373 -2.429  1.00 19.04 ? 87  ARG A CB  1 
ATOM   652  C  CG  . ARG A 1 87  ? -0.201  -11.030 -2.240  1.00 24.85 ? 87  ARG A CG  1 
ATOM   653  C  CD  . ARG A 1 87  ? -0.456  -12.484 -2.347  1.00 20.29 ? 87  ARG A CD  1 
ATOM   654  N  NE  . ARG A 1 87  ? 0.732   -13.257 -1.905  1.00 34.45 ? 87  ARG A NE  1 
ATOM   655  C  CZ  . ARG A 1 87  ? 0.996   -14.478 -2.350  1.00 29.82 ? 87  ARG A CZ  1 
ATOM   656  N  NH1 . ARG A 1 87  ? 0.169   -15.027 -3.192  1.00 33.72 ? 87  ARG A NH1 1 
ATOM   657  N  NH2 . ARG A 1 87  ? 2.063   -15.166 -1.940  1.00 33.78 ? 87  ARG A NH2 1 
ATOM   658  N  N   . ASN A 1 88  ? -4.173  -9.383  -3.864  1.00 17.39 ? 88  ASN A N   1 
ATOM   659  C  CA  . ASN A 1 88  ? -5.065  -8.231  -3.731  1.00 18.11 ? 88  ASN A CA  1 
ATOM   660  C  C   . ASN A 1 88  ? -5.646  -8.229  -2.333  1.00 18.41 ? 88  ASN A C   1 
ATOM   661  O  O   . ASN A 1 88  ? -5.529  -9.231  -1.600  1.00 19.13 ? 88  ASN A O   1 
ATOM   662  C  CB  . ASN A 1 88  ? -6.196  -8.367  -4.743  1.00 19.41 ? 88  ASN A CB  1 
ATOM   663  C  CG  . ASN A 1 88  ? -5.697  -8.374  -6.151  1.00 19.25 ? 88  ASN A CG  1 
ATOM   664  O  OD1 . ASN A 1 88  ? -4.904  -7.536  -6.529  1.00 19.16 ? 88  ASN A OD1 1 
ATOM   665  N  ND2 . ASN A 1 88  ? -6.171  -9.342  -6.964  1.00 21.69 ? 88  ASN A ND2 1 
ATOM   666  N  N   . TRP A 1 89  ? -6.339  -7.144  -1.964  1.00 19.00 ? 89  TRP A N   1 
ATOM   667  C  CA  . TRP A 1 89  ? -6.890  -7.077  -0.612  1.00 19.81 ? 89  TRP A CA  1 
ATOM   668  C  C   . TRP A 1 89  ? -7.778  -8.274  -0.253  1.00 21.32 ? 89  TRP A C   1 
ATOM   669  O  O   . TRP A 1 89  ? -7.745  -8.743  0.877   1.00 21.34 ? 89  TRP A O   1 
ATOM   670  C  CB  . TRP A 1 89  ? -7.705  -5.786  -0.430  1.00 21.05 ? 89  TRP A CB  1 
ATOM   671  C  CG  . TRP A 1 89  ? -6.843  -4.550  -0.569  1.00 18.88 ? 89  TRP A CG  1 
ATOM   672  C  CD1 . TRP A 1 89  ? -6.982  -3.571  -1.498  1.00 21.44 ? 89  TRP A CD1 1 
ATOM   673  C  CD2 . TRP A 1 89  ? -5.751  -4.151  0.280   1.00 21.70 ? 89  TRP A CD2 1 
ATOM   674  N  NE1 . TRP A 1 89  ? -6.039  -2.581  -1.300  1.00 20.57 ? 89  TRP A NE1 1 
ATOM   675  C  CE2 . TRP A 1 89  ? -5.271  -2.912  -0.217  1.00 20.38 ? 89  TRP A CE2 1 
ATOM   676  C  CE3 . TRP A 1 89  ? -5.133  -4.706  1.417   1.00 23.53 ? 89  TRP A CE3 1 
ATOM   677  C  CZ2 . TRP A 1 89  ? -4.186  -2.229  0.365   1.00 19.61 ? 89  TRP A CZ2 1 
ATOM   678  C  CZ3 . TRP A 1 89  ? -4.036  -4.015  1.992   1.00 20.99 ? 89  TRP A CZ3 1 
ATOM   679  C  CH2 . TRP A 1 89  ? -3.593  -2.795  1.466   1.00 22.05 ? 89  TRP A CH2 1 
ATOM   680  N  N   . ARG A 1 90  ? -8.517  -8.757  -1.231  1.00 22.81 ? 90  ARG A N   1 
ATOM   681  C  CA  . ARG A 1 90  ? -9.428  -9.896  -1.032  1.00 25.24 ? 90  ARG A CA  1 
ATOM   682  C  C   . ARG A 1 90  ? -8.705  -11.103 -0.470  1.00 25.63 ? 90  ARG A C   1 
ATOM   683  O  O   . ARG A 1 90  ? -9.287  -11.895 0.278   1.00 26.59 ? 90  ARG A O   1 
ATOM   684  C  CB  . ARG A 1 90  ? -10.160 -10.215 -2.349  1.00 24.78 ? 90  ARG A CB  1 
ATOM   685  C  CG  . ARG A 1 90  ? -11.374 -11.127 -2.181  1.00 28.68 ? 90  ARG A CG  1 
ATOM   686  C  CD  . ARG A 1 90  ? -12.079 -11.369 -3.530  1.00 27.89 ? 90  ARG A CD  1 
ATOM   687  N  NE  . ARG A 1 90  ? -12.554 -10.138 -4.129  1.00 36.02 ? 90  ARG A NE  1 
ATOM   688  C  CZ  . ARG A 1 90  ? -13.648 -9.474  -3.740  1.00 37.05 ? 90  ARG A CZ  1 
ATOM   689  N  NH1 . ARG A 1 90  ? -14.409 -9.912  -2.734  1.00 40.21 ? 90  ARG A NH1 1 
ATOM   690  N  NH2 . ARG A 1 90  ? -13.974 -8.363  -4.351  1.00 34.90 ? 90  ARG A NH2 1 
ATOM   691  N  N   . ASP A 1 91  ? -7.418  -11.237 -0.808  1.00 24.37 ? 91  ASP A N   1 
ATOM   692  C  CA  . ASP A 1 91  ? -6.624  -12.393 -0.394  1.00 25.58 ? 91  ASP A CA  1 
ATOM   693  C  C   . ASP A 1 91  ? -6.242  -12.388 1.097   1.00 27.93 ? 91  ASP A C   1 
ATOM   694  O  O   . ASP A 1 91  ? -5.795  -13.401 1.630   1.00 28.22 ? 91  ASP A O   1 
ATOM   695  C  CB  . ASP A 1 91  ? -5.371  -12.502 -1.276  1.00 23.74 ? 91  ASP A CB  1 
ATOM   696  C  CG  . ASP A 1 91  ? -5.713  -12.759 -2.721  1.00 22.67 ? 91  ASP A CG  1 
ATOM   697  O  OD1 . ASP A 1 91  ? -6.547  -13.668 -3.018  1.00 23.25 ? 91  ASP A OD1 1 
ATOM   698  O  OD2 . ASP A 1 91  ? -5.166  -12.074 -3.633  1.00 24.20 ? 91  ASP A OD2 1 
ATOM   699  N  N   . LYS A 1 92  ? -6.451  -11.245 1.738   1.00 30.64 ? 92  LYS A N   1 
ATOM   700  C  CA  . LYS A 1 92  ? -5.977  -10.993 3.090   1.00 34.58 ? 92  LYS A CA  1 
ATOM   701  C  C   . LYS A 1 92  ? -7.140  -10.954 4.080   1.00 37.63 ? 92  LYS A C   1 
ATOM   702  O  O   . LYS A 1 92  ? -6.906  -10.938 5.289   1.00 39.49 ? 92  LYS A O   1 
ATOM   703  C  CB  . LYS A 1 92  ? -5.258  -9.632  3.133   1.00 34.20 ? 92  LYS A CB  1 
ATOM   704  C  CG  . LYS A 1 92  ? -4.048  -9.476  2.199   1.00 32.72 ? 92  LYS A CG  1 
ATOM   705  C  CD  . LYS A 1 92  ? -3.127  -10.689 2.287   1.00 32.60 ? 92  LYS A CD  1 
ATOM   706  C  CE  . LYS A 1 92  ? -1.801  -10.431 1.622   1.00 34.43 ? 92  LYS A CE  1 
ATOM   707  N  NZ  . LYS A 1 92  ? -0.823  -9.889  2.651   1.00 34.37 ? 92  LYS A NZ  1 
ATOM   708  N  N   . LYS A 1 93  ? -8.375  -10.942 3.571   1.00 41.42 ? 93  LYS A N   1 
ATOM   709  C  CA  . LYS A 1 93  ? -9.584  -10.591 4.370   1.00 44.67 ? 93  LYS A CA  1 
ATOM   710  C  C   . LYS A 1 93  ? -10.343 -11.743 5.019   1.00 46.56 ? 93  LYS A C   1 
ATOM   711  O  O   . LYS A 1 93  ? -10.159 -12.892 4.645   1.00 47.68 ? 93  LYS A O   1 
ATOM   712  C  CB  . LYS A 1 93  ? -10.578 -9.793  3.520   1.00 44.63 ? 93  LYS A CB  1 
ATOM   713  C  CG  . LYS A 1 93  ? -11.422 -10.655 2.581   1.00 45.05 ? 93  LYS A CG  1 
ATOM   714  C  CD  . LYS A 1 93  ? -12.649 -9.919  2.025   1.00 46.35 ? 93  LYS A CD  1 
ATOM   715  C  CE  . LYS A 1 93  ? -12.288 -8.917  0.933   1.00 47.25 ? 93  LYS A CE  1 
ATOM   716  N  NZ  . LYS A 1 93  ? -13.389 -8.853  -0.074  1.00 49.32 ? 93  LYS A NZ  1 
ATOM   717  N  N   . ASN A 1 94  ? -11.203 -11.386 5.986   1.00 48.54 ? 94  ASN A N   1 
ATOM   718  C  CA  . ASN A 1 94  ? -12.210 -12.262 6.625   1.00 50.05 ? 94  ASN A CA  1 
ATOM   719  C  C   . ASN A 1 94  ? -11.665 -13.560 7.245   1.00 49.96 ? 94  ASN A C   1 
ATOM   720  O  O   . ASN A 1 94  ? -10.439 -13.766 7.276   1.00 50.63 ? 94  ASN A O   1 
ATOM   721  C  CB  . ASN A 1 94  ? -13.395 -12.530 5.675   1.00 50.89 ? 94  ASN A CB  1 
ATOM   722  C  CG  . ASN A 1 94  ? -14.048 -11.243 5.144   1.00 52.37 ? 94  ASN A CG  1 
ATOM   723  O  OD1 . ASN A 1 94  ? -13.741 -10.129 5.587   1.00 55.21 ? 94  ASN A OD1 1 
ATOM   724  N  ND2 . ASN A 1 94  ? -14.960 -11.401 4.188   1.00 53.32 ? 94  ASN A ND2 1 
ATOM   725  N  N   . HIS A 1 95  ? -12.560 -14.417 7.756   1.00 48.96 ? 95  HIS A N   1 
ATOM   726  C  CA  . HIS A 1 95  ? -12.143 -15.629 8.496   1.00 47.81 ? 95  HIS A CA  1 
ATOM   727  C  C   . HIS A 1 95  ? -13.071 -16.845 8.262   1.00 45.94 ? 95  HIS A C   1 
ATOM   728  O  O   . HIS A 1 95  ? -13.915 -17.176 9.102   1.00 46.91 ? 95  HIS A O   1 
ATOM   729  C  CB  . HIS A 1 95  ? -12.026 -15.333 10.004  1.00 48.42 ? 95  HIS A CB  1 
ATOM   730  C  CG  . HIS A 1 95  ? -10.702 -14.763 10.419  1.00 50.13 ? 95  HIS A CG  1 
ATOM   731  N  ND1 . HIS A 1 95  ? -9.618  -15.553 10.739  1.00 51.68 ? 95  HIS A ND1 1 
ATOM   732  C  CD2 . HIS A 1 95  ? -10.294 -13.482 10.595  1.00 51.87 ? 95  HIS A CD2 1 
ATOM   733  C  CE1 . HIS A 1 95  ? -8.594  -14.788 11.074  1.00 51.36 ? 95  HIS A CE1 1 
ATOM   734  N  NE2 . HIS A 1 95  ? -8.976  -13.525 10.991  1.00 51.97 ? 95  HIS A NE2 1 
ATOM   735  N  N   . HIS A 1 96  ? -12.899 -17.517 7.125   1.00 42.50 ? 96  HIS A N   1 
ATOM   736  C  CA  . HIS A 1 96  ? -13.825 -18.583 6.725   1.00 39.09 ? 96  HIS A CA  1 
ATOM   737  C  C   . HIS A 1 96  ? -13.416 -20.002 7.191   1.00 35.26 ? 96  HIS A C   1 
ATOM   738  O  O   . HIS A 1 96  ? -14.083 -20.999 6.847   1.00 34.23 ? 96  HIS A O   1 
ATOM   739  C  CB  . HIS A 1 96  ? -14.048 -18.541 5.215   1.00 40.04 ? 96  HIS A CB  1 
ATOM   740  C  CG  . HIS A 1 96  ? -14.653 -17.264 4.727   1.00 43.45 ? 96  HIS A CG  1 
ATOM   741  N  ND1 . HIS A 1 96  ? -13.930 -16.326 4.020   1.00 46.76 ? 96  HIS A ND1 1 
ATOM   742  C  CD2 . HIS A 1 96  ? -15.899 -16.755 4.871   1.00 45.24 ? 96  HIS A CD2 1 
ATOM   743  C  CE1 . HIS A 1 96  ? -14.709 -15.293 3.746   1.00 48.11 ? 96  HIS A CE1 1 
ATOM   744  N  NE2 . HIS A 1 96  ? -15.909 -15.529 4.248   1.00 49.38 ? 96  HIS A NE2 1 
ATOM   745  N  N   . HIS A 1 97  ? -12.332 -20.086 7.966   1.00 32.19 ? 97  HIS A N   1 
ATOM   746  C  CA  . HIS A 1 97  ? -11.893 -21.333 8.608   1.00 28.32 ? 97  HIS A CA  1 
ATOM   747  C  C   . HIS A 1 97  ? -11.776 -21.087 10.110  1.00 26.24 ? 97  HIS A C   1 
ATOM   748  O  O   . HIS A 1 97  ? -11.434 -19.979 10.539  1.00 28.25 ? 97  HIS A O   1 
ATOM   749  C  CB  . HIS A 1 97  ? -10.512 -21.802 8.186   1.00 30.03 ? 97  HIS A CB  1 
ATOM   750  C  CG  . HIS A 1 97  ? -10.480 -22.539 6.882   1.00 32.12 ? 97  HIS A CG  1 
ATOM   751  N  ND1 . HIS A 1 97  ? -9.641  -23.607 6.643   1.00 36.01 ? 97  HIS A ND1 1 
ATOM   752  C  CD2 . HIS A 1 97  ? -11.161 -22.330 5.740   1.00 34.25 ? 97  HIS A CD2 1 
ATOM   753  C  CE1 . HIS A 1 97  ? -9.813  -24.018 5.396   1.00 37.57 ? 97  HIS A CE1 1 
ATOM   754  N  NE2 . HIS A 1 97  ? -10.728 -23.249 4.827   1.00 29.42 ? 97  HIS A NE2 1 
ATOM   755  N  N   . HIS A 1 98  ? -12.077 -22.109 10.859  1.00 19.67 ? 98  HIS A N   1 
ATOM   756  C  CA  . HIS A 1 98  ? -11.970 -22.083 12.313  1.00 18.13 ? 98  HIS A CA  1 
ATOM   757  C  C   . HIS A 1 98  ? -11.786 -23.529 12.712  1.00 19.50 ? 98  HIS A C   1 
ATOM   758  O  O   . HIS A 1 98  ? -12.025 -24.467 11.887  1.00 19.06 ? 98  HIS A O   1 
ATOM   759  C  CB  . HIS A 1 98  ? -13.261 -21.514 12.947  1.00 15.95 ? 98  HIS A CB  1 
ATOM   760  C  CG  . HIS A 1 98  ? -14.500 -22.314 12.625  1.00 14.14 ? 98  HIS A CG  1 
ATOM   761  N  ND1 . HIS A 1 98  ? -15.282 -22.050 11.520  1.00 16.49 ? 98  HIS A ND1 1 
ATOM   762  C  CD2 . HIS A 1 98  ? -15.085 -23.370 13.262  1.00 14.26 ? 98  HIS A CD2 1 
ATOM   763  C  CE1 . HIS A 1 98  ? -16.298 -22.922 11.492  1.00 15.85 ? 98  HIS A CE1 1 
ATOM   764  N  NE2 . HIS A 1 98  ? -16.188 -23.728 12.524  1.00 15.11 ? 98  HIS A NE2 1 
ATOM   765  N  N   . HIS A 1 99  ? -11.388 -23.733 13.970  1.00 19.26 ? 99  HIS A N   1 
ATOM   766  C  CA  . HIS A 1 99  ? -11.090 -25.062 14.487  1.00 19.55 ? 99  HIS A CA  1 
ATOM   767  C  C   . HIS A 1 99  ? -11.725 -25.184 15.854  1.00 19.67 ? 99  HIS A C   1 
ATOM   768  O  O   . HIS A 1 99  ? -11.669 -24.231 16.638  1.00 22.30 ? 99  HIS A O   1 
ATOM   769  C  CB  . HIS A 1 99  ? -9.574  -25.231 14.610  1.00 21.16 ? 99  HIS A CB  1 
ATOM   770  C  CG  . HIS A 1 99  ? -8.834  -24.944 13.328  1.00 24.23 ? 99  HIS A CG  1 
ATOM   771  N  ND1 . HIS A 1 99  ? -8.476  -23.670 12.931  1.00 25.43 ? 99  HIS A ND1 1 
ATOM   772  C  CD2 . HIS A 1 99  ? -8.417  -25.773 12.348  1.00 27.65 ? 99  HIS A CD2 1 
ATOM   773  C  CE1 . HIS A 1 99  ? -7.865  -23.732 11.766  1.00 29.46 ? 99  HIS A CE1 1 
ATOM   774  N  NE2 . HIS A 1 99  ? -7.809  -24.990 11.394  1.00 27.24 ? 99  HIS A NE2 1 
ATOM   775  N  N   . HIS A 1 100 ? -12.271 -26.351 16.169  1.00 16.53 ? 100 HIS A N   1 
ATOM   776  C  CA  . HIS A 1 100 ? -12.863 -26.572 17.463  1.00 17.31 ? 100 HIS A CA  1 
ATOM   777  C  C   . HIS A 1 100 ? -11.994 -27.608 18.182  1.00 18.57 ? 100 HIS A C   1 
ATOM   778  O  O   . HIS A 1 100 ? -11.149 -28.269 17.575  1.00 22.67 ? 100 HIS A O   1 
ATOM   779  C  CB  . HIS A 1 100 ? -14.282 -27.166 17.341  1.00 18.95 ? 100 HIS A CB  1 
ATOM   780  C  CG  . HIS A 1 100 ? -15.212 -26.384 16.453  1.00 15.09 ? 100 HIS A CG  1 
ATOM   781  N  ND1 . HIS A 1 100 ? -15.861 -25.232 16.868  1.00 16.60 ? 100 HIS A ND1 1 
ATOM   782  C  CD2 . HIS A 1 100 ? -15.690 -26.650 15.204  1.00 16.37 ? 100 HIS A CD2 1 
ATOM   783  C  CE1 . HIS A 1 100 ? -16.652 -24.784 15.888  1.00 15.59 ? 100 HIS A CE1 1 
ATOM   784  N  NE2 . HIS A 1 100 ? -16.557 -25.622 14.867  1.00 14.07 ? 100 HIS A NE2 1 
ATOM   785  O  OXT . HIS A 1 100 ? -12.208 -27.886 19.321  1.00 18.71 ? 100 HIS A OXT 1 
ATOM   786  N  N   . SER B 2 2   ? -15.932 -1.894  -7.228  1.00 48.31 ? 2   SER B N   1 
ATOM   787  C  CA  . SER B 2 2   ? -14.976 -1.499  -8.320  1.00 47.25 ? 2   SER B CA  1 
ATOM   788  C  C   . SER B 2 2   ? -14.101 -2.642  -8.881  1.00 45.98 ? 2   SER B C   1 
ATOM   789  O  O   . SER B 2 2   ? -13.612 -2.538  -10.005 1.00 47.19 ? 2   SER B O   1 
ATOM   790  C  CB  . SER B 2 2   ? -14.151 -0.273  -7.914  1.00 48.30 ? 2   SER B CB  1 
ATOM   791  O  OG  . SER B 2 2   ? -14.959 0.890   -7.990  1.00 49.34 ? 2   SER B OG  1 
ATOM   792  N  N   . LEU B 2 3   ? -13.879 -3.716  -8.115  1.00 43.09 ? 3   LEU B N   1 
ATOM   793  C  CA  . LEU B 2 3   ? -14.098 -3.729  -6.690  1.00 39.92 ? 3   LEU B CA  1 
ATOM   794  C  C   . LEU B 2 3   ? -12.736 -3.406  -6.083  1.00 38.09 ? 3   LEU B C   1 
ATOM   795  O  O   . LEU B 2 3   ? -11.676 -3.896  -6.553  1.00 37.37 ? 3   LEU B O   1 
ATOM   796  C  CB  . LEU B 2 3   ? -14.669 -5.072  -6.204  1.00 40.28 ? 3   LEU B CB  1 
ATOM   797  C  CG  . LEU B 2 3   ? -16.049 -5.534  -6.727  1.00 42.15 ? 3   LEU B CG  1 
ATOM   798  C  CD1 . LEU B 2 3   ? -16.275 -7.031  -6.619  1.00 42.57 ? 3   LEU B CD1 1 
ATOM   799  C  CD2 . LEU B 2 3   ? -17.210 -4.790  -6.040  1.00 43.43 ? 3   LEU B CD2 1 
ATOM   800  N  N   . ALA B 2 4   ? -12.752 -2.588  -5.039  1.00 34.62 ? 4   ALA B N   1 
ATOM   801  C  CA  . ALA B 2 4   ? -11.498 -2.153  -4.430  1.00 32.67 ? 4   ALA B CA  1 
ATOM   802  C  C   . ALA B 2 4   ? -10.768 -3.338  -3.806  1.00 30.50 ? 4   ALA B C   1 
ATOM   803  O  O   . ALA B 2 4   ? -9.526  -3.343  -3.747  1.00 30.98 ? 4   ALA B O   1 
ATOM   804  C  CB  . ALA B 2 4   ? -11.746 -1.111  -3.392  1.00 31.71 ? 4   ALA B CB  1 
ATOM   805  N  N   . ALA B 2 5   ? -11.524 -4.315  -3.318  1.00 28.81 ? 5   ALA B N   1 
ATOM   806  C  CA  . ALA B 2 5   ? -10.912 -5.534  -2.742  1.00 28.01 ? 5   ALA B CA  1 
ATOM   807  C  C   . ALA B 2 5   ? -10.067 -6.301  -3.745  1.00 27.30 ? 5   ALA B C   1 
ATOM   808  O  O   . ALA B 2 5   ? -9.232  -7.114  -3.354  1.00 26.17 ? 5   ALA B O   1 
ATOM   809  C  CB  . ALA B 2 5   ? -11.963 -6.452  -2.125  1.00 28.59 ? 5   ALA B CB  1 
ATOM   810  N  N   . ASP B 2 6   ? -10.254 -6.032  -5.030  1.00 25.95 ? 6   ASP B N   1 
ATOM   811  C  CA  . ASP B 2 6   ? -9.464  -6.704  -6.063  1.00 26.51 ? 6   ASP B CA  1 
ATOM   812  C  C   . ASP B 2 6   ? -8.311  -5.865  -6.593  1.00 24.82 ? 6   ASP B C   1 
ATOM   813  O  O   . ASP B 2 6   ? -7.767  -6.164  -7.671  1.00 25.51 ? 6   ASP B O   1 
ATOM   814  C  CB  . ASP B 2 6   ? -10.377 -7.203  -7.189  1.00 27.77 ? 6   ASP B CB  1 
ATOM   815  C  CG  . ASP B 2 6   ? -11.380 -8.215  -6.685  1.00 30.68 ? 6   ASP B CG  1 
ATOM   816  O  OD1 . ASP B 2 6   ? -10.996 -9.054  -5.834  1.00 31.32 ? 6   ASP B OD1 1 
ATOM   817  O  OD2 . ASP B 2 6   ? -12.560 -8.169  -7.098  1.00 34.82 ? 6   ASP B OD2 1 
ATOM   818  N  N   . THR B 2 7   ? -7.944  -4.807  -5.853  1.00 22.96 ? 7   THR B N   1 
ATOM   819  C  CA  . THR B 2 7   ? -6.774  -4.036  -6.221  1.00 21.56 ? 7   THR B CA  1 
ATOM   820  C  C   . THR B 2 7   ? -5.588  -4.544  -5.368  1.00 18.95 ? 7   THR B C   1 
ATOM   821  O  O   . THR B 2 7   ? -5.831  -5.216  -4.366  1.00 18.25 ? 7   THR B O   1 
ATOM   822  C  CB  . THR B 2 7   ? -6.963  -2.509  -6.020  1.00 21.97 ? 7   THR B CB  1 
ATOM   823  O  OG1 . THR B 2 7   ? -7.300  -2.233  -4.661  1.00 23.46 ? 7   THR B OG1 1 
ATOM   824  C  CG2 . THR B 2 7   ? -8.068  -1.986  -6.951  1.00 25.43 ? 7   THR B CG2 1 
ATOM   825  N  N   . PRO B 2 8   ? -4.358  -4.262  -5.798  1.00 19.52 ? 8   PRO B N   1 
ATOM   826  C  CA  . PRO B 2 8   ? -3.209  -4.850  -5.104  1.00 18.86 ? 8   PRO B CA  1 
ATOM   827  C  C   . PRO B 2 8   ? -2.981  -4.315  -3.708  1.00 19.20 ? 8   PRO B C   1 
ATOM   828  O  O   . PRO B 2 8   ? -3.283  -3.148  -3.409  1.00 19.41 ? 8   PRO B O   1 
ATOM   829  C  CB  . PRO B 2 8   ? -2.017  -4.465  -6.002  1.00 20.39 ? 8   PRO B CB  1 
ATOM   830  C  CG  . PRO B 2 8   ? -2.614  -4.253  -7.350  1.00 21.12 ? 8   PRO B CG  1 
ATOM   831  C  CD  . PRO B 2 8   ? -3.922  -3.553  -7.011  1.00 19.68 ? 8   PRO B CD  1 
ATOM   832  N  N   . THR B 2 9   ? -2.412  -5.169  -2.859  1.00 17.31 ? 9   THR B N   1 
ATOM   833  C  CA  . THR B 2 9   ? -1.995  -4.757  -1.526  1.00 16.18 ? 9   THR B CA  1 
ATOM   834  C  C   . THR B 2 9   ? -0.900  -3.684  -1.641  1.00 15.22 ? 9   THR B C   1 
ATOM   835  O  O   . THR B 2 9   ? -0.187  -3.626  -2.633  1.00 15.66 ? 9   THR B O   1 
ATOM   836  C  CB  . THR B 2 9   ? -1.437  -5.949  -0.685  1.00 15.89 ? 9   THR B CB  1 
ATOM   837  O  OG1 . THR B 2 9   ? -0.371  -6.557  -1.425  1.00 17.90 ? 9   THR B OG1 1 
ATOM   838  C  CG2 . THR B 2 9   ? -2.547  -7.008  -0.492  1.00 19.49 ? 9   THR B CG2 1 
ATOM   839  N  N   . THR B 2 10  ? -0.801  -2.878  -0.593  1.00 16.51 ? 10  THR B N   1 
ATOM   840  C  CA  . THR B 2 10  ? 0.126   -1.741  -0.506  1.00 17.41 ? 10  THR B CA  1 
ATOM   841  C  C   . THR B 2 10  ? 0.777   -1.648  0.852   1.00 17.68 ? 10  THR B C   1 
ATOM   842  O  O   . THR B 2 10  ? 0.313   -2.298  1.819   1.00 18.42 ? 10  THR B O   1 
ATOM   843  C  CB  . THR B 2 10  ? -0.593  -0.394  -0.801  1.00 16.51 ? 10  THR B CB  1 
ATOM   844  O  OG1 . THR B 2 10  ? -1.603  -0.175  0.191   1.00 18.99 ? 10  THR B OG1 1 
ATOM   845  C  CG2 . THR B 2 10  ? -1.189  -0.421  -2.173  1.00 19.94 ? 10  THR B CG2 1 
ATOM   846  N  N   . CYS B 2 11  ? 1.858   -0.851  0.908   1.00 17.68 ? 11  CYS B N   1 
ATOM   847  C  CA  . CYS B 2 11  ? 2.446   -0.455  2.187   1.00 19.10 ? 11  CYS B CA  1 
ATOM   848  C  C   . CYS B 2 11  ? 2.533   1.055   2.177   1.00 19.05 ? 11  CYS B C   1 
ATOM   849  O  O   . CYS B 2 11  ? 2.564   1.678   1.096   1.00 17.95 ? 11  CYS B O   1 
ATOM   850  C  CB  . CYS B 2 11  ? 3.886   -0.988  2.332   1.00 19.17 ? 11  CYS B CB  1 
ATOM   851  S  SG  . CYS B 2 11  ? 3.976   -2.871  2.546   1.00 23.57 ? 11  CYS B SG  1 
ATOM   852  N  N   . CYS B 2 12  ? 2.641   1.607   3.382   1.00 21.92 ? 12  CYS B N   1 
ATOM   853  C  CA  . CYS B 2 12  ? 2.716   3.068   3.612   1.00 23.55 ? 12  CYS B CA  1 
ATOM   854  C  C   . CYS B 2 12  ? 4.115   3.503   4.088   1.00 24.84 ? 12  CYS B C   1 
ATOM   855  O  O   . CYS B 2 12  ? 4.719   2.810   4.909   1.00 23.80 ? 12  CYS B O   1 
ATOM   856  C  CB  . CYS B 2 12  ? 1.687   3.419   4.663   1.00 24.12 ? 12  CYS B CB  1 
ATOM   857  S  SG  . CYS B 2 12  ? 0.018   3.099   4.076   1.00 27.80 ? 12  CYS B SG  1 
ATOM   858  N  N   . PHE B 2 13  ? 4.614   4.622   3.551   1.00 26.51 ? 13  PHE B N   1 
ATOM   859  C  CA  . PHE B 2 13  ? 5.865   5.217   4.056   1.00 27.99 ? 13  PHE B CA  1 
ATOM   860  C  C   . PHE B 2 13  ? 5.527   6.482   4.850   1.00 30.15 ? 13  PHE B C   1 
ATOM   861  O  O   . PHE B 2 13  ? 6.256   6.881   5.778   1.00 31.11 ? 13  PHE B O   1 
ATOM   862  C  CB  . PHE B 2 13  ? 6.830   5.525   2.932   1.00 29.13 ? 13  PHE B CB  1 
ATOM   863  C  CG  . PHE B 2 13  ? 7.471   4.296   2.337   1.00 29.15 ? 13  PHE B CG  1 
ATOM   864  C  CD1 . PHE B 2 13  ? 8.299   3.493   3.108   1.00 33.03 ? 13  PHE B CD1 1 
ATOM   865  C  CD2 . PHE B 2 13  ? 7.285   3.979   0.998   1.00 30.73 ? 13  PHE B CD2 1 
ATOM   866  C  CE1 . PHE B 2 13  ? 8.904   2.368   2.548   1.00 32.36 ? 13  PHE B CE1 1 
ATOM   867  C  CE2 . PHE B 2 13  ? 7.886   2.851   0.432   1.00 32.53 ? 13  PHE B CE2 1 
ATOM   868  C  CZ  . PHE B 2 13  ? 8.663   2.037   1.208   1.00 30.87 ? 13  PHE B CZ  1 
ATOM   869  N  N   . SER B 2 14  ? 4.423   7.119   4.473   1.00 30.12 ? 14  SER B N   1 
ATOM   870  C  CA  . SER B 2 14  ? 3.892   8.186   5.310   1.00 32.04 ? 14  SER B CA  1 
ATOM   871  C  C   . SER B 2 14  ? 2.390   8.274   5.203   1.00 32.29 ? 14  SER B C   1 
ATOM   872  O  O   . SER B 2 14  ? 1.769   7.591   4.388   1.00 30.97 ? 14  SER B O   1 
ATOM   873  C  CB  . SER B 2 14  ? 4.530   9.503   4.940   1.00 31.74 ? 14  SER B CB  1 
ATOM   874  O  OG  . SER B 2 14  ? 4.458   9.696   3.553   1.00 36.37 ? 14  SER B OG  1 
ATOM   875  N  N   . TYR B 2 15  ? 1.822   9.152   6.023   1.00 31.92 ? 15  TYR B N   1 
ATOM   876  C  CA  . TYR B 2 15  ? 0.405   9.143   6.291   1.00 32.62 ? 15  TYR B CA  1 
ATOM   877  C  C   . TYR B 2 15  ? -0.198  10.484  5.922   1.00 33.26 ? 15  TYR B C   1 
ATOM   878  O  O   . TYR B 2 15  ? 0.500   11.495  5.895   1.00 32.76 ? 15  TYR B O   1 
ATOM   879  C  CB  . TYR B 2 15  ? 0.204   8.869   7.765   1.00 32.02 ? 15  TYR B CB  1 
ATOM   880  C  CG  . TYR B 2 15  ? 0.944   7.639   8.280   1.00 33.61 ? 15  TYR B CG  1 
ATOM   881  C  CD1 . TYR B 2 15  ? 0.610   6.366   7.837   1.00 32.29 ? 15  TYR B CD1 1 
ATOM   882  C  CD2 . TYR B 2 15  ? 1.970   7.762   9.232   1.00 34.97 ? 15  TYR B CD2 1 
ATOM   883  C  CE1 . TYR B 2 15  ? 1.301   5.220   8.329   1.00 34.58 ? 15  TYR B CE1 1 
ATOM   884  C  CE2 . TYR B 2 15  ? 2.635   6.640   9.744   1.00 37.22 ? 15  TYR B CE2 1 
ATOM   885  C  CZ  . TYR B 2 15  ? 2.313   5.376   9.270   1.00 34.74 ? 15  TYR B CZ  1 
ATOM   886  O  OH  . TYR B 2 15  ? 2.967   4.266   9.777   1.00 34.52 ? 15  TYR B OH  1 
ATOM   887  N  N   . THR B 2 16  ? -1.483  10.480  5.608   1.00 33.90 ? 16  THR B N   1 
ATOM   888  C  CA  . THR B 2 16  ? -2.176  11.746  5.387   1.00 35.25 ? 16  THR B CA  1 
ATOM   889  C  C   . THR B 2 16  ? -2.005  12.672  6.592   1.00 36.57 ? 16  THR B C   1 
ATOM   890  O  O   . THR B 2 16  ? -1.949  12.238  7.742   1.00 35.86 ? 16  THR B O   1 
ATOM   891  C  CB  . THR B 2 16  ? -3.648  11.543  5.060   1.00 35.36 ? 16  THR B CB  1 
ATOM   892  O  OG1 . THR B 2 16  ? -4.252  12.827  4.837   1.00 38.64 ? 16  THR B OG1 1 
ATOM   893  C  CG2 . THR B 2 16  ? -4.346  10.836  6.157   1.00 33.32 ? 16  THR B CG2 1 
ATOM   894  N  N   . SER B 2 17  ? -1.890  13.955  6.292   1.00 38.81 ? 17  SER B N   1 
ATOM   895  C  CA  . SER B 2 17  ? -1.612  14.940  7.309   1.00 41.29 ? 17  SER B CA  1 
ATOM   896  C  C   . SER B 2 17  ? -2.847  15.405  8.064   1.00 42.57 ? 17  SER B C   1 
ATOM   897  O  O   . SER B 2 17  ? -2.737  15.885  9.197   1.00 44.15 ? 17  SER B O   1 
ATOM   898  C  CB  . SER B 2 17  ? -0.935  16.125  6.668   1.00 41.22 ? 17  SER B CB  1 
ATOM   899  O  OG  . SER B 2 17  ? 0.215   16.424  7.419   1.00 45.86 ? 17  SER B OG  1 
ATOM   900  N  N   . ARG B 2 18  ? -4.025  15.265  7.472   1.00 42.57 ? 18  ARG B N   1 
ATOM   901  C  CA  . ARG B 2 18  ? -5.222  15.658  8.223   1.00 43.43 ? 18  ARG B CA  1 
ATOM   902  C  C   . ARG B 2 18  ? -6.331  14.611  8.320   1.00 42.59 ? 18  ARG B C   1 
ATOM   903  O  O   . ARG B 2 18  ? -6.372  13.662  7.551   1.00 42.55 ? 18  ARG B O   1 
ATOM   904  C  CB  . ARG B 2 18  ? -5.762  16.990  7.704   1.00 43.68 ? 18  ARG B CB  1 
ATOM   905  C  CG  . ARG B 2 18  ? -6.251  16.940  6.278   1.00 46.08 ? 18  ARG B CG  1 
ATOM   906  C  CD  . ARG B 2 18  ? -6.916  18.243  5.871   1.00 49.84 ? 18  ARG B CD  1 
ATOM   907  N  NE  . ARG B 2 18  ? -6.688  18.502  4.449   1.00 52.30 ? 18  ARG B NE  1 
ATOM   908  C  CZ  . ARG B 2 18  ? -7.521  19.171  3.660   1.00 53.64 ? 18  ARG B CZ  1 
ATOM   909  N  NH1 . ARG B 2 18  ? -8.667  19.639  4.142   1.00 54.99 ? 18  ARG B NH1 1 
ATOM   910  N  NH2 . ARG B 2 18  ? -7.214  19.355  2.377   1.00 54.26 ? 18  ARG B NH2 1 
ATOM   911  N  N   . GLN B 2 19  ? -7.218  14.792  9.293   1.00 41.69 ? 19  GLN B N   1 
ATOM   912  C  CA  . GLN B 2 19  ? -8.406  13.977  9.402   1.00 40.96 ? 19  GLN B CA  1 
ATOM   913  C  C   . GLN B 2 19  ? -9.331  14.159  8.193   1.00 40.04 ? 19  GLN B C   1 
ATOM   914  O  O   . GLN B 2 19  ? -9.774  15.276  7.869   1.00 39.67 ? 19  GLN B O   1 
ATOM   915  C  CB  . GLN B 2 19  ? -9.129  14.282  10.714  1.00 41.43 ? 19  GLN B CB  1 
ATOM   916  C  CG  . GLN B 2 19  ? -10.174 13.271  11.096  1.00 42.15 ? 19  GLN B CG  1 
ATOM   917  C  CD  . GLN B 2 19  ? -10.757 13.530  12.472  1.00 44.95 ? 19  GLN B CD  1 
ATOM   918  O  OE1 . GLN B 2 19  ? -10.096 14.107  13.344  1.00 45.84 ? 19  GLN B OE1 1 
ATOM   919  N  NE2 . GLN B 2 19  ? -12.004 13.101  12.677  1.00 46.26 ? 19  GLN B NE2 1 
ATOM   920  N  N   . ILE B 2 20  ? -9.606  13.047  7.522   1.00 38.41 ? 20  ILE B N   1 
ATOM   921  C  CA  . ILE B 2 20  ? -10.485 13.008  6.358   1.00 37.07 ? 20  ILE B CA  1 
ATOM   922  C  C   . ILE B 2 20  ? -11.905 13.077  6.913   1.00 36.12 ? 20  ILE B C   1 
ATOM   923  O  O   . ILE B 2 20  ? -12.185 12.424  7.933   1.00 34.75 ? 20  ILE B O   1 
ATOM   924  C  CB  . ILE B 2 20  ? -10.286 11.684  5.570   1.00 37.01 ? 20  ILE B CB  1 
ATOM   925  C  CG1 . ILE B 2 20  ? -8.828  11.539  5.129   1.00 37.97 ? 20  ILE B CG1 1 
ATOM   926  C  CG2 . ILE B 2 20  ? -11.222 11.601  4.363   1.00 37.21 ? 20  ILE B CG2 1 
ATOM   927  C  CD1 . ILE B 2 20  ? -8.519  10.190  4.631   1.00 39.14 ? 20  ILE B CD1 1 
ATOM   928  N  N   . PRO B 2 21  ? -12.797 13.897  6.294   1.00 35.79 ? 21  PRO B N   1 
ATOM   929  C  CA  . PRO B 2 21  ? -14.183 13.890  6.772   1.00 35.21 ? 21  PRO B CA  1 
ATOM   930  C  C   . PRO B 2 21  ? -14.789 12.498  6.781   1.00 34.84 ? 21  PRO B C   1 
ATOM   931  O  O   . PRO B 2 21  ? -14.775 11.783  5.761   1.00 33.02 ? 21  PRO B O   1 
ATOM   932  C  CB  . PRO B 2 21  ? -14.933 14.790  5.765   1.00 36.29 ? 21  PRO B CB  1 
ATOM   933  C  CG  . PRO B 2 21  ? -13.967 15.057  4.664   1.00 36.04 ? 21  PRO B CG  1 
ATOM   934  C  CD  . PRO B 2 21  ? -12.594 14.879  5.212   1.00 35.89 ? 21  PRO B CD  1 
ATOM   935  N  N   . GLN B 2 22  ? -15.346 12.124  7.922   1.00 34.43 ? 22  GLN B N   1 
ATOM   936  C  CA  . GLN B 2 22  ? -15.777 10.751  8.098   1.00 34.20 ? 22  GLN B CA  1 
ATOM   937  C  C   . GLN B 2 22  ? -16.776 10.236  7.074   1.00 34.89 ? 22  GLN B C   1 
ATOM   938  O  O   . GLN B 2 22  ? -16.697 9.067   6.702   1.00 34.59 ? 22  GLN B O   1 
ATOM   939  C  CB  . GLN B 2 22  ? -16.222 10.461  9.540   1.00 34.01 ? 22  GLN B CB  1 
ATOM   940  C  CG  . GLN B 2 22  ? -16.565 8.996   9.803   1.00 33.41 ? 22  GLN B CG  1 
ATOM   941  C  CD  . GLN B 2 22  ? -16.739 8.668   11.288  1.00 35.52 ? 22  GLN B CD  1 
ATOM   942  O  OE1 . GLN B 2 22  ? -16.770 9.572   12.137  1.00 40.08 ? 22  GLN B OE1 1 
ATOM   943  N  NE2 . GLN B 2 22  ? -16.847 7.386   11.610  1.00 35.85 ? 22  GLN B NE2 1 
ATOM   944  N  N   . ASN B 2 23  ? -17.731 11.067  6.627   1.00 35.54 ? 23  ASN B N   1 
ATOM   945  C  CA  . ASN B 2 23  ? -18.739 10.590  5.665   1.00 36.85 ? 23  ASN B CA  1 
ATOM   946  C  C   . ASN B 2 23  ? -18.169 10.303  4.279   1.00 36.20 ? 23  ASN B C   1 
ATOM   947  O  O   . ASN B 2 23  ? -18.874 9.779   3.413   1.00 37.33 ? 23  ASN B O   1 
ATOM   948  C  CB  . ASN B 2 23  ? -19.905 11.583  5.537   1.00 38.85 ? 23  ASN B CB  1 
ATOM   949  C  CG  . ASN B 2 23  ? -21.211 10.902  5.157   1.00 41.43 ? 23  ASN B CG  1 
ATOM   950  O  OD1 . ASN B 2 23  ? -21.920 11.345  4.232   1.00 48.72 ? 23  ASN B OD1 1 
ATOM   951  N  ND2 . ASN B 2 23  ? -21.553 9.833   5.877   1.00 45.40 ? 23  ASN B ND2 1 
ATOM   952  N  N   . PHE B 2 24  ? -16.893 10.639  4.085   1.00 34.69 ? 24  PHE B N   1 
ATOM   953  C  CA  . PHE B 2 24  ? -16.193 10.470  2.805   1.00 33.89 ? 24  PHE B CA  1 
ATOM   954  C  C   . PHE B 2 24  ? -15.454 9.132   2.669   1.00 33.10 ? 24  PHE B C   1 
ATOM   955  O  O   . PHE B 2 24  ? -14.890 8.795   1.618   1.00 31.66 ? 24  PHE B O   1 
ATOM   956  C  CB  . PHE B 2 24  ? -15.209 11.616  2.669   1.00 35.23 ? 24  PHE B CB  1 
ATOM   957  C  CG  . PHE B 2 24  ? -14.698 11.845  1.258   1.00 35.83 ? 24  PHE B CG  1 
ATOM   958  C  CD1 . PHE B 2 24  ? -15.582 12.055  0.199   1.00 41.89 ? 24  PHE B CD1 1 
ATOM   959  C  CD2 . PHE B 2 24  ? -13.330 11.913  1.003   1.00 37.75 ? 24  PHE B CD2 1 
ATOM   960  C  CE1 . PHE B 2 24  ? -15.100 12.292  -1.111  1.00 40.49 ? 24  PHE B CE1 1 
ATOM   961  C  CE2 . PHE B 2 24  ? -12.837 12.167  -0.295  1.00 38.12 ? 24  PHE B CE2 1 
ATOM   962  C  CZ  . PHE B 2 24  ? -13.734 12.353  -1.354  1.00 37.28 ? 24  PHE B CZ  1 
ATOM   963  N  N   . ILE B 2 25  ? -15.493 8.356   3.730   1.00 32.26 ? 25  ILE B N   1 
ATOM   964  C  CA  . ILE B 2 25  ? -14.765 7.101   3.758   1.00 31.86 ? 25  ILE B CA  1 
ATOM   965  C  C   . ILE B 2 25  ? -15.740 5.933   3.531   1.00 32.22 ? 25  ILE B C   1 
ATOM   966  O  O   . ILE B 2 25  ? -16.759 5.826   4.231   1.00 33.90 ? 25  ILE B O   1 
ATOM   967  C  CB  . ILE B 2 25  ? -13.931 7.023   5.060   1.00 32.24 ? 25  ILE B CB  1 
ATOM   968  C  CG1 . ILE B 2 25  ? -12.766 8.024   4.945   1.00 30.75 ? 25  ILE B CG1 1 
ATOM   969  C  CG2 . ILE B 2 25  ? -13.353 5.595   5.267   1.00 30.78 ? 25  ILE B CG2 1 
ATOM   970  C  CD1 . ILE B 2 25  ? -12.015 8.313   6.200   1.00 34.73 ? 25  ILE B CD1 1 
ATOM   971  N  N   . ALA B 2 26  ? -15.402 5.060   2.572   1.00 31.01 ? 26  ALA B N   1 
ATOM   972  C  CA  . ALA B 2 26  ? -16.230 3.947   2.128   1.00 30.22 ? 26  ALA B CA  1 
ATOM   973  C  C   . ALA B 2 26  ? -15.817 2.606   2.750   1.00 30.64 ? 26  ALA B C   1 
ATOM   974  O  O   . ALA B 2 26  ? -16.656 1.714   3.004   1.00 30.84 ? 26  ALA B O   1 
ATOM   975  C  CB  . ALA B 2 26  ? -16.182 3.841   0.587   1.00 30.88 ? 26  ALA B CB  1 
ATOM   976  N  N   . ASP B 2 27  ? -14.515 2.444   2.984   1.00 28.64 ? 27  ASP B N   1 
ATOM   977  C  CA  . ASP B 2 27  ? -14.017 1.161   3.468   1.00 27.36 ? 27  ASP B CA  1 
ATOM   978  C  C   . ASP B 2 27  ? -12.593 1.385   3.937   1.00 25.12 ? 27  ASP B C   1 
ATOM   979  O  O   . ASP B 2 27  ? -12.049 2.490   3.825   1.00 23.63 ? 27  ASP B O   1 
ATOM   980  C  CB  . ASP B 2 27  ? -14.062 0.148   2.318   1.00 27.64 ? 27  ASP B CB  1 
ATOM   981  C  CG  . ASP B 2 27  ? -14.159 -1.307  2.773   1.00 30.91 ? 27  ASP B CG  1 
ATOM   982  O  OD1 . ASP B 2 27  ? -14.216 -1.616  3.990   1.00 33.33 ? 27  ASP B OD1 1 
ATOM   983  O  OD2 . ASP B 2 27  ? -14.170 -2.171  1.847   1.00 36.56 ? 27  ASP B OD2 1 
ATOM   984  N  N   . TYR B 2 28  ? -11.994 0.333   4.482   1.00 25.08 ? 28  TYR B N   1 
ATOM   985  C  CA  . TYR B 2 28  ? -10.592 0.410   4.880   1.00 24.82 ? 28  TYR B CA  1 
ATOM   986  C  C   . TYR B 2 28  ? -9.927  -0.949  4.660   1.00 23.99 ? 28  TYR B C   1 
ATOM   987  O  O   . TYR B 2 28  ? -10.608 -1.979  4.606   1.00 24.73 ? 28  TYR B O   1 
ATOM   988  C  CB  . TYR B 2 28  ? -10.435 0.812   6.349   1.00 27.26 ? 28  TYR B CB  1 
ATOM   989  C  CG  . TYR B 2 28  ? -10.720 -0.309  7.326   1.00 29.42 ? 28  TYR B CG  1 
ATOM   990  C  CD1 . TYR B 2 28  ? -9.674  -0.971  7.956   1.00 30.69 ? 28  TYR B CD1 1 
ATOM   991  C  CD2 . TYR B 2 28  ? -12.028 -0.717  7.598   1.00 32.07 ? 28  TYR B CD2 1 
ATOM   992  C  CE1 . TYR B 2 28  ? -9.917  -2.001  8.856   1.00 31.55 ? 28  TYR B CE1 1 
ATOM   993  C  CE2 . TYR B 2 28  ? -12.293 -1.763  8.511   1.00 33.72 ? 28  TYR B CE2 1 
ATOM   994  C  CZ  . TYR B 2 28  ? -11.215 -2.387  9.135   1.00 32.31 ? 28  TYR B CZ  1 
ATOM   995  O  OH  . TYR B 2 28  ? -11.406 -3.425  10.048  1.00 35.90 ? 28  TYR B OH  1 
ATOM   996  N  N   . PHE B 2 29  ? -8.607  -0.918  4.556   1.00 24.18 ? 29  PHE B N   1 
ATOM   997  C  CA  . PHE B 2 29  ? -7.802  -2.134  4.475   1.00 24.05 ? 29  PHE B CA  1 
ATOM   998  C  C   . PHE B 2 29  ? -6.652  -1.943  5.445   1.00 24.33 ? 29  PHE B C   1 
ATOM   999  O  O   . PHE B 2 29  ? -6.217  -0.821  5.678   1.00 23.56 ? 29  PHE B O   1 
ATOM   1000 C  CB  . PHE B 2 29  ? -7.269  -2.312  3.054   1.00 24.86 ? 29  PHE B CB  1 
ATOM   1001 C  CG  . PHE B 2 29  ? -8.343  -2.361  2.022   1.00 25.21 ? 29  PHE B CG  1 
ATOM   1002 C  CD1 . PHE B 2 29  ? -9.242  -3.428  1.971   1.00 28.18 ? 29  PHE B CD1 1 
ATOM   1003 C  CD2 . PHE B 2 29  ? -8.444  -1.346  1.075   1.00 28.08 ? 29  PHE B CD2 1 
ATOM   1004 C  CE1 . PHE B 2 29  ? -10.246 -3.452  0.995   1.00 27.60 ? 29  PHE B CE1 1 
ATOM   1005 C  CE2 . PHE B 2 29  ? -9.447  -1.360  0.105   1.00 27.76 ? 29  PHE B CE2 1 
ATOM   1006 C  CZ  . PHE B 2 29  ? -10.327 -2.410  0.051   1.00 27.16 ? 29  PHE B CZ  1 
ATOM   1007 N  N   . GLU B 2 30  ? -6.167  -3.029  6.032   1.00 23.79 ? 30  GLU B N   1 
ATOM   1008 C  CA  . GLU B 2 30  ? -4.937  -2.941  6.850   1.00 24.41 ? 30  GLU B CA  1 
ATOM   1009 C  C   . GLU B 2 30  ? -3.788  -3.447  6.038   1.00 23.19 ? 30  GLU B C   1 
ATOM   1010 O  O   . GLU B 2 30  ? -3.901  -4.489  5.381   1.00 22.10 ? 30  GLU B O   1 
ATOM   1011 C  CB  . GLU B 2 30  ? -5.052  -3.732  8.153   1.00 26.02 ? 30  GLU B CB  1 
ATOM   1012 C  CG  . GLU B 2 30  ? -6.176  -3.179  9.019   1.00 33.78 ? 30  GLU B CG  1 
ATOM   1013 C  CD  . GLU B 2 30  ? -6.387  -3.940  10.303  1.00 42.37 ? 30  GLU B CD  1 
ATOM   1014 O  OE1 . GLU B 2 30  ? -6.025  -5.139  10.372  1.00 46.11 ? 30  GLU B OE1 1 
ATOM   1015 O  OE2 . GLU B 2 30  ? -6.934  -3.326  11.249  1.00 47.42 ? 30  GLU B OE2 1 
ATOM   1016 N  N   . THR B 2 31  ? -2.684  -2.712  6.058   1.00 21.10 ? 31  THR B N   1 
ATOM   1017 C  CA  . THR B 2 31  ? -1.532  -3.107  5.301   1.00 20.00 ? 31  THR B CA  1 
ATOM   1018 C  C   . THR B 2 31  ? -0.883  -4.258  6.070   1.00 21.59 ? 31  THR B C   1 
ATOM   1019 O  O   . THR B 2 31  ? -1.159  -4.441  7.253   1.00 20.79 ? 31  THR B O   1 
ATOM   1020 C  CB  . THR B 2 31  ? -0.523  -1.958  5.095   1.00 20.89 ? 31  THR B CB  1 
ATOM   1021 O  OG1 . THR B 2 31  ? -0.058  -1.475  6.360   1.00 21.99 ? 31  THR B OG1 1 
ATOM   1022 C  CG2 . THR B 2 31  ? -1.206  -0.770  4.313   1.00 17.59 ? 31  THR B CG2 1 
ATOM   1023 N  N   . SER B 2 32  ? -0.034  -4.995  5.374   1.00 21.11 ? 32  SER B N   1 
ATOM   1024 C  CA  . SER B 2 32  ? 0.632   -6.172  5.976   1.00 22.60 ? 32  SER B CA  1 
ATOM   1025 C  C   . SER B 2 32  ? 1.486   -5.780  7.201   1.00 22.56 ? 32  SER B C   1 
ATOM   1026 O  O   . SER B 2 32  ? 2.140   -4.747  7.208   1.00 22.62 ? 32  SER B O   1 
ATOM   1027 C  CB  . SER B 2 32  ? 1.487   -6.831  4.930   1.00 22.66 ? 32  SER B CB  1 
ATOM   1028 O  OG  . SER B 2 32  ? 2.104   -7.968  5.556   1.00 24.62 ? 32  SER B OG  1 
ATOM   1029 N  N   . SER B 2 33  ? 1.463   -6.606  8.244   1.00 24.62 ? 33  SER B N   1 
ATOM   1030 C  CA  . SER B 2 33  ? 2.369   -6.412  9.380   1.00 25.21 ? 33  SER B CA  1 
ATOM   1031 C  C   . SER B 2 33  ? 3.817   -6.578  8.977   1.00 25.13 ? 33  SER B C   1 
ATOM   1032 O  O   . SER B 2 33  ? 4.737   -6.193  9.714   1.00 26.35 ? 33  SER B O   1 
ATOM   1033 C  CB  . SER B 2 33  ? 2.001   -7.395  10.495  1.00 26.30 ? 33  SER B CB  1 
ATOM   1034 O  OG  . SER B 2 33  ? 2.262   -8.708  10.065  1.00 30.25 ? 33  SER B OG  1 
ATOM   1035 N  N   . GLN B 2 34  ? 4.050   -7.168  7.811   1.00 23.33 ? 34  GLN B N   1 
ATOM   1036 C  CA  . GLN B 2 34  ? 5.397   -7.307  7.247   1.00 23.71 ? 34  GLN B CA  1 
ATOM   1037 C  C   . GLN B 2 34  ? 5.872   -6.058  6.487   1.00 23.81 ? 34  GLN B C   1 
ATOM   1038 O  O   . GLN B 2 34  ? 6.995   -5.993  6.046   1.00 23.59 ? 34  GLN B O   1 
ATOM   1039 C  CB  . GLN B 2 34  ? 5.429   -8.531  6.326   1.00 22.37 ? 34  GLN B CB  1 
ATOM   1040 C  CG  . GLN B 2 34  ? 5.104   -9.858  7.061   1.00 25.54 ? 34  GLN B CG  1 
ATOM   1041 C  CD  . GLN B 2 34  ? 5.421   -11.105 6.226   1.00 23.23 ? 34  GLN B CD  1 
ATOM   1042 O  OE1 . GLN B 2 34  ? 6.566   -11.344 5.846   1.00 27.21 ? 34  GLN B OE1 1 
ATOM   1043 N  NE2 . GLN B 2 34  ? 4.407   -11.877 5.953   1.00 23.89 ? 34  GLN B NE2 1 
ATOM   1044 N  N   . CYS B 2 35  ? 4.996   -5.055  6.301   1.00 23.95 ? 35  CYS B N   1 
ATOM   1045 C  CA  . CYS B 2 35  ? 5.441   -3.774  5.750   1.00 24.40 ? 35  CYS B CA  1 
ATOM   1046 C  C   . CYS B 2 35  ? 6.439   -3.127  6.739   1.00 25.41 ? 35  CYS B C   1 
ATOM   1047 O  O   . CYS B 2 35  ? 6.374   -3.408  7.922   1.00 25.96 ? 35  CYS B O   1 
ATOM   1048 C  CB  . CYS B 2 35  ? 4.250   -2.810  5.596   1.00 23.63 ? 35  CYS B CB  1 
ATOM   1049 S  SG  . CYS B 2 35  ? 3.060   -3.269  4.282   1.00 23.61 ? 35  CYS B SG  1 
ATOM   1050 N  N   . SER B 2 36  ? 7.296   -2.246  6.251   1.00 26.48 ? 36  SER B N   1 
ATOM   1051 C  CA  . SER B 2 36  ? 8.269   -1.538  7.106   1.00 28.25 ? 36  SER B CA  1 
ATOM   1052 C  C   . SER B 2 36  ? 7.637   -0.676  8.206   1.00 29.70 ? 36  SER B C   1 
ATOM   1053 O  O   . SER B 2 36  ? 8.233   -0.537  9.291   1.00 29.59 ? 36  SER B O   1 
ATOM   1054 C  CB  . SER B 2 36  ? 9.209   -0.694  6.255   1.00 29.08 ? 36  SER B CB  1 
ATOM   1055 O  OG  . SER B 2 36  ? 8.528   0.382   5.616   1.00 29.45 ? 36  SER B OG  1 
ATOM   1056 N  N   . LYS B 2 37  ? 6.447   -0.102  7.935   1.00 28.92 ? 37  LYS B N   1 
ATOM   1057 C  CA  . LYS B 2 37  ? 5.652   0.668   8.900   1.00 30.62 ? 37  LYS B CA  1 
ATOM   1058 C  C   . LYS B 2 37  ? 4.213   0.163   8.892   1.00 30.45 ? 37  LYS B C   1 
ATOM   1059 O  O   . LYS B 2 37  ? 3.743   -0.281  7.842   1.00 30.11 ? 37  LYS B O   1 
ATOM   1060 C  CB  . LYS B 2 37  ? 5.654   2.160   8.519   1.00 31.23 ? 37  LYS B CB  1 
ATOM   1061 C  CG  . LYS B 2 37  ? 7.037   2.777   8.388   1.00 33.75 ? 37  LYS B CG  1 
ATOM   1062 C  CD  . LYS B 2 37  ? 7.012   4.214   7.844   1.00 33.44 ? 37  LYS B CD  1 
ATOM   1063 C  CE  . LYS B 2 37  ? 8.451   4.759   7.711   1.00 37.91 ? 37  LYS B CE  1 
ATOM   1064 N  NZ  . LYS B 2 37  ? 8.591   5.929   6.745   1.00 43.41 ? 37  LYS B NZ  1 
ATOM   1065 N  N   . PRO B 2 38  ? 3.499   0.254   10.044  1.00 30.54 ? 38  PRO B N   1 
ATOM   1066 C  CA  . PRO B 2 38  ? 2.071   0.017   10.125  1.00 29.56 ? 38  PRO B CA  1 
ATOM   1067 C  C   . PRO B 2 38  ? 1.311   1.015   9.226   1.00 28.11 ? 38  PRO B C   1 
ATOM   1068 O  O   . PRO B 2 38  ? 1.816   2.085   8.872   1.00 26.56 ? 38  PRO B O   1 
ATOM   1069 C  CB  . PRO B 2 38  ? 1.757   0.252   11.604  1.00 31.05 ? 38  PRO B CB  1 
ATOM   1070 C  CG  . PRO B 2 38  ? 2.888   0.990   12.125  1.00 31.20 ? 38  PRO B CG  1 
ATOM   1071 C  CD  . PRO B 2 38  ? 4.055   0.593   11.374  1.00 30.52 ? 38  PRO B CD  1 
ATOM   1072 N  N   . GLY B 2 39  ? 0.127   0.624   8.816   1.00 27.36 ? 39  GLY B N   1 
ATOM   1073 C  CA  . GLY B 2 39  ? -0.643  1.498   7.912   1.00 26.66 ? 39  GLY B CA  1 
ATOM   1074 C  C   . GLY B 2 39  ? -2.057  1.003   7.851   1.00 26.01 ? 39  GLY B C   1 
ATOM   1075 O  O   . GLY B 2 39  ? -2.283  -0.210  7.773   1.00 26.06 ? 39  GLY B O   1 
ATOM   1076 N  N   . VAL B 2 40  ? -3.014  1.948   7.919   1.00 23.52 ? 40  VAL B N   1 
ATOM   1077 C  CA  . VAL B 2 40  ? -4.394  1.707   7.549   1.00 22.77 ? 40  VAL B CA  1 
ATOM   1078 C  C   . VAL B 2 40  ? -4.609  2.457   6.249   1.00 21.65 ? 40  VAL B C   1 
ATOM   1079 O  O   . VAL B 2 40  ? -4.119  3.595   6.113   1.00 21.14 ? 40  VAL B O   1 
ATOM   1080 C  CB  . VAL B 2 40  ? -5.386  2.210   8.624   1.00 22.61 ? 40  VAL B CB  1 
ATOM   1081 C  CG1 . VAL B 2 40  ? -6.826  2.320   8.092   1.00 23.78 ? 40  VAL B CG1 1 
ATOM   1082 C  CG2 . VAL B 2 40  ? -5.313  1.266   9.839   1.00 25.42 ? 40  VAL B CG2 1 
ATOM   1083 N  N   . ILE B 2 41  ? -5.248  1.789   5.295   1.00 20.54 ? 41  ILE B N   1 
ATOM   1084 C  CA  . ILE B 2 41  ? -5.613  2.411   4.009   1.00 20.41 ? 41  ILE B CA  1 
ATOM   1085 C  C   . ILE B 2 41  ? -7.103  2.720   4.082   1.00 21.29 ? 41  ILE B C   1 
ATOM   1086 O  O   . ILE B 2 41  ? -7.915  1.820   4.302   1.00 22.35 ? 41  ILE B O   1 
ATOM   1087 C  CB  . ILE B 2 41  ? -5.474  1.418   2.825   1.00 20.44 ? 41  ILE B CB  1 
ATOM   1088 C  CG1 . ILE B 2 41  ? -4.033  0.915   2.652   1.00 21.45 ? 41  ILE B CG1 1 
ATOM   1089 C  CG2 . ILE B 2 41  ? -6.033  2.048   1.564   1.00 20.55 ? 41  ILE B CG2 1 
ATOM   1090 C  CD1 . ILE B 2 41  ? -2.958  1.960   2.438   1.00 26.10 ? 41  ILE B CD1 1 
ATOM   1091 N  N   . PHE B 2 42  ? -7.468  3.986   3.906   1.00 21.00 ? 42  PHE B N   1 
ATOM   1092 C  CA  . PHE B 2 42  ? -8.892  4.318   3.800   1.00 20.86 ? 42  PHE B CA  1 
ATOM   1093 C  C   . PHE B 2 42  ? -9.218  4.425   2.331   1.00 21.39 ? 42  PHE B C   1 
ATOM   1094 O  O   . PHE B 2 42  ? -8.416  4.926   1.582   1.00 20.99 ? 42  PHE B O   1 
ATOM   1095 C  CB  . PHE B 2 42  ? -9.170  5.664   4.501   1.00 21.17 ? 42  PHE B CB  1 
ATOM   1096 C  CG  . PHE B 2 42  ? -9.274  5.528   5.991   1.00 20.35 ? 42  PHE B CG  1 
ATOM   1097 C  CD1 . PHE B 2 42  ? -10.208 4.655   6.562   1.00 22.69 ? 42  PHE B CD1 1 
ATOM   1098 C  CD2 . PHE B 2 42  ? -8.455  6.256   6.829   1.00 21.96 ? 42  PHE B CD2 1 
ATOM   1099 C  CE1 . PHE B 2 42  ? -10.297 4.497   7.980   1.00 20.44 ? 42  PHE B CE1 1 
ATOM   1100 C  CE2 . PHE B 2 42  ? -8.552  6.103   8.224   1.00 25.56 ? 42  PHE B CE2 1 
ATOM   1101 C  CZ  . PHE B 2 42  ? -9.475  5.202   8.784   1.00 21.35 ? 42  PHE B CZ  1 
ATOM   1102 N  N   . LEU B 2 43  ? -10.398 3.950   1.958   1.00 21.97 ? 43  LEU B N   1 
ATOM   1103 C  CA  . LEU B 2 43  ? -10.893 4.029   0.586   1.00 23.02 ? 43  LEU B CA  1 
ATOM   1104 C  C   . LEU B 2 43  ? -11.978 5.108   0.664   1.00 24.78 ? 43  LEU B C   1 
ATOM   1105 O  O   . LEU B 2 43  ? -12.921 4.970   1.457   1.00 25.64 ? 43  LEU B O   1 
ATOM   1106 C  CB  . LEU B 2 43  ? -11.490 2.680   0.211   1.00 23.75 ? 43  LEU B CB  1 
ATOM   1107 C  CG  . LEU B 2 43  ? -12.203 2.628   -1.164  1.00 25.30 ? 43  LEU B CG  1 
ATOM   1108 C  CD1 . LEU B 2 43  ? -11.129 2.638   -2.198  1.00 26.81 ? 43  LEU B CD1 1 
ATOM   1109 C  CD2 . LEU B 2 43  ? -13.106 1.407   -1.268  1.00 26.93 ? 43  LEU B CD2 1 
ATOM   1110 N  N   . THR B 2 44  ? -11.805 6.184   -0.087  1.00 24.76 ? 44  THR B N   1 
ATOM   1111 C  CA  . THR B 2 44  ? -12.838 7.256   -0.091  1.00 26.64 ? 44  THR B CA  1 
ATOM   1112 C  C   . THR B 2 44  ? -13.968 6.866   -1.031  1.00 28.14 ? 44  THR B C   1 
ATOM   1113 O  O   . THR B 2 44  ? -13.880 5.889   -1.790  1.00 26.62 ? 44  THR B O   1 
ATOM   1114 C  CB  . THR B 2 44  ? -12.288 8.591   -0.575  1.00 26.17 ? 44  THR B CB  1 
ATOM   1115 O  OG1 . THR B 2 44  ? -12.059 8.534   -2.001  1.00 26.89 ? 44  THR B OG1 1 
ATOM   1116 C  CG2 . THR B 2 44  ? -10.978 8.921   0.105   1.00 28.11 ? 44  THR B CG2 1 
ATOM   1117 N  N   . LYS B 2 45  ? -15.041 7.659   -1.011  1.00 29.41 ? 45  LYS B N   1 
ATOM   1118 C  CA  . LYS B 2 45  ? -16.175 7.340   -1.878  1.00 32.25 ? 45  LYS B CA  1 
ATOM   1119 C  C   . LYS B 2 45  ? -15.824 7.524   -3.368  1.00 31.99 ? 45  LYS B C   1 
ATOM   1120 O  O   . LYS B 2 45  ? -16.507 6.958   -4.261  1.00 33.85 ? 45  LYS B O   1 
ATOM   1121 C  CB  . LYS B 2 45  ? -17.400 8.177   -1.465  1.00 32.86 ? 45  LYS B CB  1 
ATOM   1122 C  CG  . LYS B 2 45  ? -17.863 7.962   -0.027  1.00 36.64 ? 45  LYS B CG  1 
ATOM   1123 C  CD  . LYS B 2 45  ? -19.239 7.300   0.104   1.00 40.76 ? 45  LYS B CD  1 
ATOM   1124 C  CE  . LYS B 2 45  ? -19.659 7.178   1.578   1.00 40.56 ? 45  LYS B CE  1 
ATOM   1125 N  NZ  . LYS B 2 45  ? -20.497 8.353   2.058   1.00 44.66 ? 45  LYS B NZ  1 
ATOM   1126 N  N   . ARG B 2 46  ? -14.776 8.303   -3.628  1.00 31.32 ? 46  ARG B N   1 
ATOM   1127 C  CA  . ARG B 2 46  ? -14.233 8.513   -4.985  1.00 32.89 ? 46  ARG B CA  1 
ATOM   1128 C  C   . ARG B 2 46  ? -13.168 7.477   -5.400  1.00 31.98 ? 46  ARG B C   1 
ATOM   1129 O  O   . ARG B 2 46  ? -12.510 7.637   -6.426  1.00 31.90 ? 46  ARG B O   1 
ATOM   1130 C  CB  . ARG B 2 46  ? -13.631 9.910   -5.109  1.00 33.12 ? 46  ARG B CB  1 
ATOM   1131 C  CG  . ARG B 2 46  ? -14.551 11.049  -4.708  1.00 37.38 ? 46  ARG B CG  1 
ATOM   1132 C  CD  . ARG B 2 46  ? -15.497 11.462  -5.807  1.00 39.68 ? 46  ARG B CD  1 
ATOM   1133 N  NE  . ARG B 2 46  ? -16.475 12.409  -5.297  1.00 42.35 ? 46  ARG B NE  1 
ATOM   1134 C  CZ  . ARG B 2 46  ? -17.659 12.074  -4.787  1.00 43.59 ? 46  ARG B CZ  1 
ATOM   1135 N  NH1 . ARG B 2 46  ? -18.054 10.800  -4.717  1.00 43.39 ? 46  ARG B NH1 1 
ATOM   1136 N  NH2 . ARG B 2 46  ? -18.468 13.031  -4.346  1.00 46.10 ? 46  ARG B NH2 1 
ATOM   1137 N  N   . SER B 2 47  ? -12.999 6.433   -4.592  1.00 31.20 ? 47  SER B N   1 
ATOM   1138 C  CA  . SER B 2 47  ? -12.093 5.297   -4.921  1.00 31.65 ? 47  SER B CA  1 
ATOM   1139 C  C   . SER B 2 47  ? -10.607 5.580   -4.744  1.00 30.67 ? 47  SER B C   1 
ATOM   1140 O  O   . SER B 2 47  ? -9.753  4.807   -5.239  1.00 30.44 ? 47  SER B O   1 
ATOM   1141 C  CB  . SER B 2 47  ? -12.304 4.800   -6.361  1.00 32.66 ? 47  SER B CB  1 
ATOM   1142 O  OG  . SER B 2 47  ? -13.633 4.421   -6.547  1.00 36.86 ? 47  SER B OG  1 
ATOM   1143 N  N   . ARG B 2 48  ? -10.290 6.650   -4.024  1.00 29.25 ? 48  ARG B N   1 
ATOM   1144 C  CA  . ARG B 2 48  ? -8.907  6.953   -3.712  1.00 27.76 ? 48  ARG B CA  1 
ATOM   1145 C  C   . ARG B 2 48  ? -8.520  6.126   -2.486  1.00 26.18 ? 48  ARG B C   1 
ATOM   1146 O  O   . ARG B 2 48  ? -9.275  6.068   -1.532  1.00 24.78 ? 48  ARG B O   1 
ATOM   1147 C  CB  . ARG B 2 48  ? -8.736  8.433   -3.402  1.00 29.66 ? 48  ARG B CB  1 
ATOM   1148 C  CG  . ARG B 2 48  ? -7.282  8.797   -3.084  1.00 32.32 ? 48  ARG B CG  1 
ATOM   1149 C  CD  . ARG B 2 48  ? -7.043  10.279  -3.214  1.00 38.66 ? 48  ARG B CD  1 
ATOM   1150 N  NE  . ARG B 2 48  ? -5.624  10.635  -3.143  1.00 44.33 ? 48  ARG B NE  1 
ATOM   1151 C  CZ  . ARG B 2 48  ? -5.049  11.214  -2.092  1.00 46.82 ? 48  ARG B CZ  1 
ATOM   1152 N  NH1 . ARG B 2 48  ? -5.764  11.474  -0.998  1.00 50.37 ? 48  ARG B NH1 1 
ATOM   1153 N  NH2 . ARG B 2 48  ? -3.763  11.537  -2.133  1.00 46.50 ? 48  ARG B NH2 1 
ATOM   1154 N  N   . GLN B 2 49  ? -7.327  5.524   -2.529  1.00 24.63 ? 49  GLN B N   1 
ATOM   1155 C  CA  . GLN B 2 49  ? -6.775  4.824   -1.362  1.00 23.13 ? 49  GLN B CA  1 
ATOM   1156 C  C   . GLN B 2 49  ? -5.711  5.723   -0.731  1.00 22.00 ? 49  GLN B C   1 
ATOM   1157 O  O   . GLN B 2 49  ? -4.791  6.216   -1.432  1.00 23.59 ? 49  GLN B O   1 
ATOM   1158 C  CB  . GLN B 2 49  ? -6.233  3.430   -1.782  1.00 24.17 ? 49  GLN B CB  1 
ATOM   1159 C  CG  . GLN B 2 49  ? -7.371  2.541   -2.179  1.00 25.02 ? 49  GLN B CG  1 
ATOM   1160 C  CD  . GLN B 2 49  ? -6.985  1.124   -2.571  1.00 27.57 ? 49  GLN B CD  1 
ATOM   1161 O  OE1 . GLN B 2 49  ? -6.025  0.565   -2.047  1.00 25.50 ? 49  GLN B OE1 1 
ATOM   1162 N  NE2 . GLN B 2 49  ? -7.768  0.527   -3.479  1.00 30.12 ? 49  GLN B NE2 1 
ATOM   1163 N  N   . VAL B 2 50  ? -5.857  5.964   0.581   1.00 21.17 ? 50  VAL B N   1 
ATOM   1164 C  CA  . VAL B 2 50  ? -5.024  6.920   1.329   1.00 21.88 ? 50  VAL B CA  1 
ATOM   1165 C  C   . VAL B 2 50  ? -4.399  6.274   2.585   1.00 21.50 ? 50  VAL B C   1 
ATOM   1166 O  O   . VAL B 2 50  ? -5.106  5.669   3.363   1.00 22.68 ? 50  VAL B O   1 
ATOM   1167 C  CB  . VAL B 2 50  ? -5.826  8.164   1.768   1.00 22.29 ? 50  VAL B CB  1 
ATOM   1168 C  CG1 . VAL B 2 50  ? -7.046  7.801   2.501   1.00 27.14 ? 50  VAL B CG1 1 
ATOM   1169 C  CG2 . VAL B 2 50  ? -4.950  9.079   2.607   1.00 22.01 ? 50  VAL B CG2 1 
ATOM   1170 N  N   . CYS B 2 51  ? -3.096  6.408   2.760   1.00 22.36 ? 51  CYS B N   1 
ATOM   1171 C  CA  . CYS B 2 51  ? -2.447  5.916   4.005   1.00 22.86 ? 51  CYS B CA  1 
ATOM   1172 C  C   . CYS B 2 51  ? -2.788  6.724   5.251   1.00 23.53 ? 51  CYS B C   1 
ATOM   1173 O  O   . CYS B 2 51  ? -2.690  7.940   5.235   1.00 23.53 ? 51  CYS B O   1 
ATOM   1174 C  CB  . CYS B 2 51  ? -0.941  5.928   3.852   1.00 23.63 ? 51  CYS B CB  1 
ATOM   1175 S  SG  . CYS B 2 51  ? -0.370  4.659   2.758   1.00 28.26 ? 51  CYS B SG  1 
ATOM   1176 N  N   . ALA B 2 52  ? -3.110  6.046   6.336   1.00 24.12 ? 52  ALA B N   1 
ATOM   1177 C  CA  . ALA B 2 52  ? -3.328  6.704   7.612   1.00 24.73 ? 52  ALA B CA  1 
ATOM   1178 C  C   . ALA B 2 52  ? -2.632  5.984   8.781   1.00 26.99 ? 52  ALA B C   1 
ATOM   1179 O  O   . ALA B 2 52  ? -2.372  4.787   8.728   1.00 25.20 ? 52  ALA B O   1 
ATOM   1180 C  CB  . ALA B 2 52  ? -4.811  6.861   7.869   1.00 24.92 ? 52  ALA B CB  1 
ATOM   1181 N  N   . ASP B 2 53  ? -2.344  6.727   9.839   1.00 28.43 ? 53  ASP B N   1 
ATOM   1182 C  CA  . ASP B 2 53  ? -1.546  6.171   10.943  1.00 32.04 ? 53  ASP B CA  1 
ATOM   1183 C  C   . ASP B 2 53  ? -2.444  5.531   11.992  1.00 32.23 ? 53  ASP B C   1 
ATOM   1184 O  O   . ASP B 2 53  ? -3.213  6.212   12.660  1.00 32.96 ? 53  ASP B O   1 
ATOM   1185 C  CB  . ASP B 2 53  ? -0.628  7.248   11.539  1.00 32.98 ? 53  ASP B CB  1 
ATOM   1186 C  CG  . ASP B 2 53  ? 0.267   6.722   12.681  1.00 35.99 ? 53  ASP B CG  1 
ATOM   1187 O  OD1 . ASP B 2 53  ? -0.019  5.673   13.321  1.00 41.32 ? 53  ASP B OD1 1 
ATOM   1188 O  OD2 . ASP B 2 53  ? 1.254   7.400   12.978  1.00 42.49 ? 53  ASP B OD2 1 
ATOM   1189 N  N   . PRO B 2 54  ? -2.374  4.196   12.145  1.00 32.72 ? 54  PRO B N   1 
ATOM   1190 C  CA  . PRO B 2 54  ? -3.313  3.496   13.038  1.00 33.25 ? 54  PRO B CA  1 
ATOM   1191 C  C   . PRO B 2 54  ? -3.141  3.848   14.523  1.00 33.66 ? 54  PRO B C   1 
ATOM   1192 O  O   . PRO B 2 54  ? -3.992  3.492   15.342  1.00 35.26 ? 54  PRO B O   1 
ATOM   1193 C  CB  . PRO B 2 54  ? -2.994  2.014   12.794  1.00 32.72 ? 54  PRO B CB  1 
ATOM   1194 C  CG  . PRO B 2 54  ? -1.625  2.012   12.227  1.00 33.35 ? 54  PRO B CG  1 
ATOM   1195 C  CD  . PRO B 2 54  ? -1.460  3.261   11.459  1.00 33.76 ? 54  PRO B CD  1 
ATOM   1196 N  N   . SER B 2 55  ? -2.082  4.555   14.865  1.00 35.10 ? 55  SER B N   1 
ATOM   1197 C  CA  . SER B 2 55  ? -1.913  4.959   16.265  1.00 36.58 ? 55  SER B CA  1 
ATOM   1198 C  C   . SER B 2 55  ? -2.800  6.171   16.577  1.00 37.54 ? 55  SER B C   1 
ATOM   1199 O  O   . SER B 2 55  ? -3.063  6.452   17.748  1.00 38.44 ? 55  SER B O   1 
ATOM   1200 C  CB  . SER B 2 55  ? -0.452  5.267   16.584  1.00 36.20 ? 55  SER B CB  1 
ATOM   1201 O  OG  . SER B 2 55  ? 0.029   6.379   15.859  1.00 37.32 ? 55  SER B OG  1 
ATOM   1202 N  N   . GLU B 2 56  ? -3.262  6.863   15.529  1.00 37.65 ? 56  GLU B N   1 
ATOM   1203 C  CA  . GLU B 2 56  ? -4.102  8.057   15.695  1.00 37.76 ? 56  GLU B CA  1 
ATOM   1204 C  C   . GLU B 2 56  ? -5.533  7.711   16.062  1.00 37.62 ? 56  GLU B C   1 
ATOM   1205 O  O   . GLU B 2 56  ? -6.124  6.760   15.520  1.00 35.84 ? 56  GLU B O   1 
ATOM   1206 C  CB  . GLU B 2 56  ? -4.056  8.947   14.463  1.00 37.83 ? 56  GLU B CB  1 
ATOM   1207 C  CG  . GLU B 2 56  ? -2.726  9.653   14.282  1.00 40.18 ? 56  GLU B CG  1 
ATOM   1208 C  CD  . GLU B 2 56  ? -2.715  10.537  13.074  1.00 44.96 ? 56  GLU B CD  1 
ATOM   1209 O  OE1 . GLU B 2 56  ? -3.614  10.380  12.225  1.00 47.04 ? 56  GLU B OE1 1 
ATOM   1210 O  OE2 . GLU B 2 56  ? -1.817  11.399  12.967  1.00 48.69 ? 56  GLU B OE2 1 
ATOM   1211 N  N   . GLU B 2 57  ? -6.094  8.481   17.004  1.00 37.66 ? 57  GLU B N   1 
ATOM   1212 C  CA  . GLU B 2 57  ? -7.422  8.175   17.567  1.00 38.82 ? 57  GLU B CA  1 
ATOM   1213 C  C   . GLU B 2 57  ? -8.514  8.142   16.502  1.00 36.90 ? 57  GLU B C   1 
ATOM   1214 O  O   . GLU B 2 57  ? -9.383  7.257   16.530  1.00 37.96 ? 57  GLU B O   1 
ATOM   1215 C  CB  . GLU B 2 57  ? -7.807  9.196   18.665  1.00 39.15 ? 57  GLU B CB  1 
ATOM   1216 C  CG  . GLU B 2 57  ? -8.926  8.753   19.604  1.00 41.43 ? 57  GLU B CG  1 
ATOM   1217 C  CD  . GLU B 2 57  ? -9.324  9.835   20.647  1.00 41.64 ? 57  GLU B CD  1 
ATOM   1218 O  OE1 . GLU B 2 57  ? -9.293  11.055  20.343  1.00 47.25 ? 57  GLU B OE1 1 
ATOM   1219 O  OE2 . GLU B 2 57  ? -9.683  9.456   21.781  1.00 46.85 ? 57  GLU B OE2 1 
ATOM   1220 N  N   . TRP B 2 58  ? -8.479  9.117   15.597  1.00 36.50 ? 58  TRP B N   1 
ATOM   1221 C  CA  . TRP B 2 58  ? -9.522  9.274   14.573  1.00 35.51 ? 58  TRP B CA  1 
ATOM   1222 C  C   . TRP B 2 58  ? -9.525  8.075   13.662  1.00 34.31 ? 58  TRP B C   1 
ATOM   1223 O  O   . TRP B 2 58  ? -10.566 7.659   13.172  1.00 34.44 ? 58  TRP B O   1 
ATOM   1224 C  CB  . TRP B 2 58  ? -9.365  10.567  13.758  1.00 34.60 ? 58  TRP B CB  1 
ATOM   1225 C  CG  . TRP B 2 58  ? -8.176  10.659  12.802  1.00 34.76 ? 58  TRP B CG  1 
ATOM   1226 C  CD1 . TRP B 2 58  ? -6.927  11.118  13.096  1.00 35.16 ? 58  TRP B CD1 1 
ATOM   1227 C  CD2 . TRP B 2 58  ? -8.157  10.338  11.391  1.00 33.47 ? 58  TRP B CD2 1 
ATOM   1228 N  NE1 . TRP B 2 58  ? -6.141  11.113  11.967  1.00 36.76 ? 58  TRP B NE1 1 
ATOM   1229 C  CE2 . TRP B 2 58  ? -6.870  10.631  10.913  1.00 32.43 ? 58  TRP B CE2 1 
ATOM   1230 C  CE3 . TRP B 2 58  ? -9.103  9.844   10.499  1.00 33.38 ? 58  TRP B CE3 1 
ATOM   1231 C  CZ2 . TRP B 2 58  ? -6.489  10.409  9.588   1.00 33.63 ? 58  TRP B CZ2 1 
ATOM   1232 C  CZ3 . TRP B 2 58  ? -8.729  9.636   9.177   1.00 34.89 ? 58  TRP B CZ3 1 
ATOM   1233 C  CH2 . TRP B 2 58  ? -7.437  9.932   8.732   1.00 31.85 ? 58  TRP B CH2 1 
ATOM   1234 N  N   . VAL B 2 59  ? -8.337  7.511   13.468  1.00 34.21 ? 59  VAL B N   1 
ATOM   1235 C  CA  . VAL B 2 59  ? -8.184  6.355   12.595  1.00 33.90 ? 59  VAL B CA  1 
ATOM   1236 C  C   . VAL B 2 59  ? -8.882  5.127   13.168  1.00 33.43 ? 59  VAL B C   1 
ATOM   1237 O  O   . VAL B 2 59  ? -9.632  4.459   12.470  1.00 32.03 ? 59  VAL B O   1 
ATOM   1238 C  CB  . VAL B 2 59  ? -6.695  6.090   12.253  1.00 33.36 ? 59  VAL B CB  1 
ATOM   1239 C  CG1 . VAL B 2 59  ? -6.586  4.865   11.341  1.00 33.37 ? 59  VAL B CG1 1 
ATOM   1240 C  CG2 . VAL B 2 59  ? -6.063  7.315   11.593  1.00 32.27 ? 59  VAL B CG2 1 
ATOM   1241 N  N   . GLN B 2 60  ? -8.652  4.838   14.456  1.00 35.68 ? 60  GLN B N   1 
ATOM   1242 C  CA  . GLN B 2 60  ? -9.305  3.717   15.144  1.00 37.26 ? 60  GLN B CA  1 
ATOM   1243 C  C   . GLN B 2 60  ? -10.804 3.887   15.204  1.00 37.00 ? 60  GLN B C   1 
ATOM   1244 O  O   . GLN B 2 60  ? -11.562 2.942   15.003  1.00 37.20 ? 60  GLN B O   1 
ATOM   1245 C  CB  . GLN B 2 60  ? -8.793  3.580   16.586  1.00 37.69 ? 60  GLN B CB  1 
ATOM   1246 C  CG  . GLN B 2 60  ? -7.281  3.431   16.679  1.00 39.27 ? 60  GLN B CG  1 
ATOM   1247 C  CD  . GLN B 2 60  ? -6.785  3.424   18.120  1.00 41.63 ? 60  GLN B CD  1 
ATOM   1248 O  OE1 . GLN B 2 60  ? -7.277  2.657   18.963  1.00 48.66 ? 60  GLN B OE1 1 
ATOM   1249 N  NE2 . GLN B 2 60  ? -5.807  4.285   18.413  1.00 45.76 ? 60  GLN B NE2 1 
ATOM   1250 N  N   . LYS B 2 61  ? -11.226 5.109   15.515  1.00 37.24 ? 61  LYS B N   1 
ATOM   1251 C  CA  . LYS B 2 61  ? -12.633 5.427   15.572  1.00 37.03 ? 61  LYS B CA  1 
ATOM   1252 C  C   . LYS B 2 61  ? -13.281 5.135   14.237  1.00 36.09 ? 61  LYS B C   1 
ATOM   1253 O  O   . LYS B 2 61  ? -14.319 4.481   14.174  1.00 36.72 ? 61  LYS B O   1 
ATOM   1254 C  CB  . LYS B 2 61  ? -12.819 6.906   15.936  1.00 38.54 ? 61  LYS B CB  1 
ATOM   1255 C  CG  . LYS B 2 61  ? -14.262 7.274   16.244  1.00 39.93 ? 61  LYS B CG  1 
ATOM   1256 C  CD  . LYS B 2 61  ? -14.603 6.882   17.690  1.00 45.42 ? 61  LYS B CD  1 
ATOM   1257 C  CE  . LYS B 2 61  ? -13.633 7.527   18.699  1.00 45.88 ? 61  LYS B CE  1 
ATOM   1258 N  NZ  . LYS B 2 61  ? -13.812 7.001   20.082  1.00 47.18 ? 61  LYS B NZ  1 
ATOM   1259 N  N   . TYR B 2 62  ? -12.664 5.620   13.163  1.00 35.26 ? 62  TYR B N   1 
ATOM   1260 C  CA  . TYR B 2 62  ? -13.199 5.408   11.816  1.00 34.40 ? 62  TYR B CA  1 
ATOM   1261 C  C   . TYR B 2 62  ? -13.253 3.932   11.442  1.00 35.08 ? 62  TYR B C   1 
ATOM   1262 O  O   . TYR B 2 62  ? -14.249 3.468   10.887  1.00 35.16 ? 62  TYR B O   1 
ATOM   1263 C  CB  . TYR B 2 62  ? -12.352 6.151   10.789  1.00 33.38 ? 62  TYR B CB  1 
ATOM   1264 C  CG  . TYR B 2 62  ? -12.546 7.644   10.703  1.00 33.05 ? 62  TYR B CG  1 
ATOM   1265 C  CD1 . TYR B 2 62  ? -13.032 8.397   11.779  1.00 33.67 ? 62  TYR B CD1 1 
ATOM   1266 C  CD2 . TYR B 2 62  ? -12.190 8.322   9.537   1.00 31.17 ? 62  TYR B CD2 1 
ATOM   1267 C  CE1 . TYR B 2 62  ? -13.173 9.791   11.668  1.00 34.50 ? 62  TYR B CE1 1 
ATOM   1268 C  CE2 . TYR B 2 62  ? -12.338 9.696   9.415   1.00 34.19 ? 62  TYR B CE2 1 
ATOM   1269 C  CZ  . TYR B 2 62  ? -12.829 10.425  10.473  1.00 34.44 ? 62  TYR B CZ  1 
ATOM   1270 O  OH  . TYR B 2 62  ? -12.961 11.787  10.314  1.00 38.14 ? 62  TYR B OH  1 
ATOM   1271 N  N   . VAL B 2 63  ? -12.183 3.204   11.743  1.00 37.23 ? 63  VAL B N   1 
ATOM   1272 C  CA  . VAL B 2 63  ? -12.133 1.759   11.514  1.00 39.29 ? 63  VAL B CA  1 
ATOM   1273 C  C   . VAL B 2 63  ? -13.304 1.074   12.267  1.00 41.07 ? 63  VAL B C   1 
ATOM   1274 O  O   . VAL B 2 63  ? -14.119 0.387   11.650  1.00 42.10 ? 63  VAL B O   1 
ATOM   1275 C  CB  . VAL B 2 63  ? -10.747 1.172   11.905  1.00 39.39 ? 63  VAL B CB  1 
ATOM   1276 C  CG1 . VAL B 2 63  ? -10.795 -0.345  11.972  1.00 40.33 ? 63  VAL B CG1 1 
ATOM   1277 C  CG2 . VAL B 2 63  ? -9.677  1.627   10.924  1.00 37.87 ? 63  VAL B CG2 1 
ATOM   1278 N  N   . SER B 2 64  ? -13.422 1.344   13.569  1.00 43.13 ? 64  SER B N   1 
ATOM   1279 C  CA  . SER B 2 64  ? -14.530 0.831   14.398  1.00 44.70 ? 64  SER B CA  1 
ATOM   1280 C  C   . SER B 2 64  ? -15.932 1.147   13.869  1.00 45.80 ? 64  SER B C   1 
ATOM   1281 O  O   . SER B 2 64  ? -16.799 0.278   13.874  1.00 46.48 ? 64  SER B O   1 
ATOM   1282 C  CB  . SER B 2 64  ? -14.418 1.347   15.819  1.00 44.74 ? 64  SER B CB  1 
ATOM   1283 O  OG  . SER B 2 64  ? -15.331 0.648   16.657  1.00 46.81 ? 64  SER B OG  1 
ATOM   1284 N  N   . ASP B 2 65  ? -16.148 2.386   13.422  1.00 46.67 ? 65  ASP B N   1 
ATOM   1285 C  CA  . ASP B 2 65  ? -17.439 2.821   12.892  1.00 47.84 ? 65  ASP B CA  1 
ATOM   1286 C  C   . ASP B 2 65  ? -17.784 2.190   11.535  1.00 49.01 ? 65  ASP B C   1 
ATOM   1287 O  O   . ASP B 2 65  ? -18.954 2.180   11.126  1.00 49.49 ? 65  ASP B O   1 
ATOM   1288 C  CB  . ASP B 2 65  ? -17.495 4.350   12.769  1.00 47.33 ? 65  ASP B CB  1 
ATOM   1289 C  CG  . ASP B 2 65  ? -17.478 5.077   14.127  1.00 48.08 ? 65  ASP B CG  1 
ATOM   1290 O  OD1 . ASP B 2 65  ? -17.584 4.429   15.203  1.00 48.37 ? 65  ASP B OD1 1 
ATOM   1291 O  OD2 . ASP B 2 65  ? -17.365 6.321   14.108  1.00 45.43 ? 65  ASP B OD2 1 
ATOM   1292 N  N   . LEU B 2 66  ? -16.774 1.699   10.810  1.00 50.13 ? 66  LEU B N   1 
ATOM   1293 C  CA  . LEU B 2 66  ? -17.051 0.910   9.614   1.00 50.64 ? 66  LEU B CA  1 
ATOM   1294 C  C   . LEU B 2 66  ? -17.437 -0.476  10.124  1.00 52.04 ? 66  LEU B C   1 
ATOM   1295 O  O   . LEU B 2 66  ? -17.089 -1.500  9.553   1.00 52.85 ? 66  LEU B O   1 
ATOM   1296 C  CB  . LEU B 2 66  ? -15.853 0.894   8.645   1.00 49.97 ? 66  LEU B CB  1 
ATOM   1297 C  CG  . LEU B 2 66  ? -15.574 2.234   7.936   1.00 47.60 ? 66  LEU B CG  1 
ATOM   1298 C  CD1 . LEU B 2 66  ? -14.110 2.366   7.449   1.00 44.52 ? 66  LEU B CD1 1 
ATOM   1299 C  CD2 . LEU B 2 66  ? -16.575 2.506   6.800   1.00 45.83 ? 66  LEU B CD2 1 
ATOM   1300 N  N   . GLU B 2 67  ? -18.186 -0.465  11.223  1.00 54.10 ? 67  GLU B N   1 
ATOM   1301 C  CA  . GLU B 2 67  ? -18.617 -1.659  11.959  1.00 55.29 ? 67  GLU B CA  1 
ATOM   1302 C  C   . GLU B 2 67  ? -17.432 -2.473  12.502  1.00 55.49 ? 67  GLU B C   1 
ATOM   1303 O  O   . GLU B 2 67  ? -17.592 -3.188  13.482  1.00 56.10 ? 67  GLU B O   1 
ATOM   1304 C  CB  . GLU B 2 67  ? -19.596 -2.513  11.133  1.00 55.44 ? 67  GLU B CB  1 
ATOM   1305 C  CG  . GLU B 2 67  ? -20.594 -1.702  10.266  1.00 57.36 ? 67  GLU B CG  1 
ATOM   1306 C  CD  . GLU B 2 67  ? -21.383 -0.645  11.045  1.00 59.92 ? 67  GLU B CD  1 
ATOM   1307 O  OE1 . GLU B 2 67  ? -21.828 -0.937  12.174  1.00 61.55 ? 67  GLU B OE1 1 
ATOM   1308 O  OE2 . GLU B 2 67  ? -21.572 0.477   10.519  1.00 60.62 ? 67  GLU B OE2 1 
HETATM 1309 NI NI  . NI  C 3 .   ? -11.347 -23.330 2.698   0.17 18.18 ? 101 NI  A NI  1 
HETATM 1310 NI NI  . NI  D 3 .   ? -17.472 -25.434 12.959  0.33 15.90 ? 102 NI  A NI  1 
HETATM 1311 O  O   . HOH E 4 .   ? 15.337  17.588  -4.874  1.00 47.03 ? 103 HOH A O   1 
HETATM 1312 O  O   . HOH E 4 .   ? -5.252  -10.375 -13.579 1.00 41.74 ? 104 HOH A O   1 
HETATM 1313 O  O   . HOH E 4 .   ? 9.045   7.685   1.577   1.00 33.10 ? 105 HOH A O   1 
HETATM 1314 O  O   . HOH E 4 .   ? 12.447  -18.782 -10.613 1.00 45.42 ? 106 HOH A O   1 
HETATM 1315 O  O   . HOH E 4 .   ? 18.002  17.023  -5.370  1.00 57.32 ? 107 HOH A O   1 
HETATM 1316 O  O   . HOH E 4 .   ? 9.162   13.914  -12.901 1.00 61.10 ? 108 HOH A O   1 
HETATM 1317 O  O   . HOH E 4 .   ? 1.147   -12.905 -9.008  1.00 16.88 ? 109 HOH A O   1 
HETATM 1318 O  O   . HOH E 4 .   ? -0.997  3.075   -8.201  1.00 49.58 ? 110 HOH A O   1 
HETATM 1319 O  O   . HOH E 4 .   ? -1.057  3.906   -4.661  1.00 41.89 ? 111 HOH A O   1 
HETATM 1320 O  O   . HOH E 4 .   ? -2.805  26.740  8.760   1.00 52.25 ? 112 HOH A O   1 
HETATM 1321 O  O   . HOH E 4 .   ? -0.555  -10.307 5.676   1.00 56.43 ? 113 HOH A O   1 
HETATM 1322 O  O   . HOH E 4 .   ? 9.978   8.076   -13.105 1.00 68.23 ? 114 HOH A O   1 
HETATM 1323 O  O   . HOH E 4 .   ? 0.684   -9.140  -20.144 1.00 57.23 ? 115 HOH A O   1 
HETATM 1324 O  O   . HOH E 4 .   ? 3.390   6.364   1.600   1.00 29.88 ? 116 HOH A O   1 
HETATM 1325 O  O   . HOH E 4 .   ? 10.279  -2.707  -0.479  1.00 21.38 ? 117 HOH A O   1 
HETATM 1326 O  O   . HOH E 4 .   ? 9.796   -11.573 -3.134  1.00 26.16 ? 118 HOH A O   1 
HETATM 1327 O  O   . HOH E 4 .   ? 5.239   0.858   -5.402  1.00 27.97 ? 119 HOH A O   1 
HETATM 1328 O  O   . HOH E 4 .   ? -15.368 -7.277  -1.341  1.00 62.19 ? 120 HOH A O   1 
HETATM 1329 O  O   . HOH E 4 .   ? 0.516   -7.602  -3.985  1.00 28.73 ? 121 HOH A O   1 
HETATM 1330 O  O   . HOH E 4 .   ? -1.318  1.248   -12.897 1.00 48.12 ? 122 HOH A O   1 
HETATM 1331 O  O   . HOH E 4 .   ? 6.349   -9.477  -13.141 1.00 43.66 ? 123 HOH A O   1 
HETATM 1332 O  O   . HOH E 4 .   ? -12.320 -26.072 21.546  1.00 22.50 ? 124 HOH A O   1 
HETATM 1333 O  O   . HOH E 4 .   ? 2.530   12.878  -13.861 1.00 49.86 ? 125 HOH A O   1 
HETATM 1334 O  O   . HOH E 4 .   ? -4.494  -12.687 -18.340 1.00 49.68 ? 126 HOH A O   1 
HETATM 1335 O  O   . HOH E 4 .   ? -5.721  17.891  -10.981 1.00 56.87 ? 127 HOH A O   1 
HETATM 1336 O  O   . HOH E 4 .   ? 3.837   -16.326 -16.240 1.00 47.81 ? 128 HOH A O   1 
HETATM 1337 O  O   . HOH E 4 .   ? 8.246   -14.528 -14.465 1.00 38.03 ? 129 HOH A O   1 
HETATM 1338 O  O   . HOH E 4 .   ? 19.002  -11.908 -17.168 1.00 60.45 ? 130 HOH A O   1 
HETATM 1339 O  O   . HOH E 4 .   ? 0.908   -12.351 4.954   1.00 50.02 ? 132 HOH A O   1 
HETATM 1340 O  O   . HOH E 4 .   ? 17.818  -8.536  -17.861 1.00 64.71 ? 133 HOH A O   1 
HETATM 1341 O  O   . HOH E 4 .   ? -4.004  28.676  11.291  1.00 57.32 ? 134 HOH A O   1 
HETATM 1342 O  O   . HOH E 4 .   ? -0.203  -17.717 -4.140  1.00 35.85 ? 135 HOH A O   1 
HETATM 1343 O  O   . HOH E 4 .   ? -11.315 -26.985 10.666  1.00 30.78 ? 136 HOH A O   1 
HETATM 1344 O  O   . HOH E 4 .   ? 8.727   -9.396  -1.671  1.00 28.68 ? 137 HOH A O   1 
HETATM 1345 O  O   . HOH E 4 .   ? -5.895  -10.551 -16.673 1.00 48.80 ? 138 HOH A O   1 
HETATM 1346 O  O   . HOH E 4 .   ? -7.106  -11.838 -5.734  1.00 22.29 ? 139 HOH A O   1 
HETATM 1347 O  O   . HOH E 4 .   ? 11.011  -5.147  0.598   1.00 23.25 ? 140 HOH A O   1 
HETATM 1348 O  O   . HOH E 4 .   ? -11.000 -18.256 11.944  1.00 35.10 ? 141 HOH A O   1 
HETATM 1349 O  O   . HOH E 4 .   ? 12.895  -9.636  -15.979 1.00 49.56 ? 142 HOH A O   1 
HETATM 1350 O  O   . HOH E 4 .   ? 10.372  -16.229 -15.577 1.00 51.69 ? 143 HOH A O   1 
HETATM 1351 O  O   . HOH E 4 .   ? -5.487  2.267   -10.798 1.00 69.29 ? 144 HOH A O   1 
HETATM 1352 O  O   . HOH E 4 .   ? -7.006  3.900   -9.302  1.00 55.33 ? 145 HOH A O   1 
HETATM 1353 O  O   . HOH E 4 .   ? 9.613   -5.110  -19.393 1.00 67.11 ? 147 HOH A O   1 
HETATM 1354 O  O   . HOH E 4 .   ? 11.710  -7.500  -25.207 1.00 59.99 ? 148 HOH A O   1 
HETATM 1355 O  O   . HOH E 4 .   ? 18.206  4.116   7.622   1.00 59.92 ? 149 HOH A O   1 
HETATM 1356 O  O   . HOH E 4 .   ? 7.517   -9.639  -23.213 1.00 61.63 ? 151 HOH A O   1 
HETATM 1357 O  O   . HOH E 4 .   ? 3.775   -12.871 -23.763 1.00 56.55 ? 152 HOH A O   1 
HETATM 1358 O  O   . HOH E 4 .   ? 8.693   -8.890  -21.098 1.00 62.31 ? 153 HOH A O   1 
HETATM 1359 O  O   . HOH E 4 .   ? -0.119  12.151  -12.546 1.00 64.65 ? 154 HOH A O   1 
HETATM 1360 O  O   . HOH E 4 .   ? -5.670  -4.923  -12.320 1.00 51.79 ? 155 HOH A O   1 
HETATM 1361 O  O   . HOH E 4 .   ? 4.251   16.006  -7.088  1.00 44.63 ? 156 HOH A O   1 
HETATM 1362 O  O   . HOH E 4 .   ? -1.631  12.134  -9.704  1.00 51.58 ? 157 HOH A O   1 
HETATM 1363 O  O   . HOH E 4 .   ? 20.859  7.013   -3.596  1.00 54.08 ? 158 HOH A O   1 
HETATM 1364 O  O   . HOH E 4 .   ? -8.242  -14.672 5.317   1.00 51.74 ? 159 HOH A O   1 
HETATM 1365 O  O   . HOH E 4 .   ? -1.900  -7.055  3.035   1.00 26.89 ? 160 HOH A O   1 
HETATM 1366 O  O   . HOH E 4 .   ? 2.710   10.404  0.453   1.00 38.20 ? 161 HOH A O   1 
HETATM 1367 O  O   . HOH E 4 .   ? 4.847   2.762   -11.204 1.00 35.27 ? 162 HOH A O   1 
HETATM 1368 O  O   . HOH E 4 .   ? -3.840  -16.017 -16.080 1.00 37.00 ? 163 HOH A O   1 
HETATM 1369 O  O   . HOH E 4 .   ? 5.107   -0.917  -15.346 1.00 42.82 ? 164 HOH A O   1 
HETATM 1370 O  O   . HOH E 4 .   ? 3.828   -9.277  -16.483 1.00 62.88 ? 165 HOH A O   1 
HETATM 1371 O  O   . HOH E 4 .   ? 14.544  6.888   -3.682  1.00 37.99 ? 166 HOH A O   1 
HETATM 1372 O  O   . HOH E 4 .   ? 6.782   1.133   -15.580 1.00 48.79 ? 167 HOH A O   1 
HETATM 1373 O  O   . HOH E 4 .   ? -1.619  8.478   -9.562  1.00 60.15 ? 168 HOH A O   1 
HETATM 1374 O  O   . HOH E 4 .   ? 17.718  -4.683  -3.025  1.00 36.52 ? 169 HOH A O   1 
HETATM 1375 O  O   . HOH E 4 .   ? 1.389   -7.066  1.384   1.00 31.22 ? 170 HOH A O   1 
HETATM 1376 O  O   . HOH E 4 .   ? 12.760  1.850   3.508   1.00 44.36 ? 171 HOH A O   1 
HETATM 1377 O  O   . HOH E 4 .   ? -6.238  -9.662  -9.840  1.00 31.83 ? 172 HOH A O   1 
HETATM 1378 O  O   . HOH E 4 .   ? -13.391 -24.367 9.136   1.00 37.96 ? 173 HOH A O   1 
HETATM 1379 O  O   . HOH E 4 .   ? -2.534  -15.446 -1.173  1.00 33.50 ? 174 HOH A O   1 
HETATM 1380 O  O   . HOH E 4 .   ? 14.118  -2.229  2.129   1.00 28.94 ? 175 HOH A O   1 
HETATM 1381 O  O   . HOH E 4 .   ? 1.002   16.491  0.238   1.00 48.97 ? 176 HOH A O   1 
HETATM 1382 O  O   . HOH E 4 .   ? 0.546   -13.099 1.802   1.00 34.88 ? 177 HOH A O   1 
HETATM 1383 O  O   . HOH E 4 .   ? 7.899   13.285  -10.482 1.00 65.62 ? 178 HOH A O   1 
HETATM 1384 O  O   . HOH E 4 .   ? -14.289 -12.373 -0.871  1.00 42.57 ? 179 HOH A O   1 
HETATM 1385 O  O   . HOH E 4 .   ? 7.866   2.836   -12.139 1.00 42.92 ? 180 HOH A O   1 
HETATM 1386 O  O   . HOH E 4 .   ? 1.333   -12.152 -16.855 1.00 36.76 ? 181 HOH A O   1 
HETATM 1387 O  O   . HOH E 4 .   ? 10.041  0.248   -10.577 1.00 40.59 ? 182 HOH A O   1 
HETATM 1388 O  O   . HOH E 4 .   ? 8.456   14.300  -8.017  1.00 56.16 ? 183 HOH A O   1 
HETATM 1389 O  O   . HOH E 4 .   ? 11.388  12.787  -7.890  1.00 53.87 ? 185 HOH A O   1 
HETATM 1390 O  O   . HOH E 4 .   ? -4.773  0.230   -6.735  1.00 38.61 ? 186 HOH A O   1 
HETATM 1391 O  O   . HOH E 4 .   ? 2.913   -17.099 -13.621 1.00 46.66 ? 187 HOH A O   1 
HETATM 1392 O  O   . HOH E 4 .   ? -11.691 -28.377 13.822  1.00 40.48 ? 188 HOH A O   1 
HETATM 1393 O  O   . HOH E 4 .   ? 1.712   12.147  2.093   1.00 48.20 ? 189 HOH A O   1 
HETATM 1394 O  O   . HOH E 4 .   ? 1.202   -16.002 -15.104 1.00 42.97 ? 190 HOH A O   1 
HETATM 1395 O  O   . HOH E 4 .   ? 12.352  -12.869 -1.100  1.00 53.85 ? 191 HOH A O   1 
HETATM 1396 O  O   . HOH E 4 .   ? 9.021   -16.519 -2.661  1.00 32.57 ? 192 HOH A O   1 
HETATM 1397 O  O   . HOH E 4 .   ? 17.816  6.359   3.397   1.00 47.98 ? 193 HOH A O   1 
HETATM 1398 O  O   . HOH E 4 .   ? 24.744  -8.183  -17.057 1.00 44.20 ? 194 HOH A O   1 
HETATM 1399 O  O   . HOH E 4 .   ? 8.856   -21.746 1.073   1.00 45.46 ? 195 HOH A O   1 
HETATM 1400 O  O   . HOH E 4 .   ? -6.096  -3.123  -10.199 1.00 43.61 ? 196 HOH A O   1 
HETATM 1401 O  O   . HOH E 4 .   ? 8.454   -4.823  3.534   1.00 32.92 ? 197 HOH A O   1 
HETATM 1402 O  O   . HOH E 4 .   ? -3.007  -11.780 -15.823 1.00 37.35 ? 198 HOH A O   1 
HETATM 1403 O  O   . HOH E 4 .   ? 7.185   -4.480  -16.022 1.00 40.73 ? 199 HOH A O   1 
HETATM 1404 O  O   . HOH E 4 .   ? 7.292   -20.012 -5.149  1.00 29.93 ? 200 HOH A O   1 
HETATM 1405 O  O   . HOH E 4 .   ? 10.700  3.101   -9.717  1.00 44.86 ? 201 HOH A O   1 
HETATM 1406 O  O   . HOH E 4 .   ? 9.330   -18.834 -3.676  1.00 42.10 ? 202 HOH A O   1 
HETATM 1407 O  O   . HOH E 4 .   ? -6.807  19.847  -7.187  1.00 44.64 ? 203 HOH A O   1 
HETATM 1408 O  O   . HOH E 4 .   ? 5.205   -8.139  -14.815 1.00 48.09 ? 205 HOH A O   1 
HETATM 1409 O  O   . HOH E 4 .   ? -11.190 -16.880 3.272   1.00 49.35 ? 206 HOH A O   1 
HETATM 1410 O  O   . HOH E 4 .   ? -0.596  -2.405  -18.746 1.00 58.81 ? 207 HOH A O   1 
HETATM 1411 O  O   . HOH E 4 .   ? 4.053   1.539   -14.151 1.00 43.47 ? 208 HOH A O   1 
HETATM 1412 O  O   . HOH E 4 .   ? 20.510  3.434   -2.935  1.00 61.69 ? 209 HOH A O   1 
HETATM 1413 O  O   . HOH E 4 .   ? 10.896  -15.000 -3.360  1.00 34.42 ? 210 HOH A O   1 
HETATM 1414 O  O   . HOH E 4 .   ? 16.175  10.537  -1.713  1.00 54.03 ? 211 HOH A O   1 
HETATM 1415 O  O   . HOH E 4 .   ? 23.595  -8.252  -7.071  1.00 48.81 ? 212 HOH A O   1 
HETATM 1416 O  O   . HOH F 4 .   ? -24.802 11.221  3.166   0.33 48.89 ? 71  HOH B O   1 
HETATM 1417 O  O   . HOH F 4 .   ? -4.351  -0.870  -4.271  1.00 22.39 ? 72  HOH B O   1 
HETATM 1418 O  O   . HOH F 4 .   ? 2.093   0.148   5.884   1.00 25.08 ? 73  HOH B O   1 
HETATM 1419 O  O   . HOH F 4 .   ? 5.749   0.374   5.026   1.00 25.27 ? 74  HOH B O   1 
HETATM 1420 O  O   . HOH F 4 .   ? -0.018  -4.947  2.526   1.00 19.65 ? 75  HOH B O   1 
HETATM 1421 O  O   . HOH F 4 .   ? -20.877 13.367  -6.626  1.00 54.25 ? 76  HOH B O   1 
HETATM 1422 O  O   . HOH F 4 .   ? -15.590 13.823  10.240  1.00 38.88 ? 77  HOH B O   1 
HETATM 1423 O  O   . HOH F 4 .   ? -15.515 3.589   -2.910  1.00 36.92 ? 78  HOH B O   1 
HETATM 1424 O  O   . HOH F 4 .   ? 1.893   -9.831  3.983   1.00 31.16 ? 79  HOH B O   1 
HETATM 1425 O  O   . HOH F 4 .   ? -2.953  9.451   9.617   1.00 35.64 ? 80  HOH B O   1 
HETATM 1426 O  O   . HOH F 4 .   ? 5.389   -9.332  10.781  1.00 41.04 ? 81  HOH B O   1 
HETATM 1427 O  O   . HOH F 4 .   ? -7.052  11.696  16.578  1.00 43.75 ? 82  HOH B O   1 
HETATM 1428 O  O   . HOH F 4 .   ? -4.224  -6.787  4.622   1.00 37.24 ? 83  HOH B O   1 
HETATM 1429 O  O   . HOH F 4 .   ? 7.572   -13.647 5.490   1.00 33.70 ? 84  HOH B O   1 
HETATM 1430 O  O   . HOH F 4 .   ? -15.677 5.481   9.730   1.00 44.37 ? 85  HOH B O   1 
HETATM 1431 O  O   . HOH F 4 .   ? -2.165  -6.661  8.487   1.00 47.13 ? 86  HOH B O   1 
HETATM 1432 O  O   . HOH F 4 .   ? -3.518  1.223   -1.185  1.00 34.32 ? 87  HOH B O   1 
HETATM 1433 O  O   . HOH F 4 .   ? 8.789   -7.011  7.412   1.00 44.92 ? 88  HOH B O   1 
HETATM 1434 O  O   . HOH F 4 .   ? -23.541 -2.385  14.482  1.00 56.39 ? 89  HOH B O   1 
HETATM 1435 O  O   . HOH F 4 .   ? 7.454   -2.030  3.370   1.00 40.30 ? 90  HOH B O   1 
HETATM 1436 O  O   . HOH F 4 .   ? -17.883 15.187  9.289   1.00 46.93 ? 91  HOH B O   1 
HETATM 1437 O  O   . HOH F 4 .   ? -3.833  8.670   -1.590  1.00 39.96 ? 92  HOH B O   1 
HETATM 1438 O  O   . HOH F 4 .   ? -0.535  -8.674  8.267   1.00 38.35 ? 93  HOH B O   1 
HETATM 1439 O  O   . HOH F 4 .   ? 1.189   10.553  11.658  1.00 53.25 ? 94  HOH B O   1 
HETATM 1440 O  O   . HOH F 4 .   ? -15.172 -1.318  6.111   1.00 47.89 ? 95  HOH B O   1 
HETATM 1441 O  O   . HOH F 4 .   ? -10.808 -4.482  5.914   1.00 53.49 ? 96  HOH B O   1 
HETATM 1442 O  O   . HOH F 4 .   ? 3.870   10.759  7.729   1.00 46.38 ? 97  HOH B O   1 
HETATM 1443 O  O   . HOH F 4 .   ? -22.469 -0.801  7.173   1.00 60.75 ? 98  HOH B O   1 
HETATM 1444 O  O   . HOH F 4 .   ? -5.797  5.586   -4.739  1.00 36.17 ? 99  HOH B O   1 
HETATM 1445 O  O   . HOH F 4 .   ? -14.359 -4.137  -2.675  1.00 40.04 ? 100 HOH B O   1 
HETATM 1446 O  O   . HOH F 4 .   ? 1.710   3.509   13.882  1.00 42.53 ? 101 HOH B O   1 
HETATM 1447 O  O   . HOH F 4 .   ? 10.771  1.948   5.255   1.00 51.68 ? 102 HOH B O   1 
HETATM 1448 O  O   . HOH F 4 .   ? 9.828   7.274   4.041   1.00 46.23 ? 105 HOH B O   1 
HETATM 1449 O  O   . HOH F 4 .   ? -0.046  12.248  10.148  1.00 56.42 ? 109 HOH B O   1 
HETATM 1450 O  O   . HOH F 4 .   ? 4.246   4.494   12.147  1.00 39.99 ? 116 HOH B O   1 
HETATM 1451 O  O   . HOH F 4 .   ? -9.533  -11.053 -6.175  1.00 36.98 ? 117 HOH B O   1 
HETATM 1452 O  O   . HOH F 4 .   ? 1.758   14.258  6.524   1.00 49.91 ? 118 HOH B O   1 
HETATM 1453 O  O   . HOH F 4 .   ? -22.895 -0.141  4.227   1.00 59.42 ? 119 HOH B O   1 
HETATM 1454 O  O   . HOH F 4 .   ? -20.385 10.788  0.616   1.00 61.76 ? 121 HOH B O   1 
HETATM 1455 O  O   . HOH F 4 .   ? -13.854 2.028   -5.353  1.00 49.60 ? 124 HOH B O   1 
HETATM 1456 O  O   . HOH F 4 .   ? -6.056  -1.157  12.302  1.00 47.41 ? 129 HOH B O   1 
HETATM 1457 O  O   . HOH F 4 .   ? 9.640   -1.239  1.928   1.00 33.12 ? 131 HOH B O   1 
HETATM 1458 O  O   . HOH F 4 .   ? -10.895 10.987  -2.826  1.00 35.84 ? 135 HOH B O   1 
HETATM 1459 O  O   . HOH F 4 .   ? -3.334  6.774   -4.544  1.00 60.62 ? 136 HOH B O   1 
HETATM 1460 O  O   . HOH F 4 .   ? -18.976 15.075  6.307   1.00 71.27 ? 137 HOH B O   1 
HETATM 1461 O  O   . HOH F 4 .   ? 0.940   1.560   15.452  1.00 44.51 ? 139 HOH B O   1 
HETATM 1462 O  O   . HOH F 4 .   ? 1.975   -11.169 7.115   1.00 49.15 ? 140 HOH B O   1 
HETATM 1463 O  O   . HOH F 4 .   ? -6.243  15.895  12.373  1.00 59.52 ? 141 HOH B O   1 
HETATM 1464 O  O   . HOH F 4 .   ? -5.013  3.346   -5.577  1.00 51.67 ? 146 HOH B O   1 
HETATM 1465 O  O   . HOH F 4 .   ? 7.379   -5.020  10.122  1.00 43.59 ? 150 HOH B O   1 
HETATM 1466 O  O   . HOH F 4 .   ? -3.555  0.386   16.943  1.00 59.73 ? 155 HOH B O   1 
HETATM 1467 O  O   . HOH F 4 .   ? 4.307   7.889   13.375  1.00 55.07 ? 159 HOH B O   1 
HETATM 1468 O  O   . HOH F 4 .   ? -10.188 17.282  9.541   1.00 48.25 ? 160 HOH B O   1 
HETATM 1469 O  O   . HOH F 4 .   ? -6.628  1.950   -6.900  1.00 38.04 ? 184 HOH B O   1 
HETATM 1470 O  O   . HOH F 4 .   ? -3.217  2.087   -4.087  1.00 40.98 ? 204 HOH B O   1 
# 
